data_5DBJ
#
_entry.id   5DBJ
#
_cell.length_a   242.934
_cell.length_b   94.981
_cell.length_c   102.145
_cell.angle_alpha   90.00
_cell.angle_beta   91.21
_cell.angle_gamma   90.00
#
_symmetry.space_group_name_H-M   'C 1 2 1'
#
loop_
_entity.id
_entity.type
_entity.pdbx_description
1 polymer 'FADH2-dependent halogenase PltA'
2 non-polymer 'FLAVIN-ADENINE DINUCLEOTIDE'
3 non-polymer 'CHLORIDE ION'
4 water water
#
_entity_poly.entity_id   1
_entity_poly.type   'polypeptide(L)'
_entity_poly.pdbx_seq_one_letter_code
;GPHMSDHDYDVVIIGGGPAGSTMASYLAKAGVKCAVFEKELFEREHVGESLVPATTPVLLEIGVMEKIEKANFPKKFGAA
WTSADSGPEDKMGFQGLDHDFRSAEILFNERKQEGVDRDFTFHVDRGKFDRILLEHAGSLGAKVFQGVEIADVEFLSPGN
VIVNAKLGKRSVEIKAKMVVDASGRNVLLGRRLGLREKDPVFNQFAIHSWFDNFDRKSATQSPDKVDYIFIHFLPMTNTW
VWQIPITETITSVGVVTQKQNYTNSDLTYEEFFWEAVKTRENLHDALKASEQVRPFKKEADYSYGMKEVCGDSFVLIGDA
ARFVDPIFSSGVSVALNSARIASGDIIEAVKNNDFSKSSFTHYEGMIRNGIKNWYEFITLYYRLNILFTAFVQDPRYRLD
ILQLLQGDVYSGKRLEVLDKMREIIAAVESDPEHLWHKYLGDMQVPTAKPAFEND
;
_entity_poly.pdbx_strand_id   E,A,B,C,D
#
loop_
_chem_comp.id
_chem_comp.type
_chem_comp.name
_chem_comp.formula
CL non-polymer 'CHLORIDE ION' 'Cl -1'
FAD non-polymer 'FLAVIN-ADENINE DINUCLEOTIDE' 'C27 H33 N9 O15 P2'
#
# COMPACT_ATOMS: atom_id res chain seq x y z
N SER A 5 7.96 63.84 -19.39
CA SER A 5 7.04 64.41 -18.34
C SER A 5 7.80 65.17 -17.25
N ASP A 6 8.72 66.03 -17.69
CA ASP A 6 9.71 66.74 -16.85
C ASP A 6 10.21 65.94 -15.63
N HIS A 7 10.71 64.74 -15.93
CA HIS A 7 11.56 63.99 -15.03
C HIS A 7 12.82 63.70 -15.83
N ASP A 8 13.97 63.89 -15.21
CA ASP A 8 15.24 63.57 -15.85
C ASP A 8 15.37 62.06 -16.06
N TYR A 9 14.88 61.28 -15.10
CA TYR A 9 14.96 59.82 -15.13
C TYR A 9 13.73 59.23 -14.43
N ASP A 10 13.33 58.03 -14.83
CA ASP A 10 12.30 57.28 -14.10
C ASP A 10 12.82 56.97 -12.71
N VAL A 11 14.01 56.36 -12.67
CA VAL A 11 14.66 55.93 -11.44
C VAL A 11 16.02 56.60 -11.32
N VAL A 12 16.40 56.96 -10.10
CA VAL A 12 17.76 57.44 -9.82
C VAL A 12 18.38 56.51 -8.77
N ILE A 13 19.41 55.78 -9.17
CA ILE A 13 20.14 54.91 -8.25
C ILE A 13 21.21 55.74 -7.51
N ILE A 14 21.20 55.63 -6.19
CA ILE A 14 22.18 56.24 -5.28
C ILE A 14 23.24 55.18 -4.98
N GLY A 15 24.46 55.38 -5.48
CA GLY A 15 25.59 54.43 -5.26
C GLY A 15 25.78 53.44 -6.40
N GLY A 16 27.05 53.19 -6.77
CA GLY A 16 27.40 52.37 -7.95
C GLY A 16 28.11 51.06 -7.65
N GLY A 17 27.79 50.47 -6.51
CA GLY A 17 28.34 49.17 -6.09
C GLY A 17 27.60 48.03 -6.76
N PRO A 18 27.73 46.81 -6.22
CA PRO A 18 27.00 45.66 -6.76
C PRO A 18 25.48 45.84 -6.75
N ALA A 19 24.95 46.36 -5.64
CA ALA A 19 23.51 46.58 -5.50
C ALA A 19 22.99 47.62 -6.49
N GLY A 20 23.77 48.68 -6.67
CA GLY A 20 23.40 49.76 -7.58
C GLY A 20 23.58 49.41 -9.05
N SER A 21 24.75 48.87 -9.39
CA SER A 21 25.06 48.46 -10.75
C SER A 21 24.03 47.49 -11.30
N THR A 22 23.64 46.54 -10.46
CA THR A 22 22.71 45.49 -10.84
C THR A 22 21.32 46.02 -11.11
N MET A 23 20.81 46.81 -10.17
CA MET A 23 19.52 47.47 -10.30
C MET A 23 19.47 48.23 -11.63
N ALA A 24 20.49 49.03 -11.88
CA ALA A 24 20.65 49.76 -13.14
C ALA A 24 20.65 48.86 -14.39
N SER A 25 21.30 47.70 -14.30
CA SER A 25 21.29 46.73 -15.39
C SER A 25 19.90 46.13 -15.62
N TYR A 26 19.19 45.79 -14.53
CA TYR A 26 17.81 45.27 -14.62
C TYR A 26 16.80 46.27 -15.17
N LEU A 27 17.03 47.55 -14.93
CA LEU A 27 16.12 48.61 -15.36
C LEU A 27 16.36 48.98 -16.83
N ALA A 28 17.61 49.28 -17.17
CA ALA A 28 18.01 49.59 -18.55
C ALA A 28 17.74 48.44 -19.52
N LYS A 29 17.92 47.21 -19.05
CA LYS A 29 17.59 46.00 -19.83
C LYS A 29 16.08 45.90 -20.09
N ALA A 30 15.28 46.35 -19.14
CA ALA A 30 13.81 46.37 -19.26
C ALA A 30 13.25 47.71 -19.78
N GLY A 31 14.09 48.51 -20.44
CA GLY A 31 13.66 49.76 -21.08
C GLY A 31 13.48 50.99 -20.18
N VAL A 32 13.57 50.82 -18.87
CA VAL A 32 13.37 51.92 -17.92
C VAL A 32 14.57 52.85 -18.00
N LYS A 33 14.29 54.14 -18.08
CA LYS A 33 15.32 55.17 -18.10
C LYS A 33 15.75 55.49 -16.67
N CYS A 34 16.92 54.97 -16.29
CA CYS A 34 17.47 55.21 -14.95
C CYS A 34 18.82 55.94 -15.02
N ALA A 35 19.36 56.25 -13.85
CA ALA A 35 20.72 56.79 -13.72
C ALA A 35 21.37 56.32 -12.42
N VAL A 36 22.66 56.01 -12.48
CA VAL A 36 23.45 55.68 -11.28
C VAL A 36 24.36 56.84 -10.96
N PHE A 37 24.37 57.22 -9.68
CA PHE A 37 25.32 58.18 -9.16
C PHE A 37 26.27 57.46 -8.21
N GLU A 38 27.54 57.39 -8.60
CA GLU A 38 28.61 56.90 -7.73
C GLU A 38 29.47 58.09 -7.30
N LYS A 39 29.69 58.23 -5.99
CA LYS A 39 30.45 59.37 -5.46
C LYS A 39 31.97 59.21 -5.66
N GLU A 40 32.44 57.96 -5.69
CA GLU A 40 33.85 57.69 -5.90
C GLU A 40 34.22 57.54 -7.37
N LEU A 41 35.50 57.77 -7.66
CA LEU A 41 36.09 57.41 -8.93
C LEU A 41 36.54 55.96 -8.84
N PHE A 42 36.02 55.13 -9.72
CA PHE A 42 36.42 53.73 -9.83
C PHE A 42 37.72 53.66 -10.65
N GLU A 43 38.53 52.61 -10.50
CA GLU A 43 38.41 51.58 -9.46
C GLU A 43 38.75 52.08 -8.07
N ARG A 44 38.01 51.54 -7.10
CA ARG A 44 38.09 51.93 -5.71
C ARG A 44 38.11 50.65 -4.86
N GLU A 45 39.02 50.61 -3.89
CA GLU A 45 39.18 49.48 -2.98
C GLU A 45 37.94 49.28 -2.13
N HIS A 46 37.51 48.03 -1.98
CA HIS A 46 36.33 47.70 -1.19
C HIS A 46 36.49 46.31 -0.60
N VAL A 47 36.25 46.17 0.70
CA VAL A 47 36.19 44.86 1.33
C VAL A 47 34.92 44.15 0.87
N GLY A 48 34.98 42.83 0.81
CA GLY A 48 33.81 42.01 0.53
C GLY A 48 33.99 41.19 -0.72
N GLU A 49 34.93 40.26 -0.66
CA GLU A 49 35.53 39.66 -1.84
C GLU A 49 34.95 38.33 -2.30
N SER A 50 34.68 37.44 -1.35
CA SER A 50 34.31 36.06 -1.71
C SER A 50 32.83 35.95 -2.05
N LEU A 51 32.52 35.75 -3.33
CA LEU A 51 31.12 35.60 -3.76
C LEU A 51 30.56 34.26 -3.33
N VAL A 52 29.25 34.17 -3.41
CA VAL A 52 28.50 32.98 -3.08
C VAL A 52 27.61 32.72 -4.31
N PRO A 53 27.40 31.43 -4.67
CA PRO A 53 26.79 31.06 -5.95
C PRO A 53 25.41 31.63 -6.29
N ALA A 54 24.67 32.12 -5.30
CA ALA A 54 23.41 32.85 -5.56
C ALA A 54 23.61 34.16 -6.32
N THR A 55 24.86 34.59 -6.49
CA THR A 55 25.18 35.70 -7.39
C THR A 55 25.04 35.36 -8.87
N THR A 56 25.33 34.11 -9.25
CA THR A 56 25.50 33.78 -10.67
C THR A 56 24.21 33.84 -11.50
N PRO A 57 23.05 33.39 -10.94
CA PRO A 57 21.82 33.55 -11.70
C PRO A 57 21.56 35.01 -12.07
N VAL A 58 21.84 35.92 -11.14
CA VAL A 58 21.72 37.35 -11.37
C VAL A 58 22.74 37.84 -12.38
N LEU A 59 24.02 37.55 -12.11
CA LEU A 59 25.10 37.90 -13.06
C LEU A 59 24.79 37.42 -14.48
N LEU A 60 24.21 36.22 -14.59
CA LEU A 60 23.74 35.68 -15.86
C LEU A 60 22.53 36.42 -16.41
N GLU A 61 21.53 36.63 -15.56
CA GLU A 61 20.29 37.30 -15.94
C GLU A 61 20.52 38.72 -16.48
N ILE A 62 21.50 39.44 -15.92
CA ILE A 62 21.82 40.80 -16.38
C ILE A 62 22.77 40.87 -17.59
N GLY A 63 23.42 39.75 -17.92
CA GLY A 63 24.24 39.63 -19.13
C GLY A 63 25.72 39.96 -18.97
N VAL A 64 26.21 39.93 -17.73
CA VAL A 64 27.58 40.37 -17.40
C VAL A 64 28.57 39.23 -17.11
N MET A 65 28.07 37.99 -17.04
CA MET A 65 28.92 36.85 -16.65
C MET A 65 30.23 36.68 -17.43
N GLU A 66 30.18 36.83 -18.75
CA GLU A 66 31.39 36.63 -19.57
C GLU A 66 32.43 37.75 -19.40
N LYS A 67 31.95 38.98 -19.22
CA LYS A 67 32.83 40.10 -18.83
C LYS A 67 33.52 39.85 -17.48
N ILE A 68 32.79 39.23 -16.55
CA ILE A 68 33.32 38.81 -15.25
C ILE A 68 34.31 37.66 -15.38
N GLU A 69 34.02 36.72 -16.26
CA GLU A 69 34.91 35.61 -16.54
C GLU A 69 36.22 36.05 -17.17
N LYS A 70 36.16 37.08 -18.02
CA LYS A 70 37.37 37.66 -18.62
C LYS A 70 38.28 38.37 -17.61
N ALA A 71 37.73 38.73 -16.45
CA ALA A 71 38.53 39.30 -15.35
C ALA A 71 39.45 38.29 -14.66
N ASN A 72 39.19 37.00 -14.86
CA ASN A 72 40.02 35.90 -14.35
C ASN A 72 40.14 35.93 -12.84
N PHE A 73 38.98 35.94 -12.19
CA PHE A 73 38.90 35.90 -10.73
C PHE A 73 39.14 34.47 -10.27
N PRO A 74 39.80 34.30 -9.11
CA PRO A 74 39.97 32.93 -8.63
C PRO A 74 38.62 32.26 -8.37
N LYS A 75 38.48 31.04 -8.88
CA LYS A 75 37.24 30.28 -8.77
C LYS A 75 37.06 29.73 -7.37
N LYS A 76 35.81 29.79 -6.90
CA LYS A 76 35.41 29.31 -5.58
C LYS A 76 34.51 28.10 -5.76
N PHE A 77 35.12 26.93 -5.78
CA PHE A 77 34.38 25.67 -5.84
C PHE A 77 33.78 25.27 -4.50
N GLY A 78 34.26 25.85 -3.41
CA GLY A 78 33.72 25.52 -2.10
C GLY A 78 34.29 26.31 -0.94
N ALA A 79 33.97 25.85 0.26
CA ALA A 79 34.22 26.57 1.50
C ALA A 79 34.66 25.62 2.60
N ALA A 80 35.63 26.06 3.39
CA ALA A 80 36.20 25.26 4.47
C ALA A 80 36.16 26.01 5.81
N TRP A 81 36.23 25.23 6.88
CA TRP A 81 36.40 25.73 8.24
C TRP A 81 37.47 24.87 8.89
N THR A 82 38.40 25.52 9.60
CA THR A 82 39.44 24.83 10.35
C THR A 82 39.46 25.38 11.77
N SER A 83 39.91 24.57 12.72
CA SER A 83 40.16 25.02 14.09
C SER A 83 41.31 24.22 14.67
N ALA A 84 42.22 24.91 15.34
CA ALA A 84 43.33 24.28 16.05
C ALA A 84 42.80 23.40 17.18
N ASP A 85 41.71 23.84 17.80
CA ASP A 85 41.04 23.04 18.83
C ASP A 85 40.05 22.10 18.17
N SER A 86 40.46 20.84 18.01
CA SER A 86 39.52 19.75 17.79
C SER A 86 38.62 19.70 19.03
N GLY A 87 37.36 19.39 18.82
CA GLY A 87 36.32 19.67 19.80
C GLY A 87 36.23 18.61 20.90
N PRO A 88 35.02 18.34 21.41
CA PRO A 88 34.88 17.23 22.35
C PRO A 88 35.02 15.89 21.64
N GLU A 89 35.47 14.88 22.39
CA GLU A 89 35.71 13.55 21.84
C GLU A 89 34.40 12.77 21.61
N ASP A 90 33.32 13.16 22.31
CA ASP A 90 32.02 12.48 22.23
C ASP A 90 31.33 12.63 20.86
N LYS A 91 31.28 13.85 20.34
CA LYS A 91 30.63 14.18 19.06
C LYS A 91 29.09 14.01 19.05
N MET A 92 28.49 13.87 20.23
CA MET A 92 27.03 13.70 20.43
C MET A 92 26.26 12.92 19.34
N GLY A 93 26.85 11.83 18.88
CA GLY A 93 26.24 10.98 17.85
C GLY A 93 26.11 11.60 16.47
N PHE A 94 26.91 12.61 16.17
CA PHE A 94 26.88 13.25 14.84
C PHE A 94 27.59 12.36 13.82
N GLN A 95 26.83 12.03 12.78
CA GLN A 95 27.05 10.87 11.91
C GLN A 95 28.43 10.80 11.24
N GLY A 96 28.97 11.97 10.88
CA GLY A 96 30.26 12.05 10.20
C GLY A 96 31.04 13.29 10.61
N LEU A 97 32.19 13.06 11.27
CA LEU A 97 33.21 14.09 11.48
C LEU A 97 34.59 13.46 11.23
N ASP A 98 35.12 13.70 10.03
CA ASP A 98 36.40 13.10 9.63
C ASP A 98 37.66 13.60 10.40
N HIS A 99 37.53 14.71 11.13
CA HIS A 99 38.64 15.25 11.95
C HIS A 99 38.29 15.80 13.36
N ASP A 100 37.08 15.53 13.86
CA ASP A 100 36.64 15.95 15.21
C ASP A 100 36.61 17.47 15.43
N PHE A 101 35.74 18.17 14.69
CA PHE A 101 35.60 19.65 14.73
C PHE A 101 36.85 20.43 14.31
N ARG A 102 37.89 19.72 13.86
CA ARG A 102 39.18 20.29 13.54
C ARG A 102 39.11 20.88 12.14
N SER A 103 38.55 20.10 11.21
CA SER A 103 38.36 20.50 9.83
C SER A 103 37.00 20.09 9.26
N ALA A 104 36.45 20.97 8.42
CA ALA A 104 35.19 20.73 7.71
C ALA A 104 35.21 21.42 6.35
N GLU A 105 34.63 20.77 5.36
CA GLU A 105 34.62 21.23 3.98
C GLU A 105 33.28 21.01 3.36
N ILE A 106 32.98 21.77 2.33
CA ILE A 106 31.78 21.57 1.53
C ILE A 106 31.95 22.14 0.14
N LEU A 107 31.53 21.37 -0.85
CA LEU A 107 31.56 21.76 -2.26
C LEU A 107 30.19 22.35 -2.60
N PHE A 108 30.18 23.49 -3.28
CA PHE A 108 28.93 24.14 -3.71
C PHE A 108 28.11 23.28 -4.69
N ASN A 109 28.76 22.45 -5.50
CA ASN A 109 28.06 21.53 -6.42
C ASN A 109 27.24 20.41 -5.77
N GLU A 110 27.49 20.12 -4.49
CA GLU A 110 26.77 19.09 -3.72
C GLU A 110 25.25 19.27 -3.61
N ARG A 111 24.76 20.49 -3.82
CA ARG A 111 23.33 20.76 -3.91
C ARG A 111 23.04 21.49 -5.22
N LYS A 112 21.97 21.10 -5.90
CA LYS A 112 21.52 21.78 -7.10
C LYS A 112 20.79 23.05 -6.69
N GLN A 113 21.13 24.14 -7.35
CA GLN A 113 20.65 25.47 -7.03
C GLN A 113 20.08 26.07 -8.31
N GLU A 114 18.79 26.45 -8.29
CA GLU A 114 18.12 26.93 -9.50
C GLU A 114 18.74 28.26 -9.94
N GLY A 115 19.12 28.31 -11.22
CA GLY A 115 19.90 29.42 -11.77
C GLY A 115 21.38 29.11 -11.93
N VAL A 116 21.95 28.37 -10.96
CA VAL A 116 23.37 28.00 -11.01
C VAL A 116 23.56 26.96 -12.12
N ASP A 117 24.54 27.21 -12.98
CA ASP A 117 24.89 26.30 -14.08
C ASP A 117 26.37 25.92 -13.98
N ARG A 118 26.85 25.86 -12.73
CA ARG A 118 28.26 25.92 -12.41
C ARG A 118 28.56 25.14 -11.15
N ASP A 119 29.79 24.64 -11.06
CA ASP A 119 30.34 24.08 -9.81
C ASP A 119 30.97 25.17 -8.94
N PHE A 120 31.27 26.33 -9.54
CA PHE A 120 32.01 27.40 -8.89
C PHE A 120 31.34 28.78 -9.04
N THR A 121 31.58 29.63 -8.05
CA THR A 121 31.43 31.08 -8.17
C THR A 121 32.85 31.68 -8.06
N PHE A 122 32.97 32.98 -7.80
CA PHE A 122 34.28 33.66 -7.79
C PHE A 122 34.66 34.30 -6.46
N HIS A 123 35.97 34.46 -6.25
CA HIS A 123 36.51 35.39 -5.27
C HIS A 123 36.98 36.59 -6.07
N VAL A 124 36.59 37.80 -5.70
CA VAL A 124 36.89 38.97 -6.56
C VAL A 124 37.73 40.06 -5.90
N ASP A 125 38.58 40.70 -6.70
CA ASP A 125 39.05 42.03 -6.42
C ASP A 125 37.83 42.91 -6.58
N ARG A 126 37.35 43.47 -5.48
CA ARG A 126 36.09 44.24 -5.48
C ARG A 126 36.18 45.57 -6.21
N GLY A 127 37.41 46.09 -6.36
CA GLY A 127 37.66 47.24 -7.23
C GLY A 127 37.34 46.92 -8.67
N LYS A 128 38.00 45.89 -9.21
CA LYS A 128 37.75 45.39 -10.58
C LYS A 128 36.29 45.00 -10.78
N PHE A 129 35.81 44.14 -9.88
CA PHE A 129 34.44 43.60 -9.93
C PHE A 129 33.38 44.69 -10.14
N ASP A 130 33.39 45.70 -9.29
CA ASP A 130 32.38 46.76 -9.32
C ASP A 130 32.45 47.67 -10.56
N ARG A 131 33.65 47.89 -11.08
CA ARG A 131 33.81 48.64 -12.32
C ARG A 131 33.16 47.92 -13.50
N ILE A 132 33.52 46.65 -13.66
CA ILE A 132 32.96 45.80 -14.71
C ILE A 132 31.42 45.76 -14.68
N LEU A 133 30.85 45.73 -13.47
CA LEU A 133 29.38 45.71 -13.32
C LEU A 133 28.73 47.04 -13.66
N LEU A 134 29.38 48.14 -13.31
CA LEU A 134 28.84 49.49 -13.56
C LEU A 134 29.04 49.88 -15.01
N GLU A 135 30.21 49.54 -15.56
CA GLU A 135 30.45 49.61 -17.01
C GLU A 135 29.37 48.88 -17.77
N HIS A 136 29.12 47.64 -17.34
CA HIS A 136 28.09 46.81 -17.95
C HIS A 136 26.73 47.49 -17.92
N ALA A 137 26.32 47.93 -16.74
CA ALA A 137 25.06 48.68 -16.57
C ALA A 137 25.02 49.87 -17.53
N GLY A 138 26.16 50.56 -17.64
CA GLY A 138 26.35 51.60 -18.63
C GLY A 138 26.04 51.14 -20.04
N SER A 139 26.71 50.06 -20.46
CA SER A 139 26.55 49.52 -21.82
C SER A 139 25.13 49.06 -22.17
N LEU A 140 24.34 48.70 -21.16
CA LEU A 140 22.92 48.34 -21.36
C LEU A 140 21.99 49.55 -21.56
N GLY A 141 22.53 50.75 -21.40
CA GLY A 141 21.80 51.98 -21.64
C GLY A 141 21.71 52.90 -20.44
N ALA A 142 22.00 52.40 -19.24
CA ALA A 142 21.92 53.20 -18.01
C ALA A 142 22.92 54.33 -18.05
N LYS A 143 22.50 55.51 -17.61
CA LYS A 143 23.37 56.67 -17.50
C LYS A 143 24.11 56.57 -16.17
N VAL A 144 25.44 56.74 -16.19
CA VAL A 144 26.27 56.55 -15.00
C VAL A 144 27.10 57.80 -14.74
N PHE A 145 27.02 58.32 -13.51
CA PHE A 145 27.85 59.44 -13.06
C PHE A 145 28.84 58.98 -11.98
N GLN A 146 30.11 59.33 -12.15
CA GLN A 146 31.15 59.08 -11.15
C GLN A 146 31.77 60.41 -10.72
N GLY A 147 32.12 60.49 -9.43
CA GLY A 147 32.58 61.72 -8.82
C GLY A 147 31.46 62.67 -8.42
N VAL A 148 30.22 62.18 -8.47
CA VAL A 148 29.02 62.98 -8.22
C VAL A 148 28.30 62.33 -7.03
N GLU A 149 28.35 62.99 -5.89
CA GLU A 149 27.74 62.50 -4.66
C GLU A 149 26.31 63.01 -4.50
N ILE A 150 25.43 62.13 -4.05
CA ILE A 150 24.05 62.48 -3.71
C ILE A 150 23.95 62.94 -2.26
N ALA A 151 23.69 64.23 -2.07
CA ALA A 151 23.57 64.84 -0.75
C ALA A 151 22.28 64.49 -0.02
N ASP A 152 21.16 64.57 -0.73
CA ASP A 152 19.84 64.30 -0.13
C ASP A 152 18.76 64.15 -1.21
N VAL A 153 17.66 63.51 -0.82
CA VAL A 153 16.51 63.29 -1.69
C VAL A 153 15.28 64.01 -1.15
N GLU A 154 14.73 64.94 -1.95
CA GLU A 154 13.47 65.62 -1.64
C GLU A 154 12.27 64.75 -2.05
N PHE A 155 11.44 64.40 -1.07
CA PHE A 155 10.24 63.59 -1.30
C PHE A 155 9.00 64.47 -1.42
N LEU A 156 8.67 64.85 -2.65
CA LEU A 156 7.60 65.81 -2.94
C LEU A 156 6.22 65.15 -2.93
N SER A 157 6.11 64.06 -3.68
CA SER A 157 4.85 63.36 -3.88
C SER A 157 5.12 61.91 -4.31
N PRO A 158 4.14 61.00 -4.07
CA PRO A 158 4.25 59.67 -4.67
C PRO A 158 4.41 59.74 -6.20
N GLY A 159 5.53 59.21 -6.67
CA GLY A 159 5.91 59.27 -8.08
C GLY A 159 6.59 60.56 -8.49
N ASN A 160 7.11 61.31 -7.52
CA ASN A 160 7.70 62.63 -7.78
C ASN A 160 8.75 63.00 -6.72
N VAL A 161 10.01 62.98 -7.12
CA VAL A 161 11.15 63.16 -6.23
C VAL A 161 12.20 64.05 -6.89
N ILE A 162 12.93 64.80 -6.06
CA ILE A 162 14.11 65.56 -6.50
C ILE A 162 15.30 65.03 -5.70
N VAL A 163 16.45 64.97 -6.38
CA VAL A 163 17.69 64.46 -5.79
C VAL A 163 18.73 65.57 -5.81
N ASN A 164 19.31 65.85 -4.64
CA ASN A 164 20.41 66.82 -4.52
C ASN A 164 21.75 66.13 -4.79
N ALA A 165 22.22 66.26 -6.01
CA ALA A 165 23.55 65.77 -6.41
C ALA A 165 24.54 66.93 -6.35
N LYS A 166 25.69 66.69 -5.70
CA LYS A 166 26.74 67.71 -5.54
C LYS A 166 28.00 67.34 -6.32
N LEU A 167 28.74 68.36 -6.75
CA LEU A 167 30.03 68.22 -7.42
C LEU A 167 31.05 69.04 -6.62
N GLY A 168 31.66 68.39 -5.63
CA GLY A 168 32.50 69.06 -4.65
C GLY A 168 31.62 69.87 -3.70
N LYS A 169 31.56 71.18 -3.92
CA LYS A 169 30.65 72.07 -3.20
C LYS A 169 29.89 72.89 -4.25
N ARG A 170 29.08 72.17 -5.02
CA ARG A 170 28.31 72.76 -6.12
C ARG A 170 27.13 71.86 -6.48
N SER A 171 25.94 72.28 -6.09
CA SER A 171 24.72 71.46 -6.16
C SER A 171 24.12 71.35 -7.56
N VAL A 172 23.41 70.25 -7.80
CA VAL A 172 22.63 70.01 -9.02
C VAL A 172 21.35 69.25 -8.66
N GLU A 173 20.24 69.71 -9.25
CA GLU A 173 18.91 69.17 -8.97
C GLU A 173 18.51 68.20 -10.09
N ILE A 174 18.11 66.99 -9.71
CA ILE A 174 17.76 65.92 -10.64
C ILE A 174 16.37 65.39 -10.31
N LYS A 175 15.41 65.68 -11.19
CA LYS A 175 14.03 65.22 -11.00
C LYS A 175 13.90 63.75 -11.35
N ALA A 176 13.09 63.04 -10.57
CA ALA A 176 12.89 61.60 -10.75
C ALA A 176 11.57 61.15 -10.17
N LYS A 177 11.02 60.07 -10.73
CA LYS A 177 9.82 59.45 -10.20
C LYS A 177 10.10 58.65 -8.92
N MET A 178 11.35 58.25 -8.74
CA MET A 178 11.81 57.63 -7.49
C MET A 178 13.33 57.54 -7.43
N VAL A 179 13.82 57.22 -6.24
CA VAL A 179 15.24 56.91 -6.01
C VAL A 179 15.40 55.48 -5.52
N VAL A 180 16.56 54.91 -5.79
CA VAL A 180 16.98 53.64 -5.22
C VAL A 180 18.21 53.93 -4.36
N ASP A 181 18.09 53.63 -3.07
CA ASP A 181 19.23 53.73 -2.17
C ASP A 181 20.03 52.44 -2.32
N ALA A 182 21.10 52.52 -3.10
CA ALA A 182 22.07 51.45 -3.25
C ALA A 182 23.40 51.88 -2.64
N SER A 183 23.30 52.67 -1.57
CA SER A 183 24.44 53.13 -0.82
C SER A 183 25.01 51.96 -0.02
N GLY A 184 26.14 52.16 0.62
CA GLY A 184 26.82 51.06 1.29
C GLY A 184 26.40 50.97 2.74
N ARG A 185 27.40 50.78 3.60
CA ARG A 185 27.28 51.03 5.03
C ARG A 185 27.14 52.52 5.32
N ASN A 186 27.44 53.35 4.31
CA ASN A 186 27.12 54.79 4.31
C ASN A 186 25.68 55.05 4.74
N VAL A 187 24.74 54.46 3.99
CA VAL A 187 23.31 54.50 4.29
C VAL A 187 22.78 55.94 4.24
N LEU A 188 22.41 56.40 3.05
CA LEU A 188 21.96 57.77 2.86
C LEU A 188 20.54 57.92 3.39
N LEU A 189 19.62 57.15 2.83
CA LEU A 189 18.21 57.26 3.18
C LEU A 189 17.89 56.72 4.57
N GLY A 190 18.66 55.75 5.05
CA GLY A 190 18.51 55.27 6.42
C GLY A 190 18.86 56.30 7.49
N ARG A 191 19.90 57.10 7.22
CA ARG A 191 20.27 58.21 8.11
C ARG A 191 19.35 59.43 7.96
N ARG A 192 19.11 59.86 6.72
CA ARG A 192 18.26 61.04 6.44
C ARG A 192 16.83 60.87 6.97
N LEU A 193 16.20 59.75 6.62
CA LEU A 193 14.84 59.42 7.06
C LEU A 193 14.76 58.74 8.44
N GLY A 194 15.90 58.43 9.04
CA GLY A 194 15.95 57.87 10.40
C GLY A 194 15.45 56.44 10.50
N LEU A 195 15.74 55.65 9.47
CA LEU A 195 15.36 54.23 9.42
C LEU A 195 16.41 53.30 10.09
N ARG A 196 17.68 53.74 10.09
CA ARG A 196 18.81 52.98 10.66
C ARG A 196 18.54 52.52 12.10
N GLU A 197 18.66 51.20 12.31
CA GLU A 197 18.54 50.59 13.64
C GLU A 197 19.75 49.71 13.93
N LYS A 198 20.69 50.25 14.67
CA LYS A 198 21.90 49.52 15.08
C LYS A 198 21.51 48.22 15.80
N ASP A 199 22.21 47.14 15.47
CA ASP A 199 21.90 45.82 15.99
C ASP A 199 22.26 45.71 17.49
N PRO A 200 21.35 45.16 18.31
CA PRO A 200 21.62 45.06 19.75
C PRO A 200 22.57 43.91 20.14
N VAL A 201 22.39 42.74 19.55
CA VAL A 201 23.21 41.56 19.90
C VAL A 201 24.60 41.62 19.23
N PHE A 202 24.63 41.91 17.93
CA PHE A 202 25.88 41.94 17.16
C PHE A 202 26.69 43.20 17.38
N ASN A 203 27.86 43.01 18.00
CA ASN A 203 28.91 44.01 18.03
C ASN A 203 30.20 43.32 17.59
N GLN A 204 30.24 43.02 16.29
CA GLN A 204 31.42 42.44 15.64
C GLN A 204 32.20 43.51 14.88
N PHE A 205 33.42 43.14 14.52
CA PHE A 205 34.44 44.08 14.10
C PHE A 205 35.48 43.30 13.29
N ALA A 206 36.03 43.93 12.24
CA ALA A 206 36.95 43.25 11.32
C ALA A 206 38.19 44.06 11.00
N ILE A 207 39.32 43.37 10.86
CA ILE A 207 40.59 43.97 10.45
C ILE A 207 41.19 43.08 9.37
N HIS A 208 41.59 43.67 8.25
CA HIS A 208 42.04 42.91 7.08
C HIS A 208 42.99 43.66 6.18
N SER A 209 43.76 42.90 5.42
CA SER A 209 44.44 43.43 4.23
C SER A 209 44.76 42.30 3.25
N TRP A 210 45.57 42.64 2.25
CA TRP A 210 45.99 41.69 1.23
C TRP A 210 47.38 41.16 1.53
N PHE A 211 47.67 39.97 1.03
CA PHE A 211 48.91 39.26 1.31
C PHE A 211 49.36 38.48 0.07
N ASP A 212 50.44 38.95 -0.55
CA ASP A 212 50.96 38.41 -1.80
C ASP A 212 51.93 37.26 -1.56
N ASN A 213 51.91 36.28 -2.46
CA ASN A 213 52.62 34.99 -2.29
C ASN A 213 52.26 34.27 -0.98
N PHE A 214 51.02 34.41 -0.56
CA PHE A 214 50.55 33.76 0.66
C PHE A 214 50.25 32.30 0.33
N ASP A 215 51.08 31.41 0.88
CA ASP A 215 50.97 29.99 0.61
C ASP A 215 49.64 29.43 1.12
N ARG A 216 48.71 29.23 0.19
CA ARG A 216 47.37 28.76 0.52
C ARG A 216 47.33 27.30 0.99
N LYS A 217 48.42 26.56 0.79
CA LYS A 217 48.61 25.23 1.41
C LYS A 217 48.84 25.26 2.92
N SER A 218 49.06 26.44 3.50
CA SER A 218 49.00 26.60 4.95
C SER A 218 47.66 26.14 5.55
N ALA A 219 46.58 26.24 4.76
CA ALA A 219 45.24 25.84 5.17
C ALA A 219 44.85 24.38 4.89
N THR A 220 45.45 23.76 3.88
CA THR A 220 45.12 22.36 3.52
C THR A 220 46.20 21.67 2.70
N GLN A 221 46.24 20.35 2.82
CA GLN A 221 47.20 19.51 2.09
C GLN A 221 46.90 19.49 0.59
N SER A 222 45.64 19.24 0.24
CA SER A 222 45.25 18.91 -1.15
C SER A 222 45.18 20.14 -2.08
N PRO A 223 45.75 20.03 -3.30
CA PRO A 223 45.74 21.15 -4.24
C PRO A 223 44.39 21.45 -4.91
N ASP A 224 43.44 20.51 -4.80
CA ASP A 224 42.05 20.74 -5.20
C ASP A 224 41.31 21.75 -4.32
N LYS A 225 41.70 21.82 -3.04
CA LYS A 225 41.02 22.68 -2.05
C LYS A 225 41.74 24.01 -1.76
N VAL A 226 42.72 24.36 -2.59
CA VAL A 226 43.64 25.45 -2.31
C VAL A 226 42.99 26.84 -2.42
N ASP A 227 42.00 26.96 -3.31
CA ASP A 227 41.28 28.22 -3.58
C ASP A 227 39.85 28.25 -3.03
N TYR A 228 39.52 27.37 -2.09
CA TYR A 228 38.28 27.51 -1.32
C TYR A 228 38.39 28.75 -0.43
N ILE A 229 37.25 29.27 0.03
CA ILE A 229 37.28 30.17 1.18
C ILE A 229 37.59 29.32 2.40
N PHE A 230 38.51 29.80 3.23
CA PHE A 230 38.83 29.17 4.49
C PHE A 230 38.46 30.11 5.62
N ILE A 231 37.66 29.61 6.55
CA ILE A 231 37.30 30.33 7.76
C ILE A 231 38.02 29.63 8.92
N HIS A 232 39.09 30.27 9.39
CA HIS A 232 39.88 29.74 10.48
C HIS A 232 39.32 30.23 11.81
N PHE A 233 38.70 29.34 12.57
CA PHE A 233 38.30 29.61 13.95
C PHE A 233 39.53 29.93 14.79
N LEU A 234 39.41 30.91 15.68
CA LEU A 234 40.45 31.23 16.66
C LEU A 234 39.92 30.98 18.07
N PRO A 235 40.80 30.66 19.05
CA PRO A 235 40.37 30.36 20.44
C PRO A 235 39.68 31.51 21.16
N MET A 236 39.97 32.74 20.76
CA MET A 236 39.30 33.93 21.30
C MET A 236 37.80 33.87 21.05
N THR A 237 37.02 34.51 21.94
CA THR A 237 35.55 34.49 21.85
C THR A 237 35.05 35.13 20.55
N ASN A 238 34.14 34.45 19.87
CA ASN A 238 33.53 34.91 18.61
C ASN A 238 34.54 35.43 17.58
N THR A 239 35.68 34.74 17.48
CA THR A 239 36.77 35.17 16.61
C THR A 239 37.07 34.16 15.52
N TRP A 240 37.29 34.67 14.31
CA TRP A 240 37.68 33.86 13.17
C TRP A 240 38.39 34.73 12.13
N VAL A 241 39.19 34.08 11.29
CA VAL A 241 39.93 34.74 10.22
C VAL A 241 39.40 34.25 8.88
N TRP A 242 39.26 35.15 7.91
CA TRP A 242 38.97 34.72 6.53
C TRP A 242 40.26 34.61 5.74
N GLN A 243 40.26 33.69 4.77
CA GLN A 243 41.34 33.55 3.78
C GLN A 243 40.64 33.43 2.43
N ILE A 244 40.79 34.46 1.60
CA ILE A 244 40.09 34.57 0.32
C ILE A 244 41.10 34.86 -0.78
N PRO A 245 41.18 33.99 -1.81
CA PRO A 245 41.99 34.28 -3.00
C PRO A 245 41.53 35.52 -3.76
N ILE A 246 42.45 36.37 -4.19
CA ILE A 246 42.13 37.56 -4.98
C ILE A 246 42.71 37.46 -6.40
N THR A 247 43.95 36.98 -6.48
CA THR A 247 44.57 36.59 -7.73
C THR A 247 45.22 35.23 -7.48
N GLU A 248 46.02 34.76 -8.44
CA GLU A 248 46.81 33.54 -8.29
C GLU A 248 47.75 33.58 -7.09
N THR A 249 48.31 34.77 -6.82
CA THR A 249 49.29 34.98 -5.74
C THR A 249 48.72 35.74 -4.51
N ILE A 250 47.88 36.74 -4.77
CA ILE A 250 47.35 37.63 -3.72
C ILE A 250 46.21 36.91 -3.01
N THR A 251 46.25 36.91 -1.68
CA THR A 251 45.16 36.43 -0.85
C THR A 251 44.70 37.58 0.05
N SER A 252 43.40 37.66 0.29
CA SER A 252 42.82 38.62 1.22
C SER A 252 42.61 37.90 2.53
N VAL A 253 43.14 38.47 3.62
CA VAL A 253 43.06 37.86 4.93
C VAL A 253 42.58 38.90 5.94
N GLY A 254 41.52 38.56 6.66
CA GLY A 254 40.94 39.44 7.67
C GLY A 254 40.55 38.69 8.92
N VAL A 255 40.89 39.25 10.09
CA VAL A 255 40.36 38.73 11.36
C VAL A 255 39.04 39.44 11.63
N VAL A 256 38.08 38.69 12.16
CA VAL A 256 36.80 39.22 12.61
C VAL A 256 36.66 38.80 14.06
N THR A 257 36.19 39.71 14.91
CA THR A 257 36.00 39.42 16.34
C THR A 257 35.04 40.42 17.00
N GLN A 258 34.69 40.13 18.25
CA GLN A 258 34.03 41.11 19.13
C GLN A 258 34.96 42.29 19.33
N LYS A 259 34.41 43.50 19.25
CA LYS A 259 35.19 44.71 19.53
C LYS A 259 35.73 44.69 20.97
N GLN A 260 34.94 44.15 21.88
CA GLN A 260 35.32 43.94 23.30
C GLN A 260 36.68 43.24 23.45
N ASN A 261 36.95 42.25 22.59
CA ASN A 261 38.26 41.61 22.53
C ASN A 261 39.37 42.53 22.03
N TYR A 262 39.08 43.31 20.99
CA TYR A 262 40.04 44.30 20.50
C TYR A 262 40.29 45.43 21.52
N THR A 263 39.23 46.09 21.97
CA THR A 263 39.38 47.27 22.85
C THR A 263 40.07 46.95 24.18
N ASN A 264 39.84 45.74 24.71
CA ASN A 264 40.59 45.24 25.88
C ASN A 264 42.02 44.81 25.56
N SER A 265 42.32 44.56 24.28
CA SER A 265 43.67 44.20 23.81
C SER A 265 44.73 45.22 24.16
N ASP A 266 44.37 46.50 24.14
CA ASP A 266 45.29 47.63 24.41
C ASP A 266 46.30 47.81 23.26
N LEU A 267 45.95 47.31 22.07
CA LEU A 267 46.83 47.27 20.91
C LEU A 267 46.27 48.08 19.75
N THR A 268 47.15 48.45 18.83
CA THR A 268 46.73 49.01 17.54
C THR A 268 46.13 47.89 16.67
N TYR A 269 45.44 48.28 15.60
CA TYR A 269 44.74 47.33 14.72
C TYR A 269 45.71 46.33 14.10
N GLU A 270 46.84 46.84 13.61
CA GLU A 270 47.93 46.03 13.06
C GLU A 270 48.40 44.96 14.05
N GLU A 271 48.60 45.35 15.31
CA GLU A 271 49.17 44.47 16.33
C GLU A 271 48.17 43.40 16.76
N PHE A 272 46.89 43.78 16.88
CA PHE A 272 45.83 42.83 17.20
C PHE A 272 45.70 41.74 16.14
N PHE A 273 45.83 42.13 14.87
CA PHE A 273 45.80 41.18 13.75
C PHE A 273 46.80 40.06 13.97
N TRP A 274 48.07 40.44 14.15
CA TRP A 274 49.15 39.47 14.34
C TRP A 274 48.98 38.66 15.61
N GLU A 275 48.50 39.31 16.68
CA GLU A 275 48.32 38.64 17.98
C GLU A 275 47.23 37.58 17.95
N ALA A 276 46.07 37.91 17.38
CA ALA A 276 44.99 36.94 17.19
C ALA A 276 45.41 35.83 16.21
N VAL A 277 46.06 36.24 15.12
CA VAL A 277 46.59 35.30 14.11
C VAL A 277 47.67 34.35 14.66
N LYS A 278 48.49 34.82 15.60
CA LYS A 278 49.55 34.00 16.22
C LYS A 278 49.03 32.83 17.06
N THR A 279 47.75 32.84 17.42
CA THR A 279 47.10 31.71 18.12
C THR A 279 46.94 30.48 17.22
N ARG A 280 47.20 30.62 15.92
CA ARG A 280 47.26 29.50 14.98
C ARG A 280 48.53 29.56 14.12
N GLU A 281 49.54 28.78 14.51
CA GLU A 281 50.91 28.91 14.02
C GLU A 281 51.09 28.80 12.50
N ASN A 282 50.36 27.89 11.86
CA ASN A 282 50.46 27.73 10.40
C ASN A 282 50.03 28.98 9.65
N LEU A 283 48.89 29.54 10.05
CA LEU A 283 48.36 30.77 9.47
C LEU A 283 49.35 31.93 9.63
N HIS A 284 49.78 32.16 10.87
CA HIS A 284 50.71 33.23 11.21
C HIS A 284 52.00 33.22 10.40
N ASP A 285 52.66 32.06 10.35
CA ASP A 285 53.91 31.89 9.63
C ASP A 285 53.77 32.04 8.11
N ALA A 286 52.65 31.57 7.57
CA ALA A 286 52.34 31.78 6.14
C ALA A 286 52.11 33.26 5.81
N LEU A 287 51.45 33.97 6.73
CA LEU A 287 51.21 35.41 6.59
C LEU A 287 52.48 36.23 6.77
N LYS A 288 53.27 35.87 7.77
CA LYS A 288 54.56 36.52 8.05
C LYS A 288 55.52 36.35 6.87
N ALA A 289 55.50 35.16 6.28
CA ALA A 289 56.28 34.86 5.07
C ALA A 289 55.79 35.61 3.82
N SER A 290 54.50 35.91 3.78
CA SER A 290 53.89 36.64 2.66
C SER A 290 54.09 38.14 2.79
N GLU A 291 53.81 38.83 1.68
CA GLU A 291 54.03 40.27 1.55
C GLU A 291 52.74 41.10 1.65
N GLN A 292 52.63 41.94 2.67
CA GLN A 292 51.56 42.93 2.75
C GLN A 292 51.65 43.86 1.54
N VAL A 293 50.63 43.80 0.67
CA VAL A 293 50.53 44.73 -0.47
C VAL A 293 49.61 45.91 -0.18
N ARG A 294 49.00 45.92 1.00
CA ARG A 294 48.09 46.98 1.41
C ARG A 294 48.14 47.15 2.92
N PRO A 295 47.94 48.39 3.42
CA PRO A 295 47.86 48.58 4.85
C PRO A 295 46.55 48.02 5.39
N PHE A 296 46.55 47.69 6.68
CA PHE A 296 45.38 47.09 7.33
C PHE A 296 44.24 48.07 7.41
N LYS A 297 43.04 47.59 7.10
CA LYS A 297 41.82 48.37 7.18
C LYS A 297 40.99 47.85 8.34
N LYS A 298 40.36 48.77 9.07
CA LYS A 298 39.32 48.44 10.04
C LYS A 298 37.97 48.47 9.32
N GLU A 299 37.09 47.56 9.71
CA GLU A 299 35.67 47.62 9.35
C GLU A 299 34.89 47.37 10.63
N ALA A 300 34.08 48.36 11.03
CA ALA A 300 33.32 48.31 12.29
C ALA A 300 31.92 48.84 12.07
N ASP A 301 31.11 48.72 13.13
CA ASP A 301 29.78 49.35 13.21
C ASP A 301 28.85 48.99 12.03
N TYR A 302 29.01 47.76 11.55
CA TYR A 302 28.35 47.29 10.30
C TYR A 302 27.08 46.45 10.53
N SER A 303 26.82 46.05 11.78
CA SER A 303 25.60 45.32 12.14
C SER A 303 24.47 46.30 12.42
N TYR A 304 23.57 46.46 11.46
CA TYR A 304 22.43 47.37 11.59
C TYR A 304 21.21 46.86 10.82
N GLY A 305 20.04 47.03 11.43
CA GLY A 305 18.75 46.80 10.79
C GLY A 305 18.22 48.05 10.12
N MET A 306 16.93 48.03 9.80
CA MET A 306 16.28 49.13 9.08
C MET A 306 14.76 49.08 9.30
N LYS A 307 14.22 50.12 9.92
CA LYS A 307 12.79 50.21 10.24
C LYS A 307 11.88 49.94 9.05
N GLU A 308 12.21 50.59 7.94
CA GLU A 308 11.48 50.44 6.69
C GLU A 308 12.48 50.33 5.54
N VAL A 309 12.35 49.25 4.75
CA VAL A 309 13.20 49.04 3.57
C VAL A 309 12.54 49.49 2.27
N CYS A 310 11.35 50.10 2.38
CA CYS A 310 10.64 50.66 1.25
C CYS A 310 9.70 51.78 1.69
N GLY A 311 9.24 52.55 0.72
CA GLY A 311 8.38 53.71 0.98
C GLY A 311 7.80 54.32 -0.27
N ASP A 312 7.10 55.44 -0.09
CA ASP A 312 6.59 56.25 -1.19
C ASP A 312 7.78 56.81 -1.97
N SER A 313 7.91 56.36 -3.23
CA SER A 313 8.97 56.78 -4.14
C SER A 313 10.40 56.47 -3.67
N PHE A 314 10.55 55.40 -2.88
CA PHE A 314 11.87 54.94 -2.49
C PHE A 314 11.90 53.47 -2.12
N VAL A 315 13.05 52.88 -2.34
CA VAL A 315 13.33 51.52 -1.95
C VAL A 315 14.82 51.42 -1.62
N LEU A 316 15.15 50.71 -0.55
CA LEU A 316 16.54 50.49 -0.12
C LEU A 316 16.98 49.08 -0.55
N ILE A 317 18.20 48.97 -1.06
CA ILE A 317 18.77 47.68 -1.49
C ILE A 317 20.21 47.46 -1.03
N GLY A 318 20.58 46.19 -0.89
CA GLY A 318 21.94 45.81 -0.52
C GLY A 318 22.28 46.23 0.89
N ASP A 319 23.42 46.88 1.04
CA ASP A 319 23.89 47.33 2.36
C ASP A 319 23.15 48.57 2.87
N ALA A 320 22.63 49.39 1.97
CA ALA A 320 21.73 50.47 2.35
C ALA A 320 20.48 50.01 3.12
N ALA A 321 20.08 48.75 2.90
CA ALA A 321 18.93 48.15 3.59
C ALA A 321 19.27 47.34 4.85
N ARG A 322 20.45 46.73 4.87
CA ARG A 322 20.83 45.80 5.93
C ARG A 322 22.29 45.38 5.80
N PHE A 323 22.93 45.14 6.94
CA PHE A 323 24.06 44.22 6.98
C PHE A 323 24.20 43.60 8.37
N VAL A 324 24.59 42.33 8.39
CA VAL A 324 24.71 41.54 9.62
C VAL A 324 26.18 41.37 10.01
N ASP A 325 26.88 40.48 9.29
CA ASP A 325 28.24 40.03 9.64
C ASP A 325 28.78 39.17 8.50
N PRO A 326 30.09 39.24 8.20
CA PRO A 326 30.54 38.63 6.94
C PRO A 326 30.93 37.14 6.91
N ILE A 327 30.49 36.35 7.90
CA ILE A 327 30.95 34.94 8.01
C ILE A 327 30.77 34.20 6.69
N PHE A 328 29.53 34.17 6.24
CA PHE A 328 29.12 33.32 5.11
C PHE A 328 29.23 34.00 3.75
N SER A 329 29.88 35.16 3.72
CA SER A 329 30.36 35.78 2.48
C SER A 329 29.20 36.00 1.52
N SER A 330 28.10 36.50 2.08
CA SER A 330 26.79 36.50 1.44
C SER A 330 26.20 37.89 1.16
N GLY A 331 26.96 38.94 1.46
CA GLY A 331 26.45 40.31 1.41
C GLY A 331 26.30 40.83 -0.01
N VAL A 332 27.26 40.51 -0.86
CA VAL A 332 27.22 40.85 -2.28
C VAL A 332 26.08 40.11 -2.97
N SER A 333 25.80 38.88 -2.52
CA SER A 333 24.68 38.10 -3.04
C SER A 333 23.37 38.83 -2.77
N VAL A 334 23.20 39.28 -1.53
CA VAL A 334 22.05 40.09 -1.13
C VAL A 334 21.95 41.39 -1.93
N ALA A 335 23.09 42.03 -2.18
CA ALA A 335 23.15 43.21 -3.04
C ALA A 335 22.51 42.95 -4.40
N LEU A 336 22.90 41.84 -5.04
CA LEU A 336 22.42 41.50 -6.38
C LEU A 336 20.97 41.01 -6.38
N ASN A 337 20.61 40.19 -5.39
CA ASN A 337 19.26 39.64 -5.27
C ASN A 337 18.21 40.65 -4.77
N SER A 338 18.60 41.54 -3.87
CA SER A 338 17.75 42.67 -3.50
C SER A 338 17.59 43.64 -4.69
N ALA A 339 18.65 43.77 -5.51
CA ALA A 339 18.58 44.53 -6.76
C ALA A 339 17.71 43.83 -7.82
N ARG A 340 17.75 42.51 -7.87
CA ARG A 340 16.91 41.74 -8.80
C ARG A 340 15.42 41.85 -8.47
N ILE A 341 15.09 41.58 -7.21
CA ILE A 341 13.69 41.50 -6.77
C ILE A 341 13.03 42.88 -6.77
N ALA A 342 13.72 43.87 -6.22
CA ALA A 342 13.21 45.25 -6.20
C ALA A 342 13.04 45.85 -7.60
N SER A 343 13.85 45.39 -8.56
CA SER A 343 13.72 45.81 -9.97
C SER A 343 12.42 45.27 -10.60
N GLY A 344 12.10 44.02 -10.31
CA GLY A 344 10.85 43.40 -10.73
C GLY A 344 9.63 44.24 -10.35
N ASP A 345 9.63 44.73 -9.10
CA ASP A 345 8.61 45.67 -8.62
C ASP A 345 8.70 47.06 -9.26
N ILE A 346 9.92 47.57 -9.45
CA ILE A 346 10.13 48.89 -10.07
C ILE A 346 9.72 48.93 -11.55
N ILE A 347 10.08 47.90 -12.30
CA ILE A 347 9.75 47.78 -13.73
C ILE A 347 8.23 47.89 -13.95
N GLU A 348 7.47 47.28 -13.04
CA GLU A 348 6.01 47.38 -13.07
C GLU A 348 5.53 48.75 -12.56
N ALA A 349 6.21 49.30 -11.55
CA ALA A 349 5.87 50.62 -10.99
C ALA A 349 5.87 51.76 -12.02
N VAL A 350 6.87 51.78 -12.91
CA VAL A 350 6.91 52.76 -14.01
C VAL A 350 5.88 52.47 -15.10
N LYS A 351 5.59 51.19 -15.31
CA LYS A 351 4.54 50.76 -16.25
C LYS A 351 3.19 51.25 -15.75
N ASN A 352 2.89 50.96 -14.49
CA ASN A 352 1.65 51.42 -13.84
C ASN A 352 1.64 52.88 -13.41
N ASN A 353 2.82 53.51 -13.34
CA ASN A 353 2.97 54.91 -12.91
C ASN A 353 2.49 55.09 -11.46
N ASP A 354 2.93 54.15 -10.61
CA ASP A 354 2.43 53.99 -9.25
C ASP A 354 3.60 53.63 -8.35
N PHE A 355 4.19 54.65 -7.74
CA PHE A 355 5.42 54.51 -6.93
C PHE A 355 5.19 54.63 -5.42
N SER A 356 4.00 54.25 -4.95
CA SER A 356 3.71 54.21 -3.52
C SER A 356 4.15 52.86 -2.94
N LYS A 357 4.38 52.83 -1.64
CA LYS A 357 4.79 51.61 -0.90
C LYS A 357 4.20 50.29 -1.42
N SER A 358 2.89 50.30 -1.70
CA SER A 358 2.15 49.13 -2.19
C SER A 358 2.76 48.44 -3.42
N SER A 359 3.31 49.24 -4.33
CA SER A 359 3.97 48.71 -5.54
C SER A 359 5.29 47.98 -5.25
N PHE A 360 5.93 48.29 -4.13
CA PHE A 360 7.15 47.61 -3.67
C PHE A 360 6.94 46.61 -2.53
N THR A 361 5.69 46.22 -2.27
CA THR A 361 5.38 45.33 -1.15
C THR A 361 5.96 43.92 -1.32
N HIS A 362 6.03 43.45 -2.56
CA HIS A 362 6.57 42.13 -2.89
C HIS A 362 8.06 42.04 -2.57
N TYR A 363 8.80 43.11 -2.87
CA TYR A 363 10.21 43.20 -2.48
C TYR A 363 10.36 43.21 -0.95
N GLU A 364 9.57 44.03 -0.25
CA GLU A 364 9.63 44.12 1.22
C GLU A 364 9.51 42.74 1.89
N GLY A 365 8.52 41.97 1.49
CA GLY A 365 8.29 40.64 2.04
C GLY A 365 9.41 39.67 1.71
N MET A 366 9.86 39.69 0.45
CA MET A 366 10.92 38.80 -0.03
C MET A 366 12.26 39.05 0.67
N ILE A 367 12.64 40.33 0.78
CA ILE A 367 13.91 40.67 1.42
C ILE A 367 13.89 40.40 2.93
N ARG A 368 12.84 40.85 3.62
CA ARG A 368 12.74 40.68 5.08
C ARG A 368 12.87 39.22 5.50
N ASN A 369 12.28 38.32 4.72
CA ASN A 369 12.39 36.88 4.96
C ASN A 369 13.78 36.38 4.60
N GLY A 370 14.35 36.92 3.52
CA GLY A 370 15.74 36.66 3.11
C GLY A 370 16.80 37.18 4.07
N ILE A 371 16.50 38.28 4.74
CA ILE A 371 17.33 38.77 5.83
C ILE A 371 17.14 37.89 7.06
N LYS A 372 15.90 37.49 7.35
CA LYS A 372 15.59 36.70 8.55
C LYS A 372 16.43 35.42 8.65
N ASN A 373 16.40 34.62 7.59
CA ASN A 373 17.18 33.36 7.52
C ASN A 373 18.68 33.65 7.56
N TRP A 374 19.12 34.56 6.71
CA TRP A 374 20.50 35.06 6.71
C TRP A 374 20.94 35.50 8.11
N TYR A 375 20.06 36.24 8.78
CA TYR A 375 20.33 36.76 10.13
C TYR A 375 20.40 35.63 11.16
N GLU A 376 19.36 34.80 11.22
CA GLU A 376 19.29 33.64 12.12
C GLU A 376 20.49 32.69 11.95
N PHE A 377 20.83 32.41 10.70
CA PHE A 377 21.93 31.50 10.38
C PHE A 377 23.28 32.03 10.88
N ILE A 378 23.48 33.35 10.80
CA ILE A 378 24.68 34.00 11.35
C ILE A 378 24.71 33.93 12.88
N THR A 379 23.57 34.12 13.54
CA THR A 379 23.51 34.05 15.01
C THR A 379 23.89 32.67 15.55
N LEU A 380 23.31 31.64 14.94
CA LEU A 380 23.54 30.24 15.36
C LEU A 380 24.96 29.73 15.10
N TYR A 381 25.66 30.31 14.12
CA TYR A 381 27.08 30.03 13.91
C TYR A 381 27.89 30.51 15.12
N TYR A 382 27.69 31.76 15.49
CA TYR A 382 28.39 32.35 16.64
C TYR A 382 28.02 31.66 17.95
N ARG A 383 26.79 31.16 18.04
CA ARG A 383 26.33 30.39 19.20
C ARG A 383 27.01 29.02 19.25
N LEU A 384 27.06 28.34 18.11
CA LEU A 384 27.74 27.04 18.00
C LEU A 384 29.26 27.12 18.11
N ASN A 385 29.85 28.21 17.60
CA ASN A 385 31.29 28.35 17.38
C ASN A 385 31.86 27.16 16.54
N ILE A 386 32.81 26.39 17.07
CA ILE A 386 33.42 25.27 16.33
C ILE A 386 32.45 24.10 16.11
N LEU A 387 31.41 24.04 16.94
CA LEU A 387 30.38 23.00 16.84
C LEU A 387 29.52 23.13 15.58
N PHE A 388 29.59 24.29 14.92
CA PHE A 388 29.04 24.52 13.58
C PHE A 388 29.47 23.47 12.56
N THR A 389 30.72 23.04 12.64
CA THR A 389 31.29 22.04 11.73
C THR A 389 30.61 20.66 11.80
N ALA A 390 30.01 20.35 12.94
CA ALA A 390 29.23 19.13 13.11
C ALA A 390 28.00 19.12 12.22
N PHE A 391 27.40 20.28 12.02
CA PHE A 391 26.23 20.42 11.14
C PHE A 391 26.64 20.42 9.68
N VAL A 392 27.72 21.13 9.36
CA VAL A 392 28.30 21.14 8.01
C VAL A 392 28.57 19.71 7.52
N GLN A 393 29.23 18.92 8.37
CA GLN A 393 29.69 17.57 8.00
C GLN A 393 28.62 16.47 8.03
N ASP A 394 27.58 16.63 8.85
CA ASP A 394 26.56 15.58 9.01
C ASP A 394 25.55 15.57 7.86
N PRO A 395 25.37 14.41 7.18
CA PRO A 395 24.38 14.25 6.09
C PRO A 395 22.97 14.75 6.39
N ARG A 396 22.51 14.54 7.63
CA ARG A 396 21.16 14.97 8.05
C ARG A 396 20.92 16.50 7.92
N TYR A 397 21.98 17.28 8.06
CA TYR A 397 21.90 18.76 7.96
C TYR A 397 22.75 19.39 6.83
N ARG A 398 23.64 18.61 6.23
CA ARG A 398 24.69 19.13 5.32
C ARG A 398 24.17 19.98 4.17
N LEU A 399 23.26 19.44 3.38
CA LEU A 399 22.76 20.13 2.20
C LEU A 399 21.70 21.19 2.53
N ASP A 400 21.02 21.02 3.66
CA ASP A 400 20.17 22.07 4.24
C ASP A 400 21.00 23.27 4.72
N ILE A 401 22.19 23.00 5.25
CA ILE A 401 23.17 24.02 5.59
C ILE A 401 23.78 24.63 4.34
N LEU A 402 24.07 23.78 3.36
CA LEU A 402 24.62 24.24 2.08
C LEU A 402 23.67 25.19 1.36
N GLN A 403 22.37 24.90 1.43
CA GLN A 403 21.33 25.79 0.90
C GLN A 403 21.55 27.25 1.32
N LEU A 404 21.80 27.45 2.61
CA LEU A 404 22.07 28.78 3.17
C LEU A 404 23.40 29.34 2.69
N LEU A 405 24.46 28.52 2.77
CA LEU A 405 25.80 28.93 2.34
C LEU A 405 25.85 29.28 0.85
N GLN A 406 25.00 28.60 0.08
CA GLN A 406 24.78 28.92 -1.34
C GLN A 406 24.04 30.23 -1.60
N GLY A 407 23.34 30.76 -0.59
CA GLY A 407 22.54 31.98 -0.71
C GLY A 407 21.11 31.80 -1.16
N ASP A 408 20.61 30.54 -1.16
CA ASP A 408 19.18 30.26 -1.41
C ASP A 408 18.38 30.55 -0.15
N VAL A 409 18.16 31.84 0.07
CA VAL A 409 17.59 32.35 1.30
C VAL A 409 16.17 32.94 1.08
N TYR A 410 15.73 32.97 -0.19
CA TYR A 410 14.47 33.58 -0.59
C TYR A 410 13.54 32.51 -1.15
N SER A 411 12.44 32.26 -0.43
CA SER A 411 11.47 31.22 -0.78
C SER A 411 10.26 31.15 0.16
N GLY A 412 10.48 31.47 1.45
CA GLY A 412 9.40 31.48 2.42
C GLY A 412 9.21 30.15 3.13
N LYS A 413 9.82 29.07 2.61
CA LYS A 413 9.98 27.83 3.39
C LYS A 413 10.70 28.21 4.67
N ARG A 414 10.41 27.47 5.74
CA ARG A 414 10.99 27.75 7.05
C ARG A 414 12.51 27.54 7.05
N LEU A 415 12.93 26.37 6.59
CA LEU A 415 14.32 25.87 6.67
C LEU A 415 14.45 25.20 8.02
N GLU A 416 13.96 23.96 8.09
CA GLU A 416 13.91 23.17 9.32
C GLU A 416 15.26 23.11 10.06
N VAL A 417 16.36 23.07 9.30
CA VAL A 417 17.73 23.19 9.86
C VAL A 417 17.84 24.17 11.02
N LEU A 418 17.39 25.39 10.77
CA LEU A 418 17.59 26.50 11.70
C LEU A 418 16.89 26.30 13.06
N ASP A 419 15.82 25.49 13.07
CA ASP A 419 15.18 25.00 14.32
C ASP A 419 15.95 23.83 14.94
N LYS A 420 16.39 22.89 14.10
CA LYS A 420 17.20 21.75 14.55
C LYS A 420 18.53 22.20 15.14
N MET A 421 19.10 23.25 14.55
CA MET A 421 20.24 23.97 15.12
C MET A 421 19.83 24.51 16.49
N ARG A 422 18.73 25.27 16.52
CA ARG A 422 18.18 25.88 17.76
C ARG A 422 17.90 24.89 18.89
N GLU A 423 17.44 23.68 18.53
CA GLU A 423 17.12 22.65 19.53
C GLU A 423 18.38 22.13 20.21
N ILE A 424 19.36 21.73 19.40
CA ILE A 424 20.64 21.24 19.91
C ILE A 424 21.42 22.35 20.64
N ILE A 425 21.21 23.61 20.24
CA ILE A 425 21.69 24.76 21.03
C ILE A 425 21.05 24.67 22.42
N ALA A 426 19.72 24.74 22.44
CA ALA A 426 18.91 24.74 23.67
C ALA A 426 19.13 23.53 24.58
N ALA A 427 19.45 22.38 23.99
CA ALA A 427 19.79 21.17 24.74
C ALA A 427 21.09 21.33 25.52
N VAL A 428 22.08 21.98 24.89
CA VAL A 428 23.37 22.25 25.53
C VAL A 428 23.28 23.46 26.46
N GLU A 429 22.65 24.54 26.00
CA GLU A 429 22.35 25.73 26.82
C GLU A 429 21.84 25.35 28.20
N SER A 430 20.78 24.54 28.18
CA SER A 430 20.10 24.12 29.41
C SER A 430 21.08 23.47 30.37
N ASP A 431 21.86 22.52 29.87
CA ASP A 431 22.74 21.68 30.69
C ASP A 431 24.22 22.13 30.65
N PRO A 432 24.74 22.73 31.76
CA PRO A 432 26.17 23.09 31.78
C PRO A 432 27.14 21.94 32.02
N GLU A 433 26.62 20.79 32.42
CA GLU A 433 27.38 19.55 32.40
C GLU A 433 27.76 19.17 30.97
N HIS A 434 26.81 19.35 30.05
CA HIS A 434 26.92 18.91 28.65
C HIS A 434 28.33 19.16 28.10
N LEU A 435 28.84 18.17 27.37
CA LEU A 435 30.26 18.09 27.03
C LEU A 435 30.65 19.19 26.04
N TRP A 436 29.77 19.37 25.05
CA TRP A 436 29.77 20.52 24.11
C TRP A 436 29.66 21.94 24.70
N HIS A 437 29.47 22.10 26.01
CA HIS A 437 29.07 23.40 26.59
C HIS A 437 30.12 24.52 26.51
N LYS A 438 31.35 24.25 26.95
CA LYS A 438 32.42 25.27 26.95
C LYS A 438 32.90 25.70 25.56
N TYR A 439 32.48 24.98 24.52
CA TYR A 439 32.77 25.34 23.12
C TYR A 439 31.74 26.29 22.49
N LEU A 440 30.66 26.62 23.20
CA LEU A 440 29.63 27.57 22.72
C LEU A 440 30.08 29.03 22.80
N GLY A 441 29.31 29.91 22.18
CA GLY A 441 29.55 31.35 22.20
C GLY A 441 28.26 32.13 22.38
N SER B 5 -30.63 9.77 -24.97
CA SER B 5 -31.22 9.27 -26.25
C SER B 5 -30.43 9.72 -27.48
N ASP B 6 -29.90 10.94 -27.47
CA ASP B 6 -28.86 11.33 -28.42
C ASP B 6 -27.51 11.30 -27.74
N HIS B 7 -27.33 10.32 -26.86
CA HIS B 7 -26.08 10.11 -26.20
C HIS B 7 -25.38 9.07 -27.04
N ASP B 8 -24.22 9.44 -27.55
CA ASP B 8 -23.42 8.54 -28.39
C ASP B 8 -23.07 7.26 -27.65
N TYR B 9 -22.74 7.40 -26.36
CA TYR B 9 -22.38 6.26 -25.51
C TYR B 9 -22.93 6.48 -24.11
N ASP B 10 -23.30 5.41 -23.41
CA ASP B 10 -23.63 5.50 -21.97
C ASP B 10 -22.42 6.02 -21.21
N VAL B 11 -21.29 5.36 -21.43
CA VAL B 11 -20.05 5.63 -20.71
C VAL B 11 -18.93 5.84 -21.72
N VAL B 12 -18.15 6.91 -21.53
CA VAL B 12 -16.98 7.20 -22.35
C VAL B 12 -15.76 7.08 -21.45
N ILE B 13 -14.84 6.18 -21.79
CA ILE B 13 -13.65 5.92 -20.98
C ILE B 13 -12.49 6.71 -21.56
N ILE B 14 -12.00 7.71 -20.82
CA ILE B 14 -10.86 8.50 -21.23
C ILE B 14 -9.61 7.66 -21.00
N GLY B 15 -8.86 7.38 -22.06
CA GLY B 15 -7.61 6.61 -21.93
C GLY B 15 -7.86 5.11 -21.99
N GLY B 16 -6.99 4.40 -22.69
CA GLY B 16 -7.19 2.97 -22.97
C GLY B 16 -6.06 2.07 -22.53
N GLY B 17 -5.57 2.28 -21.31
CA GLY B 17 -4.56 1.41 -20.70
C GLY B 17 -5.24 0.28 -19.95
N PRO B 18 -4.54 -0.33 -18.98
CA PRO B 18 -5.13 -1.42 -18.20
C PRO B 18 -6.40 -1.03 -17.46
N ALA B 19 -6.41 0.14 -16.85
CA ALA B 19 -7.61 0.69 -16.22
C ALA B 19 -8.73 0.84 -17.26
N GLY B 20 -8.41 1.51 -18.36
CA GLY B 20 -9.35 1.79 -19.44
C GLY B 20 -9.91 0.59 -20.16
N SER B 21 -9.03 -0.34 -20.53
CA SER B 21 -9.43 -1.58 -21.23
C SER B 21 -10.28 -2.48 -20.34
N THR B 22 -10.00 -2.47 -19.04
CA THR B 22 -10.70 -3.31 -18.08
C THR B 22 -12.10 -2.79 -17.76
N MET B 23 -12.22 -1.49 -17.53
CA MET B 23 -13.53 -0.85 -17.43
C MET B 23 -14.35 -1.16 -18.69
N ALA B 24 -13.72 -0.95 -19.85
CA ALA B 24 -14.32 -1.25 -21.15
C ALA B 24 -14.76 -2.71 -21.32
N SER B 25 -13.95 -3.65 -20.84
CA SER B 25 -14.29 -5.08 -20.90
C SER B 25 -15.53 -5.40 -20.06
N TYR B 26 -15.50 -4.98 -18.80
CA TYR B 26 -16.62 -5.19 -17.85
C TYR B 26 -17.95 -4.60 -18.32
N LEU B 27 -17.92 -3.35 -18.78
CA LEU B 27 -19.11 -2.64 -19.28
C LEU B 27 -19.71 -3.29 -20.54
N ALA B 28 -18.86 -3.58 -21.53
CA ALA B 28 -19.29 -4.19 -22.79
C ALA B 28 -19.87 -5.59 -22.62
N LYS B 29 -19.27 -6.36 -21.73
CA LYS B 29 -19.79 -7.67 -21.31
C LYS B 29 -21.17 -7.57 -20.65
N ALA B 30 -21.38 -6.52 -19.85
CA ALA B 30 -22.65 -6.23 -19.19
C ALA B 30 -23.70 -5.48 -20.06
N GLY B 31 -23.39 -5.26 -21.33
CA GLY B 31 -24.32 -4.63 -22.27
C GLY B 31 -24.42 -3.12 -22.17
N VAL B 32 -23.47 -2.49 -21.48
CA VAL B 32 -23.40 -1.05 -21.35
C VAL B 32 -22.61 -0.53 -22.53
N LYS B 33 -23.26 0.30 -23.36
CA LYS B 33 -22.60 0.85 -24.55
C LYS B 33 -21.52 1.82 -24.13
N CYS B 34 -20.36 1.72 -24.78
CA CYS B 34 -19.19 2.51 -24.39
C CYS B 34 -18.16 2.62 -25.49
N ALA B 35 -17.29 3.60 -25.32
CA ALA B 35 -16.19 3.84 -26.24
C ALA B 35 -14.94 4.22 -25.45
N VAL B 36 -13.81 3.63 -25.83
CA VAL B 36 -12.52 3.93 -25.23
C VAL B 36 -11.79 4.88 -26.16
N PHE B 37 -11.31 5.99 -25.60
CA PHE B 37 -10.49 6.94 -26.33
C PHE B 37 -9.07 6.84 -25.81
N GLU B 38 -8.13 6.58 -26.72
CA GLU B 38 -6.72 6.41 -26.38
C GLU B 38 -5.90 7.32 -27.29
N LYS B 39 -5.20 8.30 -26.71
CA LYS B 39 -4.47 9.30 -27.49
C LYS B 39 -3.30 8.74 -28.33
N GLU B 40 -2.67 7.68 -27.83
CA GLU B 40 -1.52 7.08 -28.48
C GLU B 40 -1.92 5.99 -29.46
N LEU B 41 -1.00 5.69 -30.38
CA LEU B 41 -1.10 4.52 -31.23
C LEU B 41 -0.45 3.36 -30.48
N PHE B 42 -1.24 2.35 -30.15
CA PHE B 42 -0.74 1.11 -29.56
C PHE B 42 -0.05 0.27 -30.64
N GLU B 43 0.89 -0.60 -30.29
CA GLU B 43 1.58 -0.69 -29.01
C GLU B 43 2.39 0.57 -28.73
N ARG B 44 2.51 0.85 -27.44
CA ARG B 44 3.03 2.11 -26.95
C ARG B 44 3.83 1.77 -25.70
N GLU B 45 5.10 2.19 -25.68
CA GLU B 45 6.00 1.86 -24.58
C GLU B 45 5.50 2.51 -23.29
N HIS B 46 5.79 1.87 -22.17
CA HIS B 46 5.23 2.28 -20.89
C HIS B 46 5.95 1.58 -19.75
N VAL B 47 6.23 2.31 -18.66
CA VAL B 47 6.84 1.71 -17.47
C VAL B 47 5.77 0.97 -16.69
N GLY B 48 6.20 -0.04 -15.95
CA GLY B 48 5.38 -0.68 -14.94
C GLY B 48 4.98 -2.08 -15.30
N GLU B 49 5.99 -2.96 -15.27
CA GLU B 49 5.94 -4.24 -15.99
C GLU B 49 5.56 -5.44 -15.15
N SER B 50 6.05 -5.51 -13.92
CA SER B 50 5.83 -6.69 -13.08
C SER B 50 4.44 -6.66 -12.47
N LEU B 51 3.61 -7.65 -12.81
CA LEU B 51 2.25 -7.72 -12.28
C LEU B 51 2.25 -8.34 -10.90
N VAL B 52 1.06 -8.35 -10.30
CA VAL B 52 0.82 -8.93 -8.99
C VAL B 52 -0.40 -9.87 -9.10
N PRO B 53 -0.46 -10.96 -8.31
CA PRO B 53 -1.51 -11.98 -8.53
C PRO B 53 -2.96 -11.57 -8.22
N ALA B 54 -3.18 -10.40 -7.63
CA ALA B 54 -4.52 -9.80 -7.56
C ALA B 54 -5.07 -9.38 -8.93
N THR B 55 -4.21 -9.38 -9.94
CA THR B 55 -4.62 -9.15 -11.32
C THR B 55 -5.31 -10.35 -11.99
N THR B 56 -4.96 -11.57 -11.58
CA THR B 56 -5.48 -12.76 -12.28
C THR B 56 -7.01 -12.97 -12.11
N PRO B 57 -7.58 -12.75 -10.90
CA PRO B 57 -9.04 -12.89 -10.81
C PRO B 57 -9.76 -12.09 -11.87
N VAL B 58 -9.33 -10.84 -12.07
CA VAL B 58 -9.91 -9.94 -13.07
C VAL B 58 -9.69 -10.49 -14.47
N LEU B 59 -8.43 -10.69 -14.84
CA LEU B 59 -8.05 -11.14 -16.19
C LEU B 59 -8.87 -12.34 -16.66
N LEU B 60 -9.11 -13.28 -15.74
CA LEU B 60 -10.06 -14.36 -15.95
C LEU B 60 -11.50 -13.82 -16.06
N GLU B 61 -11.93 -13.09 -15.02
CA GLU B 61 -13.30 -12.53 -14.93
C GLU B 61 -13.76 -11.81 -16.20
N ILE B 62 -12.86 -11.03 -16.82
CA ILE B 62 -13.14 -10.31 -18.08
C ILE B 62 -12.94 -11.15 -19.35
N GLY B 63 -12.17 -12.24 -19.24
CA GLY B 63 -12.04 -13.26 -20.28
C GLY B 63 -10.83 -13.16 -21.19
N VAL B 64 -9.74 -12.59 -20.68
CA VAL B 64 -8.55 -12.27 -21.48
C VAL B 64 -7.28 -13.08 -21.11
N MET B 65 -7.40 -14.02 -20.20
CA MET B 65 -6.22 -14.76 -19.69
C MET B 65 -5.52 -15.59 -20.77
N GLU B 66 -6.30 -16.39 -21.49
CA GLU B 66 -5.78 -17.21 -22.60
C GLU B 66 -5.11 -16.38 -23.71
N LYS B 67 -5.60 -15.16 -23.91
CA LYS B 67 -4.96 -14.22 -24.86
C LYS B 67 -3.61 -13.70 -24.35
N ILE B 68 -3.55 -13.42 -23.05
CA ILE B 68 -2.30 -13.02 -22.39
C ILE B 68 -1.28 -14.15 -22.38
N GLU B 69 -1.75 -15.34 -22.00
CA GLU B 69 -0.95 -16.58 -22.02
C GLU B 69 -0.14 -16.78 -23.32
N LYS B 70 -0.77 -16.49 -24.46
CA LYS B 70 -0.14 -16.60 -25.79
C LYS B 70 1.09 -15.71 -26.01
N ALA B 71 1.15 -14.60 -25.28
CA ALA B 71 2.26 -13.64 -25.40
C ALA B 71 3.57 -14.12 -24.77
N ASN B 72 3.53 -15.22 -24.01
CA ASN B 72 4.71 -15.81 -23.38
C ASN B 72 5.44 -14.83 -22.46
N PHE B 73 4.66 -14.15 -21.63
CA PHE B 73 5.21 -13.26 -20.62
C PHE B 73 5.88 -14.13 -19.55
N PRO B 74 7.12 -13.77 -19.12
CA PRO B 74 7.81 -14.52 -18.07
C PRO B 74 6.96 -14.69 -16.80
N LYS B 75 6.97 -15.91 -16.26
CA LYS B 75 6.17 -16.23 -15.10
C LYS B 75 6.84 -15.71 -13.83
N LYS B 76 6.04 -15.05 -13.01
CA LYS B 76 6.49 -14.51 -11.75
C LYS B 76 5.86 -15.36 -10.66
N PHE B 77 6.65 -16.27 -10.10
CA PHE B 77 6.16 -17.20 -9.06
C PHE B 77 6.29 -16.63 -7.65
N GLY B 78 6.94 -15.48 -7.53
CA GLY B 78 7.09 -14.81 -6.26
C GLY B 78 7.95 -13.57 -6.40
N ALA B 79 8.56 -13.16 -5.29
CA ALA B 79 9.38 -11.96 -5.27
C ALA B 79 10.56 -12.14 -4.33
N ALA B 80 11.55 -11.29 -4.49
CA ALA B 80 12.80 -11.39 -3.73
C ALA B 80 13.40 -10.01 -3.45
N TRP B 81 14.04 -9.91 -2.29
CA TRP B 81 14.73 -8.70 -1.84
C TRP B 81 16.17 -9.04 -1.53
N THR B 82 17.09 -8.19 -1.99
CA THR B 82 18.52 -8.43 -1.83
C THR B 82 19.24 -7.12 -1.50
N SER B 83 20.26 -7.21 -0.67
CA SER B 83 21.17 -6.09 -0.41
C SER B 83 22.58 -6.59 -0.21
N ALA B 84 23.56 -5.79 -0.64
CA ALA B 84 24.98 -6.08 -0.40
C ALA B 84 25.30 -5.90 1.09
N ASP B 85 24.65 -4.89 1.69
CA ASP B 85 24.72 -4.65 3.13
C ASP B 85 23.94 -5.71 3.89
N SER B 86 24.64 -6.44 4.76
CA SER B 86 23.98 -7.21 5.82
C SER B 86 23.61 -6.22 6.92
N GLY B 87 22.57 -6.56 7.69
CA GLY B 87 22.07 -5.68 8.74
C GLY B 87 22.89 -5.78 10.02
N PRO B 88 22.30 -5.42 11.17
CA PRO B 88 22.98 -5.65 12.43
C PRO B 88 22.83 -7.12 12.84
N GLU B 89 23.81 -7.63 13.58
CA GLU B 89 23.90 -9.06 13.89
C GLU B 89 22.76 -9.58 14.77
N ASP B 90 22.15 -8.70 15.58
CA ASP B 90 21.22 -9.14 16.64
C ASP B 90 19.88 -9.70 16.13
N LYS B 91 19.31 -9.06 15.12
CA LYS B 91 18.00 -9.47 14.54
C LYS B 91 16.85 -9.39 15.57
N MET B 92 16.95 -8.50 16.55
CA MET B 92 16.09 -8.45 17.76
C MET B 92 14.92 -9.44 17.80
N GLY B 93 15.26 -10.70 18.07
CA GLY B 93 14.29 -11.78 18.26
C GLY B 93 13.45 -12.25 17.08
N PHE B 94 13.85 -11.88 15.85
CA PHE B 94 13.07 -12.22 14.65
C PHE B 94 13.33 -13.66 14.20
N GLN B 95 12.26 -14.47 14.29
CA GLN B 95 12.34 -15.93 14.40
C GLN B 95 13.06 -16.67 13.27
N GLY B 96 12.92 -16.18 12.04
CA GLY B 96 13.49 -16.84 10.87
C GLY B 96 14.16 -15.87 9.91
N LEU B 97 15.47 -16.07 9.70
CA LEU B 97 16.22 -15.45 8.61
C LEU B 97 17.27 -16.44 8.11
N ASP B 98 17.54 -16.39 6.80
CA ASP B 98 18.51 -17.28 6.16
C ASP B 98 19.88 -16.61 5.90
N HIS B 99 19.87 -15.34 5.50
CA HIS B 99 21.10 -14.57 5.20
C HIS B 99 21.31 -13.25 5.98
N ASP B 100 20.46 -12.98 6.98
CA ASP B 100 20.58 -11.78 7.84
C ASP B 100 20.46 -10.46 7.06
N PHE B 101 19.24 -10.17 6.61
CA PHE B 101 18.90 -8.96 5.81
C PHE B 101 19.60 -8.85 4.43
N ARG B 102 20.42 -9.82 4.09
CA ARG B 102 21.23 -9.81 2.87
C ARG B 102 20.39 -10.29 1.69
N SER B 103 19.53 -11.28 1.96
CA SER B 103 18.61 -11.83 0.98
C SER B 103 17.31 -12.24 1.67
N ALA B 104 16.21 -12.16 0.92
CA ALA B 104 14.89 -12.54 1.41
C ALA B 104 13.96 -12.83 0.23
N GLU B 105 12.99 -13.72 0.46
CA GLU B 105 12.13 -14.25 -0.61
C GLU B 105 10.71 -14.58 -0.16
N ILE B 106 9.83 -14.68 -1.15
CA ILE B 106 8.41 -14.96 -0.94
C ILE B 106 7.83 -15.59 -2.22
N LEU B 107 7.01 -16.63 -2.05
CA LEU B 107 6.28 -17.28 -3.15
C LEU B 107 4.83 -16.89 -3.06
N PHE B 108 4.20 -16.66 -4.22
CA PHE B 108 2.76 -16.35 -4.26
C PHE B 108 1.89 -17.55 -3.91
N ASN B 109 2.39 -18.77 -4.13
CA ASN B 109 1.68 -20.00 -3.75
C ASN B 109 1.61 -20.29 -2.23
N GLU B 110 2.39 -19.55 -1.44
CA GLU B 110 2.37 -19.70 0.03
C GLU B 110 1.07 -19.23 0.71
N ARG B 111 0.31 -18.36 0.04
CA ARG B 111 -1.00 -17.93 0.53
C ARG B 111 -2.08 -18.18 -0.53
N LYS B 112 -3.16 -18.84 -0.12
CA LYS B 112 -4.29 -19.12 -1.01
C LYS B 112 -5.14 -17.85 -1.20
N GLN B 113 -4.98 -17.23 -2.36
CA GLN B 113 -5.70 -16.00 -2.73
C GLN B 113 -6.93 -16.38 -3.52
N GLU B 114 -8.12 -15.98 -3.06
CA GLU B 114 -9.36 -16.29 -3.81
C GLU B 114 -9.42 -15.49 -5.13
N GLY B 115 -9.87 -16.17 -6.18
CA GLY B 115 -9.79 -15.66 -7.55
C GLY B 115 -8.56 -16.16 -8.30
N VAL B 116 -7.44 -16.33 -7.57
CA VAL B 116 -6.20 -16.89 -8.12
C VAL B 116 -6.41 -18.40 -8.28
N ASP B 117 -5.89 -18.95 -9.38
CA ASP B 117 -6.02 -20.37 -9.73
C ASP B 117 -4.64 -20.93 -10.10
N ARG B 118 -3.61 -20.31 -9.53
CA ARG B 118 -2.27 -20.32 -10.06
C ARG B 118 -1.24 -20.10 -8.96
N ASP B 119 -0.03 -20.61 -9.19
CA ASP B 119 1.13 -20.29 -8.37
C ASP B 119 1.91 -19.07 -8.87
N PHE B 120 1.56 -18.59 -10.07
CA PHE B 120 2.23 -17.45 -10.71
C PHE B 120 1.29 -16.38 -11.28
N THR B 121 1.90 -15.23 -11.54
CA THR B 121 1.34 -14.22 -12.43
C THR B 121 2.46 -13.93 -13.43
N PHE B 122 2.39 -12.79 -14.13
CA PHE B 122 3.34 -12.49 -15.21
C PHE B 122 4.19 -11.24 -14.95
N HIS B 123 5.30 -11.16 -15.67
CA HIS B 123 6.03 -9.93 -15.90
C HIS B 123 5.74 -9.55 -17.35
N VAL B 124 5.15 -8.38 -17.59
CA VAL B 124 4.64 -8.05 -18.93
C VAL B 124 5.38 -6.91 -19.64
N ASP B 125 5.58 -7.09 -20.94
CA ASP B 125 5.88 -5.99 -21.85
C ASP B 125 4.60 -5.16 -21.88
N ARG B 126 4.65 -3.96 -21.32
CA ARG B 126 3.46 -3.13 -21.18
C ARG B 126 2.93 -2.59 -22.50
N GLY B 127 3.76 -2.57 -23.55
CA GLY B 127 3.29 -2.29 -24.90
C GLY B 127 2.30 -3.34 -25.39
N LYS B 128 2.75 -4.59 -25.42
CA LYS B 128 1.93 -5.75 -25.82
C LYS B 128 0.71 -5.95 -24.93
N PHE B 129 0.95 -5.96 -23.63
CA PHE B 129 -0.05 -6.21 -22.59
C PHE B 129 -1.29 -5.31 -22.70
N ASP B 130 -1.06 -4.01 -22.81
CA ASP B 130 -2.13 -3.03 -22.96
C ASP B 130 -2.93 -3.21 -24.26
N ARG B 131 -2.24 -3.55 -25.34
CA ARG B 131 -2.89 -3.83 -26.61
C ARG B 131 -3.76 -5.08 -26.58
N ILE B 132 -3.21 -6.15 -26.03
CA ILE B 132 -3.95 -7.40 -25.86
C ILE B 132 -5.21 -7.15 -25.03
N LEU B 133 -5.07 -6.38 -23.96
CA LEU B 133 -6.19 -6.02 -23.10
C LEU B 133 -7.22 -5.15 -23.81
N LEU B 134 -6.75 -4.15 -24.54
CA LEU B 134 -7.63 -3.18 -25.21
C LEU B 134 -8.35 -3.76 -26.43
N GLU B 135 -7.68 -4.66 -27.15
CA GLU B 135 -8.34 -5.39 -28.22
C GLU B 135 -9.45 -6.31 -27.71
N HIS B 136 -9.20 -6.96 -26.56
CA HIS B 136 -10.19 -7.84 -25.95
C HIS B 136 -11.45 -7.08 -25.49
N ALA B 137 -11.26 -5.88 -24.96
CA ALA B 137 -12.35 -4.92 -24.74
C ALA B 137 -13.06 -4.65 -26.07
N GLY B 138 -12.26 -4.34 -27.09
CA GLY B 138 -12.74 -4.16 -28.46
C GLY B 138 -13.64 -5.27 -29.00
N SER B 139 -13.24 -6.52 -28.72
CA SER B 139 -13.97 -7.72 -29.15
C SER B 139 -15.19 -8.07 -28.29
N LEU B 140 -15.26 -7.51 -27.07
CA LEU B 140 -16.41 -7.72 -26.19
C LEU B 140 -17.60 -6.80 -26.48
N GLY B 141 -17.40 -5.81 -27.35
CA GLY B 141 -18.45 -4.85 -27.69
C GLY B 141 -17.96 -3.41 -27.73
N ALA B 142 -17.04 -3.07 -26.82
CA ALA B 142 -16.55 -1.70 -26.66
C ALA B 142 -15.98 -1.11 -27.96
N LYS B 143 -16.48 0.07 -28.31
CA LYS B 143 -15.88 0.87 -29.39
C LYS B 143 -14.52 1.38 -28.90
N VAL B 144 -13.57 1.49 -29.81
CA VAL B 144 -12.20 1.89 -29.45
C VAL B 144 -11.67 2.88 -30.47
N PHE B 145 -11.37 4.10 -30.01
CA PHE B 145 -10.69 5.09 -30.82
C PHE B 145 -9.26 5.22 -30.33
N GLN B 146 -8.31 4.89 -31.20
CA GLN B 146 -6.88 5.14 -30.93
C GLN B 146 -6.44 6.39 -31.67
N GLY B 147 -5.47 7.11 -31.09
CA GLY B 147 -4.95 8.34 -31.67
C GLY B 147 -5.81 9.57 -31.45
N VAL B 148 -6.83 9.44 -30.59
CA VAL B 148 -7.86 10.47 -30.42
C VAL B 148 -7.83 10.94 -28.96
N GLU B 149 -7.17 12.07 -28.73
CA GLU B 149 -7.00 12.60 -27.38
C GLU B 149 -8.26 13.31 -26.91
N ILE B 150 -8.61 13.13 -25.64
CA ILE B 150 -9.68 13.89 -25.00
C ILE B 150 -9.06 15.14 -24.38
N ALA B 151 -9.55 16.29 -24.80
CA ALA B 151 -9.10 17.59 -24.28
C ALA B 151 -9.86 18.00 -23.02
N ASP B 152 -11.18 17.81 -23.03
CA ASP B 152 -12.04 18.31 -21.96
C ASP B 152 -13.36 17.55 -21.87
N VAL B 153 -14.02 17.69 -20.72
CA VAL B 153 -15.38 17.20 -20.50
C VAL B 153 -16.23 18.38 -20.05
N GLU B 154 -17.40 18.51 -20.65
CA GLU B 154 -18.42 19.46 -20.21
C GLU B 154 -19.42 18.68 -19.37
N PHE B 155 -19.52 19.04 -18.09
CA PHE B 155 -20.51 18.49 -17.18
C PHE B 155 -21.72 19.40 -17.16
N LEU B 156 -22.74 19.00 -17.94
CA LEU B 156 -23.98 19.75 -18.06
C LEU B 156 -24.90 19.45 -16.87
N SER B 157 -25.05 18.17 -16.57
CA SER B 157 -25.98 17.67 -15.54
C SER B 157 -25.62 16.23 -15.13
N PRO B 158 -26.18 15.75 -14.01
CA PRO B 158 -26.14 14.31 -13.72
C PRO B 158 -26.71 13.43 -14.84
N GLY B 159 -25.87 12.53 -15.34
CA GLY B 159 -26.24 11.59 -16.41
C GLY B 159 -26.31 12.24 -17.78
N ASN B 160 -25.46 13.26 -17.99
CA ASN B 160 -25.50 14.07 -19.21
C ASN B 160 -24.22 14.88 -19.34
N VAL B 161 -23.41 14.52 -20.34
CA VAL B 161 -22.04 14.98 -20.47
C VAL B 161 -21.73 15.20 -21.95
N ILE B 162 -20.91 16.20 -22.23
CA ILE B 162 -20.29 16.37 -23.54
C ILE B 162 -18.79 16.19 -23.38
N VAL B 163 -18.27 15.14 -24.00
CA VAL B 163 -16.84 14.91 -24.07
C VAL B 163 -16.32 15.54 -25.36
N ASN B 164 -15.35 16.44 -25.22
CA ASN B 164 -14.63 17.00 -26.36
C ASN B 164 -13.42 16.14 -26.71
N ALA B 165 -13.52 15.42 -27.82
CA ALA B 165 -12.40 14.66 -28.38
C ALA B 165 -11.70 15.51 -29.43
N LYS B 166 -10.39 15.32 -29.58
CA LYS B 166 -9.62 16.01 -30.62
C LYS B 166 -8.79 15.04 -31.47
N LEU B 167 -8.69 15.37 -32.76
CA LEU B 167 -7.88 14.65 -33.73
C LEU B 167 -6.90 15.64 -34.34
N GLY B 168 -5.63 15.57 -33.92
CA GLY B 168 -4.63 16.57 -34.28
C GLY B 168 -5.04 17.88 -33.62
N LYS B 169 -5.05 18.96 -34.39
CA LYS B 169 -5.65 20.22 -33.96
C LYS B 169 -7.02 20.33 -34.63
N ARG B 170 -7.95 19.49 -34.19
CA ARG B 170 -9.34 19.54 -34.65
C ARG B 170 -10.29 18.86 -33.68
N SER B 171 -11.39 19.54 -33.35
CA SER B 171 -12.31 19.12 -32.31
C SER B 171 -13.46 18.26 -32.85
N VAL B 172 -13.96 17.38 -31.98
CA VAL B 172 -15.20 16.64 -32.20
C VAL B 172 -15.94 16.57 -30.88
N GLU B 173 -17.27 16.63 -30.96
CA GLU B 173 -18.11 16.60 -29.78
C GLU B 173 -18.76 15.22 -29.63
N ILE B 174 -18.44 14.53 -28.54
CA ILE B 174 -18.96 13.19 -28.25
C ILE B 174 -19.82 13.25 -27.00
N LYS B 175 -21.13 13.03 -27.15
CA LYS B 175 -22.08 13.07 -26.04
C LYS B 175 -22.14 11.74 -25.31
N ALA B 176 -22.28 11.82 -23.98
CA ALA B 176 -22.40 10.63 -23.14
C ALA B 176 -23.12 10.91 -21.84
N LYS B 177 -23.48 9.85 -21.12
CA LYS B 177 -24.13 10.00 -19.81
C LYS B 177 -23.12 10.25 -18.70
N MET B 178 -22.00 9.52 -18.74
CA MET B 178 -20.89 9.76 -17.81
C MET B 178 -19.54 9.57 -18.51
N VAL B 179 -18.48 9.83 -17.75
CA VAL B 179 -17.12 9.47 -18.15
C VAL B 179 -16.40 8.72 -17.04
N VAL B 180 -15.45 7.89 -17.46
CA VAL B 180 -14.54 7.20 -16.56
C VAL B 180 -13.16 7.74 -16.88
N ASP B 181 -12.55 8.45 -15.93
CA ASP B 181 -11.17 8.91 -16.10
C ASP B 181 -10.23 7.72 -15.88
N ALA B 182 -9.94 7.02 -16.97
CA ALA B 182 -8.97 5.94 -16.99
C ALA B 182 -7.75 6.39 -17.77
N SER B 183 -7.32 7.63 -17.55
CA SER B 183 -5.98 8.03 -17.86
C SER B 183 -5.06 7.33 -16.85
N GLY B 184 -3.78 7.68 -16.88
CA GLY B 184 -2.87 7.29 -15.83
C GLY B 184 -2.37 8.57 -15.19
N ARG B 185 -1.06 8.76 -15.28
CA ARG B 185 -0.40 9.94 -14.73
C ARG B 185 -0.62 11.23 -15.55
N ASN B 186 -1.23 11.12 -16.73
CA ASN B 186 -1.68 12.30 -17.47
C ASN B 186 -2.78 13.07 -16.74
N VAL B 187 -3.69 12.34 -16.08
CA VAL B 187 -4.60 12.92 -15.06
C VAL B 187 -5.44 14.07 -15.65
N LEU B 188 -6.38 13.73 -16.54
CA LEU B 188 -7.15 14.76 -17.26
C LEU B 188 -8.17 15.42 -16.35
N LEU B 189 -9.01 14.60 -15.72
CA LEU B 189 -9.99 15.11 -14.74
C LEU B 189 -9.39 15.53 -13.40
N GLY B 190 -8.12 15.25 -13.15
CA GLY B 190 -7.41 15.81 -11.99
C GLY B 190 -6.91 17.23 -12.24
N ARG B 191 -6.45 17.48 -13.47
CA ARG B 191 -6.07 18.83 -13.90
C ARG B 191 -7.30 19.66 -14.22
N ARG B 192 -8.15 19.17 -15.12
CA ARG B 192 -9.35 19.90 -15.59
C ARG B 192 -10.29 20.34 -14.45
N LEU B 193 -10.39 19.53 -13.39
CA LEU B 193 -11.25 19.84 -12.23
C LEU B 193 -10.51 20.33 -10.97
N GLY B 194 -9.18 20.33 -11.00
CA GLY B 194 -8.37 20.76 -9.85
C GLY B 194 -8.41 19.81 -8.66
N LEU B 195 -8.59 18.53 -8.94
CA LEU B 195 -8.62 17.49 -7.91
C LEU B 195 -7.21 17.01 -7.53
N ARG B 196 -6.24 17.25 -8.41
CA ARG B 196 -4.83 16.89 -8.19
C ARG B 196 -4.28 17.49 -6.90
N GLU B 197 -3.85 16.61 -6.00
CA GLU B 197 -3.10 16.98 -4.80
C GLU B 197 -1.77 16.21 -4.80
N LYS B 198 -0.67 16.94 -5.02
CA LYS B 198 0.67 16.36 -5.01
C LYS B 198 1.01 15.83 -3.62
N ASP B 199 1.69 14.69 -3.57
CA ASP B 199 2.02 14.04 -2.30
C ASP B 199 3.17 14.76 -1.60
N PRO B 200 2.94 15.19 -0.33
CA PRO B 200 3.98 15.93 0.39
C PRO B 200 5.21 15.11 0.78
N VAL B 201 5.02 13.83 1.11
CA VAL B 201 6.13 12.98 1.58
C VAL B 201 6.90 12.26 0.44
N PHE B 202 6.18 11.65 -0.49
CA PHE B 202 6.81 10.90 -1.58
C PHE B 202 7.34 11.80 -2.69
N ASN B 203 8.66 11.86 -2.81
CA ASN B 203 9.33 12.61 -3.88
C ASN B 203 10.34 11.69 -4.59
N GLN B 204 9.87 10.48 -4.92
CA GLN B 204 10.71 9.48 -5.58
C GLN B 204 10.84 9.72 -7.10
N PHE B 205 11.82 9.05 -7.70
CA PHE B 205 12.27 9.32 -9.06
C PHE B 205 12.94 8.07 -9.63
N ALA B 206 12.54 7.67 -10.83
CA ALA B 206 13.04 6.44 -11.46
C ALA B 206 13.74 6.70 -12.80
N ILE B 207 14.97 6.20 -12.91
CA ILE B 207 15.67 6.09 -14.20
C ILE B 207 15.73 4.62 -14.54
N HIS B 208 15.37 4.26 -15.77
CA HIS B 208 15.26 2.86 -16.16
C HIS B 208 15.34 2.62 -17.66
N SER B 209 15.79 1.42 -18.02
CA SER B 209 15.72 0.94 -19.41
C SER B 209 15.74 -0.58 -19.47
N TRP B 210 15.51 -1.10 -20.66
CA TRP B 210 15.61 -2.54 -20.94
C TRP B 210 17.03 -2.95 -21.28
N PHE B 211 17.34 -4.20 -20.95
CA PHE B 211 18.67 -4.77 -21.10
C PHE B 211 18.56 -6.21 -21.60
N ASP B 212 19.16 -6.46 -22.76
CA ASP B 212 19.14 -7.78 -23.38
C ASP B 212 20.35 -8.61 -22.92
N ASN B 213 20.10 -9.90 -22.71
CA ASN B 213 21.12 -10.87 -22.23
C ASN B 213 21.72 -10.50 -20.88
N PHE B 214 20.90 -9.92 -20.01
CA PHE B 214 21.32 -9.60 -18.66
C PHE B 214 21.30 -10.90 -17.84
N ASP B 215 22.38 -11.17 -17.14
CA ASP B 215 22.48 -12.34 -16.27
C ASP B 215 21.68 -12.08 -14.99
N ARG B 216 20.54 -12.77 -14.88
CA ARG B 216 19.69 -12.70 -13.70
C ARG B 216 20.22 -13.53 -12.51
N LYS B 217 21.21 -14.39 -12.76
CA LYS B 217 21.90 -15.10 -11.67
C LYS B 217 22.81 -14.20 -10.82
N SER B 218 23.14 -13.00 -11.32
CA SER B 218 23.89 -12.02 -10.54
C SER B 218 23.11 -11.48 -9.33
N ALA B 219 21.78 -11.54 -9.41
CA ALA B 219 20.88 -11.18 -8.31
C ALA B 219 20.97 -12.16 -7.14
N THR B 220 20.85 -13.45 -7.43
CA THR B 220 20.79 -14.49 -6.40
C THR B 220 21.79 -15.61 -6.71
N GLN B 221 21.59 -16.77 -6.11
CA GLN B 221 22.31 -17.98 -6.48
C GLN B 221 21.40 -19.16 -6.19
N SER B 222 20.33 -19.22 -6.96
CA SER B 222 19.32 -20.26 -6.88
C SER B 222 18.44 -20.08 -8.11
N PRO B 223 18.69 -20.86 -9.17
CA PRO B 223 18.01 -20.59 -10.45
C PRO B 223 16.53 -20.99 -10.49
N ASP B 224 16.03 -21.61 -9.42
CA ASP B 224 14.57 -21.72 -9.18
C ASP B 224 13.89 -20.35 -8.92
N LYS B 225 14.67 -19.36 -8.50
CA LYS B 225 14.16 -18.00 -8.22
C LYS B 225 14.70 -16.95 -9.20
N VAL B 226 15.08 -17.39 -10.40
CA VAL B 226 15.74 -16.54 -11.39
C VAL B 226 14.78 -15.51 -12.05
N ASP B 227 13.51 -15.90 -12.23
CA ASP B 227 12.47 -15.03 -12.82
C ASP B 227 11.53 -14.36 -11.80
N TYR B 228 11.98 -14.23 -10.56
CA TYR B 228 11.26 -13.43 -9.56
C TYR B 228 11.51 -11.96 -9.86
N ILE B 229 10.66 -11.08 -9.32
CA ILE B 229 11.04 -9.67 -9.26
C ILE B 229 12.10 -9.55 -8.18
N PHE B 230 13.15 -8.80 -8.49
CA PHE B 230 14.22 -8.55 -7.54
C PHE B 230 14.29 -7.07 -7.22
N ILE B 231 14.23 -6.77 -5.93
CA ILE B 231 14.46 -5.44 -5.42
C ILE B 231 15.87 -5.44 -4.85
N HIS B 232 16.72 -4.57 -5.38
CA HIS B 232 18.10 -4.46 -4.99
C HIS B 232 18.33 -3.15 -4.23
N PHE B 233 18.14 -3.20 -2.91
CA PHE B 233 18.46 -2.08 -2.02
C PHE B 233 19.89 -1.64 -2.28
N LEU B 234 20.10 -0.34 -2.42
CA LEU B 234 21.44 0.24 -2.52
C LEU B 234 21.76 1.02 -1.25
N PRO B 235 23.06 1.26 -0.97
CA PRO B 235 23.46 2.06 0.19
C PRO B 235 23.00 3.53 0.18
N MET B 236 22.55 4.05 -0.96
CA MET B 236 21.97 5.39 -1.05
C MET B 236 20.57 5.44 -0.41
N THR B 237 20.16 6.63 0.00
CA THR B 237 18.95 6.80 0.82
C THR B 237 17.66 6.60 0.01
N ASN B 238 16.73 5.85 0.60
CA ASN B 238 15.48 5.38 -0.04
C ASN B 238 15.66 4.99 -1.52
N THR B 239 16.76 4.28 -1.80
CA THR B 239 17.18 3.95 -3.15
C THR B 239 17.22 2.44 -3.34
N TRP B 240 16.71 1.99 -4.47
CA TRP B 240 16.69 0.57 -4.80
C TRP B 240 16.57 0.40 -6.32
N VAL B 241 16.77 -0.84 -6.77
CA VAL B 241 16.77 -1.17 -8.20
C VAL B 241 15.81 -2.33 -8.44
N TRP B 242 14.86 -2.14 -9.36
CA TRP B 242 13.99 -3.25 -9.76
C TRP B 242 14.69 -4.07 -10.83
N GLN B 243 14.35 -5.35 -10.89
CA GLN B 243 14.87 -6.26 -11.91
C GLN B 243 13.74 -7.18 -12.31
N ILE B 244 13.08 -6.79 -13.39
CA ILE B 244 11.86 -7.41 -13.87
C ILE B 244 12.15 -7.99 -15.25
N PRO B 245 12.13 -9.33 -15.38
CA PRO B 245 12.18 -10.00 -16.68
C PRO B 245 11.10 -9.51 -17.63
N ILE B 246 11.45 -9.35 -18.90
CA ILE B 246 10.47 -9.03 -19.94
C ILE B 246 10.32 -10.20 -20.89
N THR B 247 11.45 -10.71 -21.38
CA THR B 247 11.49 -11.96 -22.15
C THR B 247 12.46 -12.91 -21.45
N GLU B 248 12.78 -14.02 -22.10
CA GLU B 248 13.77 -14.97 -21.60
C GLU B 248 15.16 -14.34 -21.47
N THR B 249 15.49 -13.42 -22.38
CA THR B 249 16.76 -12.65 -22.34
C THR B 249 16.63 -11.20 -21.85
N ILE B 250 15.54 -10.51 -22.23
CA ILE B 250 15.35 -9.08 -21.95
C ILE B 250 14.91 -8.87 -20.51
N THR B 251 15.68 -8.09 -19.75
CA THR B 251 15.31 -7.69 -18.38
C THR B 251 15.11 -6.19 -18.31
N SER B 252 13.97 -5.76 -17.79
CA SER B 252 13.73 -4.37 -17.44
C SER B 252 14.45 -4.11 -16.13
N VAL B 253 15.23 -3.04 -16.09
CA VAL B 253 15.96 -2.64 -14.89
C VAL B 253 15.83 -1.13 -14.71
N GLY B 254 15.50 -0.73 -13.50
CA GLY B 254 15.36 0.68 -13.15
C GLY B 254 15.82 0.95 -11.74
N VAL B 255 16.48 2.10 -11.56
CA VAL B 255 16.82 2.61 -10.22
C VAL B 255 15.74 3.60 -9.80
N VAL B 256 15.07 3.29 -8.69
CA VAL B 256 14.19 4.23 -8.00
C VAL B 256 15.00 4.83 -6.86
N THR B 257 14.88 6.15 -6.69
CA THR B 257 15.59 6.87 -5.65
C THR B 257 14.83 8.16 -5.34
N GLN B 258 15.28 8.88 -4.32
CA GLN B 258 14.76 10.22 -4.04
C GLN B 258 15.22 11.16 -5.15
N LYS B 259 14.32 12.04 -5.59
CA LYS B 259 14.64 13.02 -6.63
C LYS B 259 15.81 13.91 -6.21
N GLN B 260 15.85 14.20 -4.91
CA GLN B 260 16.97 14.87 -4.25
C GLN B 260 18.30 14.27 -4.67
N ASN B 261 18.44 12.96 -4.47
CA ASN B 261 19.69 12.24 -4.77
C ASN B 261 20.12 12.41 -6.23
N TYR B 262 19.15 12.40 -7.14
CA TYR B 262 19.43 12.58 -8.57
C TYR B 262 19.80 14.03 -8.88
N THR B 263 18.95 14.97 -8.47
CA THR B 263 19.16 16.41 -8.74
C THR B 263 20.49 16.92 -8.19
N ASN B 264 20.75 16.60 -6.93
CA ASN B 264 21.97 17.02 -6.23
C ASN B 264 23.26 16.43 -6.78
N SER B 265 23.18 15.23 -7.37
CA SER B 265 24.34 14.55 -7.95
C SER B 265 25.00 15.32 -9.08
N ASP B 266 24.21 16.12 -9.80
CA ASP B 266 24.68 16.95 -10.92
C ASP B 266 25.09 16.06 -12.10
N LEU B 267 24.45 14.90 -12.23
CA LEU B 267 24.68 13.92 -13.28
C LEU B 267 23.41 13.74 -14.09
N THR B 268 23.54 13.42 -15.36
CA THR B 268 22.37 13.16 -16.23
C THR B 268 21.72 11.82 -15.86
N TYR B 269 20.52 11.56 -16.40
CA TYR B 269 19.78 10.31 -16.10
C TYR B 269 20.71 9.11 -16.29
N GLU B 270 21.28 9.05 -17.50
CA GLU B 270 22.24 8.04 -17.95
C GLU B 270 23.32 7.71 -16.91
N GLU B 271 24.01 8.74 -16.44
CA GLU B 271 25.20 8.61 -15.59
C GLU B 271 24.88 8.26 -14.13
N PHE B 272 23.78 8.79 -13.61
CA PHE B 272 23.35 8.52 -12.23
C PHE B 272 23.03 7.05 -12.03
N PHE B 273 22.20 6.50 -12.92
CA PHE B 273 21.84 5.08 -12.94
C PHE B 273 23.06 4.20 -12.71
N TRP B 274 24.08 4.40 -13.55
CA TRP B 274 25.32 3.62 -13.50
C TRP B 274 26.09 3.78 -12.19
N GLU B 275 26.15 4.99 -11.66
CA GLU B 275 26.82 5.27 -10.38
C GLU B 275 26.13 4.59 -9.19
N ALA B 276 24.79 4.64 -9.19
CA ALA B 276 23.99 3.99 -8.17
C ALA B 276 24.21 2.48 -8.23
N VAL B 277 23.97 1.92 -9.41
CA VAL B 277 24.21 0.50 -9.70
C VAL B 277 25.64 0.05 -9.33
N LYS B 278 26.63 0.91 -9.56
CA LYS B 278 28.05 0.65 -9.22
C LYS B 278 28.30 0.26 -7.75
N THR B 279 27.42 0.71 -6.86
CA THR B 279 27.50 0.39 -5.42
C THR B 279 27.18 -1.07 -5.07
N ARG B 280 26.77 -1.86 -6.06
CA ARG B 280 26.59 -3.31 -5.93
C ARG B 280 27.24 -4.00 -7.12
N GLU B 281 28.45 -4.53 -6.90
CA GLU B 281 29.32 -5.06 -7.97
C GLU B 281 28.64 -6.00 -8.96
N ASN B 282 28.05 -7.07 -8.44
CA ASN B 282 27.46 -8.13 -9.26
C ASN B 282 26.37 -7.63 -10.20
N LEU B 283 25.51 -6.78 -9.67
CA LEU B 283 24.49 -6.10 -10.47
C LEU B 283 25.15 -5.26 -11.57
N HIS B 284 26.12 -4.44 -11.17
CA HIS B 284 26.83 -3.55 -12.09
C HIS B 284 27.52 -4.30 -13.22
N ASP B 285 28.29 -5.32 -12.87
CA ASP B 285 29.04 -6.10 -13.85
C ASP B 285 28.14 -6.91 -14.79
N ALA B 286 26.99 -7.35 -14.28
CA ALA B 286 25.99 -8.04 -15.10
C ALA B 286 25.32 -7.07 -16.09
N LEU B 287 24.93 -5.90 -15.60
CA LEU B 287 24.37 -4.82 -16.43
C LEU B 287 25.37 -4.26 -17.43
N LYS B 288 26.63 -4.18 -17.00
CA LYS B 288 27.76 -3.77 -17.83
C LYS B 288 27.96 -4.73 -19.02
N ALA B 289 27.89 -6.03 -18.75
CA ALA B 289 28.03 -7.07 -19.78
C ALA B 289 26.85 -7.10 -20.76
N SER B 290 25.66 -6.75 -20.28
CA SER B 290 24.44 -6.81 -21.08
C SER B 290 24.36 -5.73 -22.15
N GLU B 291 23.40 -5.90 -23.05
CA GLU B 291 23.16 -5.01 -24.19
C GLU B 291 21.95 -4.11 -23.93
N GLN B 292 22.14 -2.79 -24.04
CA GLN B 292 21.04 -1.82 -23.89
C GLN B 292 20.13 -1.79 -25.13
N VAL B 293 18.86 -2.13 -24.96
CA VAL B 293 17.89 -2.18 -26.08
C VAL B 293 16.87 -1.01 -26.09
N ARG B 294 16.96 -0.12 -25.10
CA ARG B 294 16.20 1.14 -25.09
C ARG B 294 17.05 2.24 -24.45
N PRO B 295 16.73 3.52 -24.73
CA PRO B 295 17.38 4.59 -23.99
C PRO B 295 16.82 4.70 -22.57
N PHE B 296 17.57 5.33 -21.68
CA PHE B 296 17.16 5.52 -20.30
C PHE B 296 15.99 6.50 -20.22
N LYS B 297 14.85 6.02 -19.73
CA LYS B 297 13.69 6.87 -19.48
C LYS B 297 13.68 7.34 -18.03
N LYS B 298 13.28 8.59 -17.82
CA LYS B 298 13.00 9.15 -16.50
C LYS B 298 11.52 8.99 -16.19
N GLU B 299 11.19 8.76 -14.92
CA GLU B 299 9.81 8.84 -14.43
C GLU B 299 9.81 9.67 -13.14
N ALA B 300 9.23 10.87 -13.22
CA ALA B 300 9.21 11.84 -12.12
C ALA B 300 7.80 12.18 -11.70
N ASP B 301 7.68 12.77 -10.51
CA ASP B 301 6.46 13.44 -10.04
C ASP B 301 5.22 12.54 -10.09
N TYR B 302 5.42 11.27 -9.78
CA TYR B 302 4.38 10.24 -9.94
C TYR B 302 3.57 9.99 -8.66
N SER B 303 4.01 10.55 -7.54
CA SER B 303 3.30 10.40 -6.27
C SER B 303 2.30 11.54 -6.10
N TYR B 304 1.02 11.20 -6.10
CA TYR B 304 -0.05 12.21 -6.02
C TYR B 304 -1.38 11.56 -5.64
N GLY B 305 -2.22 12.34 -4.98
CA GLY B 305 -3.59 11.94 -4.65
C GLY B 305 -4.58 12.70 -5.50
N MET B 306 -5.85 12.51 -5.17
CA MET B 306 -6.94 13.13 -5.91
C MET B 306 -8.07 13.46 -4.91
N LYS B 307 -8.32 14.75 -4.73
CA LYS B 307 -9.32 15.29 -3.78
C LYS B 307 -10.64 14.51 -3.76
N GLU B 308 -11.14 14.24 -4.96
CA GLU B 308 -12.40 13.54 -5.19
C GLU B 308 -12.14 12.49 -6.27
N VAL B 309 -12.48 11.23 -5.98
CA VAL B 309 -12.32 10.13 -6.95
C VAL B 309 -13.54 9.92 -7.83
N CYS B 310 -14.63 10.60 -7.51
CA CYS B 310 -15.84 10.54 -8.32
C CYS B 310 -16.68 11.78 -8.12
N GLY B 311 -17.73 11.89 -8.93
CA GLY B 311 -18.69 12.95 -8.78
C GLY B 311 -19.97 12.65 -9.52
N ASP B 312 -20.80 13.67 -9.67
CA ASP B 312 -21.91 13.62 -10.59
C ASP B 312 -21.29 13.46 -11.98
N SER B 313 -21.71 12.40 -12.69
CA SER B 313 -21.32 12.14 -14.09
C SER B 313 -19.86 11.67 -14.34
N PHE B 314 -19.08 11.43 -13.30
CA PHE B 314 -17.72 10.91 -13.50
C PHE B 314 -17.19 10.02 -12.39
N VAL B 315 -16.15 9.27 -12.75
CA VAL B 315 -15.37 8.49 -11.82
C VAL B 315 -13.92 8.46 -12.31
N LEU B 316 -12.99 8.40 -11.37
CA LEU B 316 -11.57 8.20 -11.67
C LEU B 316 -11.19 6.78 -11.27
N ILE B 317 -10.43 6.09 -12.14
CA ILE B 317 -9.89 4.76 -11.86
C ILE B 317 -8.43 4.69 -12.29
N GLY B 318 -7.73 3.68 -11.79
CA GLY B 318 -6.31 3.51 -12.09
C GLY B 318 -5.49 4.68 -11.59
N ASP B 319 -4.35 4.90 -12.21
CA ASP B 319 -3.43 5.96 -11.78
C ASP B 319 -4.02 7.36 -11.88
N ALA B 320 -5.00 7.55 -12.76
CA ALA B 320 -5.79 8.78 -12.81
C ALA B 320 -6.50 9.13 -11.49
N ALA B 321 -6.77 8.11 -10.67
CA ALA B 321 -7.33 8.30 -9.32
C ALA B 321 -6.29 8.50 -8.24
N ARG B 322 -5.12 7.89 -8.40
CA ARG B 322 -4.09 7.87 -7.35
C ARG B 322 -2.87 7.10 -7.83
N PHE B 323 -1.68 7.56 -7.48
CA PHE B 323 -0.48 6.71 -7.52
C PHE B 323 0.47 7.10 -6.40
N VAL B 324 1.09 6.08 -5.79
CA VAL B 324 1.95 6.25 -4.61
C VAL B 324 3.41 5.98 -5.00
N ASP B 325 3.75 4.70 -5.23
CA ASP B 325 5.13 4.27 -5.50
C ASP B 325 5.19 2.79 -5.97
N PRO B 326 6.09 2.47 -6.92
CA PRO B 326 6.16 1.14 -7.54
C PRO B 326 7.01 0.05 -6.86
N ILE B 327 7.12 0.08 -5.53
CA ILE B 327 7.95 -0.90 -4.82
C ILE B 327 7.32 -2.28 -4.91
N PHE B 328 6.02 -2.32 -4.63
CA PHE B 328 5.27 -3.57 -4.58
C PHE B 328 4.57 -3.91 -5.89
N SER B 329 4.87 -3.13 -6.93
CA SER B 329 4.56 -3.49 -8.31
C SER B 329 3.07 -3.83 -8.49
N SER B 330 2.23 -2.99 -7.90
CA SER B 330 0.78 -3.23 -7.79
C SER B 330 -0.13 -2.24 -8.56
N GLY B 331 0.45 -1.26 -9.23
CA GLY B 331 -0.36 -0.22 -9.89
C GLY B 331 -1.30 -0.73 -10.97
N VAL B 332 -0.82 -1.72 -11.73
CA VAL B 332 -1.66 -2.42 -12.71
C VAL B 332 -2.80 -3.20 -12.00
N SER B 333 -2.50 -3.77 -10.84
CA SER B 333 -3.52 -4.44 -10.01
C SER B 333 -4.56 -3.48 -9.43
N VAL B 334 -4.13 -2.30 -9.00
CA VAL B 334 -5.07 -1.26 -8.54
C VAL B 334 -5.94 -0.82 -9.71
N ALA B 335 -5.31 -0.64 -10.88
CA ALA B 335 -6.01 -0.27 -12.13
C ALA B 335 -7.09 -1.26 -12.53
N LEU B 336 -6.74 -2.55 -12.59
CA LEU B 336 -7.71 -3.59 -12.95
C LEU B 336 -8.86 -3.60 -11.95
N ASN B 337 -8.50 -3.72 -10.67
CA ASN B 337 -9.48 -3.86 -9.59
C ASN B 337 -10.33 -2.62 -9.32
N SER B 338 -9.76 -1.43 -9.51
CA SER B 338 -10.54 -0.18 -9.45
C SER B 338 -11.62 -0.16 -10.55
N ALA B 339 -11.19 -0.44 -11.78
CA ALA B 339 -12.12 -0.62 -12.92
C ALA B 339 -13.19 -1.68 -12.64
N ARG B 340 -12.78 -2.81 -12.07
CA ARG B 340 -13.71 -3.91 -11.72
C ARG B 340 -14.81 -3.43 -10.78
N ILE B 341 -14.39 -2.84 -9.67
CA ILE B 341 -15.31 -2.38 -8.63
C ILE B 341 -16.20 -1.26 -9.19
N ALA B 342 -15.55 -0.25 -9.78
CA ALA B 342 -16.24 0.91 -10.36
C ALA B 342 -17.30 0.51 -11.38
N SER B 343 -16.97 -0.45 -12.25
CA SER B 343 -17.92 -0.95 -13.25
C SER B 343 -19.21 -1.50 -12.63
N GLY B 344 -19.10 -2.15 -11.47
CA GLY B 344 -20.27 -2.67 -10.73
C GLY B 344 -21.29 -1.59 -10.42
N ASP B 345 -20.80 -0.46 -9.92
CA ASP B 345 -21.63 0.71 -9.62
C ASP B 345 -22.10 1.45 -10.88
N ILE B 346 -21.29 1.42 -11.94
CA ILE B 346 -21.63 2.00 -13.23
C ILE B 346 -22.64 1.15 -14.00
N ILE B 347 -22.51 -0.17 -13.90
CA ILE B 347 -23.48 -1.09 -14.50
C ILE B 347 -24.88 -0.84 -13.93
N GLU B 348 -24.95 -0.67 -12.61
CA GLU B 348 -26.22 -0.39 -11.93
C GLU B 348 -26.67 1.09 -12.07
N ALA B 349 -25.72 2.00 -12.32
CA ALA B 349 -26.04 3.39 -12.66
C ALA B 349 -26.82 3.51 -13.98
N VAL B 350 -26.26 2.97 -15.07
CA VAL B 350 -26.95 3.01 -16.39
C VAL B 350 -28.30 2.27 -16.41
N LYS B 351 -28.41 1.19 -15.63
CA LYS B 351 -29.65 0.43 -15.46
C LYS B 351 -30.70 1.29 -14.77
N ASN B 352 -30.35 1.83 -13.61
CA ASN B 352 -31.20 2.77 -12.88
C ASN B 352 -31.37 4.12 -13.58
N ASN B 353 -30.41 4.48 -14.43
CA ASN B 353 -30.34 5.79 -15.11
C ASN B 353 -30.19 6.90 -14.07
N ASP B 354 -29.09 6.80 -13.33
CA ASP B 354 -28.74 7.72 -12.26
C ASP B 354 -27.22 7.74 -12.15
N PHE B 355 -26.64 8.92 -12.38
CA PHE B 355 -25.19 9.09 -12.44
C PHE B 355 -24.68 10.15 -11.46
N SER B 356 -25.45 10.43 -10.42
CA SER B 356 -24.97 11.21 -9.28
C SER B 356 -23.99 10.38 -8.44
N LYS B 357 -23.31 11.05 -7.50
CA LYS B 357 -22.36 10.39 -6.60
C LYS B 357 -22.93 9.20 -5.85
N SER B 358 -24.16 9.36 -5.33
CA SER B 358 -24.91 8.31 -4.63
C SER B 358 -24.67 6.90 -5.18
N SER B 359 -24.71 6.79 -6.51
CA SER B 359 -24.52 5.52 -7.21
C SER B 359 -23.09 4.97 -7.11
N PHE B 360 -22.09 5.86 -7.18
CA PHE B 360 -20.67 5.47 -7.05
C PHE B 360 -20.14 5.46 -5.60
N THR B 361 -21.04 5.53 -4.62
CA THR B 361 -20.67 5.54 -3.20
C THR B 361 -19.83 4.33 -2.77
N HIS B 362 -20.19 3.15 -3.29
CA HIS B 362 -19.55 1.90 -2.91
C HIS B 362 -18.13 1.81 -3.47
N TYR B 363 -17.96 2.17 -4.73
CA TYR B 363 -16.63 2.20 -5.36
C TYR B 363 -15.68 3.11 -4.59
N GLU B 364 -16.14 4.32 -4.30
CA GLU B 364 -15.36 5.31 -3.54
C GLU B 364 -14.87 4.76 -2.21
N GLY B 365 -15.78 4.15 -1.46
CA GLY B 365 -15.45 3.56 -0.15
C GLY B 365 -14.41 2.46 -0.21
N MET B 366 -14.56 1.57 -1.20
CA MET B 366 -13.64 0.47 -1.43
C MET B 366 -12.27 0.97 -1.91
N ILE B 367 -12.28 1.84 -2.92
CA ILE B 367 -11.02 2.36 -3.48
C ILE B 367 -10.25 3.23 -2.49
N ARG B 368 -10.94 4.10 -1.76
CA ARG B 368 -10.27 4.97 -0.77
C ARG B 368 -9.62 4.18 0.35
N ASN B 369 -10.28 3.11 0.79
CA ASN B 369 -9.68 2.16 1.74
C ASN B 369 -8.59 1.29 1.10
N GLY B 370 -8.79 0.96 -0.17
CA GLY B 370 -7.77 0.28 -0.98
C GLY B 370 -6.47 1.05 -1.07
N ILE B 371 -6.57 2.37 -1.22
CA ILE B 371 -5.39 3.26 -1.19
C ILE B 371 -4.84 3.39 0.23
N LYS B 372 -5.74 3.59 1.21
CA LYS B 372 -5.33 3.85 2.60
C LYS B 372 -4.40 2.77 3.16
N ASN B 373 -4.75 1.51 2.93
CA ASN B 373 -3.91 0.38 3.30
C ASN B 373 -2.63 0.34 2.46
N TRP B 374 -2.81 0.45 1.14
CA TRP B 374 -1.71 0.44 0.16
C TRP B 374 -0.66 1.52 0.41
N TYR B 375 -1.12 2.69 0.86
CA TYR B 375 -0.25 3.83 1.16
C TYR B 375 0.62 3.58 2.39
N GLU B 376 0.02 3.08 3.47
CA GLU B 376 0.72 2.82 4.74
C GLU B 376 1.85 1.83 4.55
N PHE B 377 1.52 0.71 3.90
CA PHE B 377 2.49 -0.34 3.58
C PHE B 377 3.74 0.20 2.88
N ILE B 378 3.54 1.08 1.90
CA ILE B 378 4.63 1.69 1.13
C ILE B 378 5.48 2.62 1.98
N THR B 379 4.83 3.50 2.74
CA THR B 379 5.53 4.41 3.65
C THR B 379 6.29 3.63 4.72
N LEU B 380 5.65 2.59 5.25
CA LEU B 380 6.28 1.69 6.23
C LEU B 380 7.42 0.86 5.67
N TYR B 381 7.35 0.51 4.39
CA TYR B 381 8.46 -0.17 3.71
C TYR B 381 9.68 0.72 3.67
N TYR B 382 9.51 1.95 3.18
CA TYR B 382 10.60 2.90 3.04
C TYR B 382 11.25 3.26 4.38
N ARG B 383 10.44 3.28 5.44
CA ARG B 383 10.95 3.51 6.80
C ARG B 383 11.78 2.32 7.31
N LEU B 384 11.33 1.10 7.02
CA LEU B 384 12.10 -0.12 7.33
C LEU B 384 13.35 -0.29 6.47
N ASN B 385 13.26 0.09 5.19
CA ASN B 385 14.37 -0.10 4.24
C ASN B 385 14.75 -1.60 4.17
N ILE B 386 16.03 -1.96 4.36
CA ILE B 386 16.48 -3.37 4.32
C ILE B 386 15.89 -4.22 5.43
N LEU B 387 15.55 -3.59 6.56
CA LEU B 387 14.93 -4.28 7.70
C LEU B 387 13.54 -4.83 7.39
N PHE B 388 12.92 -4.34 6.31
CA PHE B 388 11.69 -4.92 5.75
C PHE B 388 11.73 -6.44 5.57
N THR B 389 12.92 -6.96 5.21
CA THR B 389 13.13 -8.39 4.97
C THR B 389 12.80 -9.31 6.16
N ALA B 390 12.95 -8.80 7.38
CA ALA B 390 12.59 -9.54 8.59
C ALA B 390 11.09 -9.87 8.66
N PHE B 391 10.25 -8.90 8.31
CA PHE B 391 8.79 -9.09 8.25
C PHE B 391 8.32 -10.02 7.12
N VAL B 392 9.08 -10.07 6.03
CA VAL B 392 8.87 -11.06 4.97
C VAL B 392 9.28 -12.45 5.49
N GLN B 393 10.43 -12.53 6.13
CA GLN B 393 11.04 -13.80 6.52
C GLN B 393 10.40 -14.50 7.75
N ASP B 394 9.91 -13.71 8.71
CA ASP B 394 9.37 -14.26 9.97
C ASP B 394 7.99 -14.92 9.77
N PRO B 395 7.82 -16.19 10.24
CA PRO B 395 6.52 -16.91 10.14
C PRO B 395 5.29 -16.18 10.69
N ARG B 396 5.47 -15.28 11.66
CA ARG B 396 4.37 -14.47 12.20
C ARG B 396 3.82 -13.47 11.18
N TYR B 397 4.71 -12.71 10.56
CA TYR B 397 4.32 -11.58 9.70
C TYR B 397 4.29 -11.92 8.21
N ARG B 398 4.76 -13.11 7.84
CA ARG B 398 4.97 -13.48 6.45
C ARG B 398 3.71 -13.47 5.60
N LEU B 399 2.72 -14.27 5.98
CA LEU B 399 1.51 -14.45 5.17
C LEU B 399 0.61 -13.21 5.15
N ASP B 400 0.53 -12.50 6.27
CA ASP B 400 -0.16 -11.21 6.32
C ASP B 400 0.56 -10.13 5.48
N ILE B 401 1.88 -10.22 5.38
CA ILE B 401 2.66 -9.39 4.44
C ILE B 401 2.44 -9.87 3.00
N LEU B 402 2.45 -11.18 2.79
CA LEU B 402 2.21 -11.79 1.47
C LEU B 402 0.86 -11.37 0.89
N GLN B 403 -0.15 -11.23 1.75
CA GLN B 403 -1.46 -10.71 1.38
C GLN B 403 -1.34 -9.35 0.68
N LEU B 404 -0.64 -8.44 1.34
CA LEU B 404 -0.38 -7.09 0.81
C LEU B 404 0.39 -7.10 -0.50
N LEU B 405 1.42 -7.94 -0.57
CA LEU B 405 2.20 -8.13 -1.81
C LEU B 405 1.35 -8.73 -2.93
N GLN B 406 0.43 -9.62 -2.56
CA GLN B 406 -0.49 -10.27 -3.50
C GLN B 406 -1.57 -9.36 -4.08
N GLY B 407 -1.83 -8.22 -3.44
CA GLY B 407 -2.80 -7.24 -3.94
C GLY B 407 -4.24 -7.41 -3.47
N ASP B 408 -4.48 -8.28 -2.49
CA ASP B 408 -5.76 -8.32 -1.76
C ASP B 408 -5.75 -7.22 -0.70
N VAL B 409 -6.31 -6.07 -1.07
CA VAL B 409 -6.23 -4.84 -0.25
C VAL B 409 -7.61 -4.17 -0.06
N TYR B 410 -8.69 -4.87 -0.42
CA TYR B 410 -10.03 -4.25 -0.54
C TYR B 410 -11.05 -4.71 0.51
N SER B 411 -10.80 -4.37 1.77
CA SER B 411 -11.73 -4.65 2.91
C SER B 411 -11.22 -4.22 4.30
N GLY B 412 -9.96 -4.52 4.59
CA GLY B 412 -9.36 -4.20 5.90
C GLY B 412 -9.84 -5.11 7.00
N LEU B 415 -5.75 -4.88 8.53
CA LEU B 415 -4.51 -5.63 8.30
C LEU B 415 -3.52 -5.39 9.44
N GLU B 416 -3.38 -6.39 10.31
CA GLU B 416 -2.67 -6.24 11.59
C GLU B 416 -1.15 -6.05 11.49
N VAL B 417 -0.52 -6.65 10.48
CA VAL B 417 0.92 -6.43 10.26
C VAL B 417 1.31 -4.95 10.24
N LEU B 418 0.49 -4.12 9.58
CA LEU B 418 0.74 -2.68 9.50
C LEU B 418 0.93 -2.04 10.88
N ASP B 419 0.10 -2.41 11.84
CA ASP B 419 0.26 -1.98 13.23
C ASP B 419 1.53 -2.56 13.88
N LYS B 420 1.78 -3.85 13.64
CA LYS B 420 2.98 -4.52 14.16
C LYS B 420 4.29 -4.01 13.56
N MET B 421 4.24 -3.48 12.33
CA MET B 421 5.37 -2.75 11.75
C MET B 421 5.54 -1.42 12.48
N ARG B 422 4.43 -0.68 12.61
CA ARG B 422 4.39 0.63 13.31
C ARG B 422 5.05 0.59 14.69
N GLU B 423 4.65 -0.37 15.51
CA GLU B 423 5.22 -0.56 16.85
C GLU B 423 6.71 -0.87 16.84
N ILE B 424 7.10 -1.76 15.91
CA ILE B 424 8.49 -2.19 15.76
C ILE B 424 9.34 -1.10 15.06
N ILE B 425 8.71 -0.23 14.28
CA ILE B 425 9.37 0.98 13.78
C ILE B 425 9.58 1.96 14.93
N ALA B 426 8.49 2.27 15.62
CA ALA B 426 8.45 3.31 16.65
C ALA B 426 9.38 3.05 17.84
N ALA B 427 9.36 1.82 18.33
CA ALA B 427 10.26 1.40 19.43
C ALA B 427 11.74 1.54 19.06
N VAL B 428 12.04 1.38 17.76
CA VAL B 428 13.39 1.55 17.21
C VAL B 428 13.70 3.01 16.98
N GLU B 429 12.80 3.69 16.28
CA GLU B 429 12.98 5.10 15.92
C GLU B 429 13.47 5.96 17.06
N SER B 430 12.75 5.90 18.18
CA SER B 430 13.04 6.70 19.37
C SER B 430 14.52 6.71 19.72
N ASP B 431 15.03 5.56 20.15
CA ASP B 431 16.38 5.41 20.67
C ASP B 431 17.37 5.30 19.50
N PRO B 432 18.17 6.37 19.22
CA PRO B 432 19.20 6.17 18.19
C PRO B 432 20.34 5.20 18.60
N GLU B 433 20.30 4.72 19.85
CA GLU B 433 21.19 3.66 20.32
C GLU B 433 20.81 2.29 19.76
N HIS B 434 19.53 2.11 19.42
CA HIS B 434 19.00 0.84 18.93
C HIS B 434 19.88 0.38 17.78
N LEU B 435 20.16 -0.92 17.76
CA LEU B 435 21.12 -1.49 16.80
C LEU B 435 20.59 -1.30 15.37
N TRP B 436 19.30 -1.59 15.21
CA TRP B 436 18.53 -1.37 13.97
C TRP B 436 18.41 0.09 13.47
N HIS B 437 18.69 1.09 14.32
CA HIS B 437 18.34 2.49 14.04
C HIS B 437 18.90 3.09 12.75
N LYS B 438 20.22 3.03 12.58
CA LYS B 438 20.90 3.66 11.43
C LYS B 438 20.51 3.06 10.06
N TYR B 439 19.92 1.86 10.08
CA TYR B 439 19.44 1.18 8.86
C TYR B 439 18.08 1.69 8.36
N LEU B 440 17.34 2.42 9.19
CA LEU B 440 16.02 2.96 8.82
C LEU B 440 16.12 4.03 7.75
N GLY B 441 14.96 4.44 7.22
CA GLY B 441 14.90 5.47 6.17
C GLY B 441 13.63 6.29 6.23
N SER C 5 -8.88 26.98 -45.78
CA SER C 5 -7.97 27.86 -44.99
C SER C 5 -7.46 27.13 -43.75
N ASP C 6 -6.12 26.97 -43.67
CA ASP C 6 -5.43 26.16 -42.64
C ASP C 6 -5.67 24.67 -42.87
N HIS C 7 -4.61 23.97 -43.26
CA HIS C 7 -4.68 22.55 -43.63
C HIS C 7 -4.09 21.68 -42.50
N ASP C 8 -4.89 20.71 -42.06
CA ASP C 8 -4.54 19.85 -40.92
C ASP C 8 -3.37 18.92 -41.22
N TYR C 9 -3.40 18.31 -42.41
CA TYR C 9 -2.35 17.41 -42.88
C TYR C 9 -2.08 17.66 -44.36
N ASP C 10 -0.91 17.20 -44.81
CA ASP C 10 -0.54 17.28 -46.23
C ASP C 10 -1.31 16.21 -47.00
N VAL C 11 -1.13 14.97 -46.59
CA VAL C 11 -1.70 13.82 -47.27
C VAL C 11 -2.54 13.04 -46.27
N VAL C 12 -3.81 12.87 -46.56
CA VAL C 12 -4.69 12.03 -45.74
C VAL C 12 -4.82 10.67 -46.42
N ILE C 13 -4.52 9.61 -45.67
CA ILE C 13 -4.65 8.24 -46.17
C ILE C 13 -5.91 7.59 -45.59
N ILE C 14 -6.81 7.17 -46.48
CA ILE C 14 -8.01 6.44 -46.10
C ILE C 14 -7.64 4.97 -46.04
N GLY C 15 -7.75 4.37 -44.85
CA GLY C 15 -7.43 2.96 -44.62
C GLY C 15 -5.99 2.74 -44.22
N GLY C 16 -5.77 1.81 -43.29
CA GLY C 16 -4.45 1.59 -42.65
C GLY C 16 -3.83 0.22 -42.87
N GLY C 17 -4.12 -0.40 -44.00
CA GLY C 17 -3.57 -1.72 -44.36
C GLY C 17 -2.18 -1.57 -44.95
N PRO C 18 -1.63 -2.66 -45.53
CA PRO C 18 -0.31 -2.66 -46.16
C PRO C 18 -0.06 -1.58 -47.21
N ALA C 19 -1.10 -1.18 -47.93
CA ALA C 19 -1.05 0.00 -48.80
C ALA C 19 -0.90 1.26 -47.97
N GLY C 20 -1.81 1.42 -47.01
CA GLY C 20 -1.91 2.62 -46.17
C GLY C 20 -0.75 2.84 -45.22
N SER C 21 -0.27 1.76 -44.61
CA SER C 21 0.87 1.82 -43.69
C SER C 21 2.15 2.15 -44.43
N THR C 22 2.37 1.48 -45.56
CA THR C 22 3.53 1.71 -46.42
C THR C 22 3.59 3.14 -46.94
N MET C 23 2.46 3.63 -47.47
CA MET C 23 2.33 5.02 -47.90
C MET C 23 2.69 5.98 -46.77
N ALA C 24 2.08 5.75 -45.62
CA ALA C 24 2.30 6.55 -44.40
C ALA C 24 3.72 6.50 -43.85
N SER C 25 4.39 5.36 -44.06
CA SER C 25 5.79 5.21 -43.68
C SER C 25 6.69 6.07 -44.57
N TYR C 26 6.56 5.93 -45.88
CA TYR C 26 7.33 6.72 -46.86
C TYR C 26 7.17 8.24 -46.71
N LEU C 27 5.92 8.69 -46.59
CA LEU C 27 5.61 10.13 -46.54
C LEU C 27 6.08 10.80 -45.25
N ALA C 28 5.91 10.11 -44.12
CA ALA C 28 6.44 10.56 -42.83
C ALA C 28 7.97 10.57 -42.80
N LYS C 29 8.57 9.56 -43.44
CA LYS C 29 10.03 9.43 -43.55
C LYS C 29 10.67 10.44 -44.53
N ALA C 30 9.87 11.13 -45.33
CA ALA C 30 10.37 12.11 -46.31
C ALA C 30 9.78 13.52 -46.11
N GLY C 31 9.54 13.89 -44.85
CA GLY C 31 9.13 15.27 -44.52
C GLY C 31 7.64 15.58 -44.45
N VAL C 32 6.82 14.74 -45.07
CA VAL C 32 5.42 15.08 -45.36
C VAL C 32 4.55 14.71 -44.17
N LYS C 33 3.83 15.68 -43.63
CA LYS C 33 2.90 15.43 -42.52
C LYS C 33 1.63 14.75 -43.02
N CYS C 34 1.55 13.43 -42.82
CA CYS C 34 0.41 12.64 -43.27
C CYS C 34 -0.28 11.94 -42.10
N ALA C 35 -1.55 11.57 -42.33
CA ALA C 35 -2.36 10.87 -41.34
C ALA C 35 -3.00 9.62 -41.96
N VAL C 36 -3.14 8.58 -41.14
CA VAL C 36 -3.85 7.36 -41.52
C VAL C 36 -5.17 7.30 -40.77
N PHE C 37 -6.26 7.14 -41.51
CA PHE C 37 -7.56 6.85 -40.94
C PHE C 37 -7.94 5.43 -41.25
N GLU C 38 -7.80 4.57 -40.25
CA GLU C 38 -8.19 3.17 -40.32
C GLU C 38 -9.50 3.02 -39.56
N LYS C 39 -10.50 2.43 -40.20
CA LYS C 39 -11.84 2.27 -39.59
C LYS C 39 -11.88 1.18 -38.51
N GLU C 40 -11.03 0.17 -38.64
CA GLU C 40 -11.00 -0.96 -37.70
C GLU C 40 -9.97 -0.80 -36.58
N LEU C 41 -10.23 -1.53 -35.49
CA LEU C 41 -9.27 -1.69 -34.41
C LEU C 41 -8.42 -2.92 -34.74
N PHE C 42 -7.11 -2.72 -34.84
CA PHE C 42 -6.16 -3.82 -35.07
C PHE C 42 -5.80 -4.47 -33.72
N GLU C 43 -5.41 -5.74 -33.67
CA GLU C 43 -5.34 -6.66 -34.80
C GLU C 43 -6.71 -7.04 -35.32
N ARG C 44 -6.80 -7.12 -36.65
CA ARG C 44 -8.07 -7.27 -37.38
C ARG C 44 -7.84 -8.33 -38.46
N GLU C 45 -8.66 -9.38 -38.46
CA GLU C 45 -8.50 -10.52 -39.39
C GLU C 45 -8.65 -10.08 -40.84
N HIS C 46 -7.92 -10.74 -41.74
CA HIS C 46 -7.85 -10.32 -43.13
C HIS C 46 -7.22 -11.40 -44.01
N VAL C 47 -7.86 -11.68 -45.14
CA VAL C 47 -7.34 -12.64 -46.10
C VAL C 47 -6.13 -12.07 -46.82
N GLY C 48 -5.22 -12.94 -47.21
CA GLY C 48 -4.09 -12.57 -48.07
C GLY C 48 -2.75 -12.72 -47.40
N GLU C 49 -2.36 -13.97 -47.17
CA GLU C 49 -1.33 -14.30 -46.19
C GLU C 49 0.08 -14.55 -46.74
N SER C 50 0.19 -15.20 -47.89
CA SER C 50 1.49 -15.58 -48.43
C SER C 50 2.10 -14.43 -49.19
N LEU C 51 3.20 -13.87 -48.66
CA LEU C 51 3.89 -12.75 -49.32
C LEU C 51 4.75 -13.20 -50.50
N VAL C 52 5.20 -12.22 -51.27
CA VAL C 52 6.01 -12.43 -52.48
C VAL C 52 7.23 -11.49 -52.39
N PRO C 53 8.44 -11.98 -52.75
CA PRO C 53 9.69 -11.27 -52.43
C PRO C 53 9.92 -9.86 -53.02
N ALA C 54 9.03 -9.37 -53.89
CA ALA C 54 9.01 -7.94 -54.26
C ALA C 54 8.51 -7.05 -53.11
N THR C 55 7.99 -7.65 -52.04
CA THR C 55 7.73 -6.95 -50.77
C THR C 55 9.02 -6.51 -50.07
N THR C 56 9.99 -7.43 -49.98
CA THR C 56 11.20 -7.25 -49.17
C THR C 56 12.02 -5.97 -49.43
N PRO C 57 12.16 -5.52 -50.70
CA PRO C 57 12.78 -4.21 -50.94
C PRO C 57 12.04 -3.04 -50.29
N VAL C 58 10.71 -3.11 -50.26
CA VAL C 58 9.88 -2.07 -49.63
C VAL C 58 9.99 -2.17 -48.11
N LEU C 59 9.83 -3.39 -47.59
CA LEU C 59 9.93 -3.66 -46.14
C LEU C 59 11.25 -3.16 -45.54
N LEU C 60 12.34 -3.40 -46.26
CA LEU C 60 13.65 -2.87 -45.90
C LEU C 60 13.68 -1.35 -46.00
N GLU C 61 13.25 -0.82 -47.15
CA GLU C 61 13.32 0.62 -47.43
C GLU C 61 12.62 1.50 -46.38
N ILE C 62 11.47 1.04 -45.86
CA ILE C 62 10.75 1.78 -44.80
C ILE C 62 11.30 1.54 -43.39
N GLY C 63 12.09 0.48 -43.22
CA GLY C 63 12.84 0.22 -41.99
C GLY C 63 12.13 -0.65 -40.96
N VAL C 64 11.25 -1.52 -41.44
CA VAL C 64 10.38 -2.35 -40.58
C VAL C 64 10.69 -3.84 -40.70
N MET C 65 11.85 -4.18 -41.25
CA MET C 65 12.15 -5.57 -41.61
C MET C 65 12.43 -6.42 -40.37
N GLU C 66 13.30 -5.94 -39.50
CA GLU C 66 13.60 -6.65 -38.23
C GLU C 66 12.38 -6.73 -37.30
N LYS C 67 11.47 -5.76 -37.41
CA LYS C 67 10.18 -5.80 -36.68
C LYS C 67 9.28 -6.95 -37.15
N ILE C 68 9.33 -7.23 -38.46
CA ILE C 68 8.61 -8.36 -39.06
C ILE C 68 9.26 -9.70 -38.73
N GLU C 69 10.59 -9.74 -38.70
CA GLU C 69 11.32 -10.95 -38.31
C GLU C 69 11.02 -11.36 -36.87
N LYS C 70 10.92 -10.38 -35.97
CA LYS C 70 10.54 -10.59 -34.57
C LYS C 70 9.17 -11.27 -34.38
N ALA C 71 8.26 -11.05 -35.33
CA ALA C 71 6.94 -11.69 -35.32
C ALA C 71 6.96 -13.20 -35.57
N ASN C 72 8.07 -13.72 -36.09
CA ASN C 72 8.31 -15.17 -36.24
C ASN C 72 7.30 -15.82 -37.20
N PHE C 73 7.16 -15.23 -38.38
CA PHE C 73 6.31 -15.77 -39.42
C PHE C 73 7.01 -16.96 -40.09
N PRO C 74 6.25 -18.01 -40.49
CA PRO C 74 6.85 -19.11 -41.25
C PRO C 74 7.49 -18.63 -42.55
N LYS C 75 8.73 -19.07 -42.79
CA LYS C 75 9.50 -18.61 -43.95
C LYS C 75 9.03 -19.27 -45.24
N LYS C 76 8.92 -18.44 -46.27
CA LYS C 76 8.55 -18.88 -47.62
C LYS C 76 9.79 -18.74 -48.49
N PHE C 77 10.53 -19.84 -48.61
CA PHE C 77 11.70 -19.89 -49.50
C PHE C 77 11.28 -19.98 -50.98
N GLY C 78 10.04 -20.38 -51.22
CA GLY C 78 9.51 -20.52 -52.58
C GLY C 78 8.05 -20.93 -52.61
N ALA C 79 7.64 -21.50 -53.74
CA ALA C 79 6.25 -21.91 -54.00
C ALA C 79 6.19 -23.29 -54.64
N ALA C 80 4.97 -23.83 -54.73
CA ALA C 80 4.73 -25.12 -55.36
C ALA C 80 3.31 -25.26 -55.89
N TRP C 81 3.17 -26.12 -56.90
CA TRP C 81 1.89 -26.48 -57.51
C TRP C 81 1.80 -28.00 -57.60
N THR C 82 0.68 -28.56 -57.16
CA THR C 82 0.46 -30.01 -57.17
C THR C 82 -0.92 -30.32 -57.76
N SER C 83 -1.07 -31.55 -58.26
CA SER C 83 -2.32 -32.00 -58.85
C SER C 83 -2.39 -33.53 -58.86
N ALA C 84 -3.49 -34.09 -58.34
CA ALA C 84 -3.70 -35.54 -58.30
C ALA C 84 -3.77 -36.10 -59.72
N ASP C 85 -4.58 -35.46 -60.56
CA ASP C 85 -4.65 -35.77 -61.99
C ASP C 85 -3.33 -35.43 -62.68
N SER C 86 -2.65 -36.46 -63.18
CA SER C 86 -1.51 -36.29 -64.07
C SER C 86 -2.01 -35.79 -65.43
N GLY C 87 -1.17 -35.01 -66.10
CA GLY C 87 -1.55 -34.38 -67.37
C GLY C 87 -1.39 -35.33 -68.54
N PRO C 88 -1.18 -34.80 -69.76
CA PRO C 88 -0.97 -35.67 -70.92
C PRO C 88 0.38 -36.39 -70.93
N GLU C 89 0.46 -37.47 -71.70
CA GLU C 89 1.64 -38.32 -71.77
C GLU C 89 2.69 -37.82 -72.78
N ASP C 90 2.27 -36.90 -73.65
CA ASP C 90 3.14 -36.38 -74.71
C ASP C 90 4.13 -35.33 -74.23
N LYS C 91 3.61 -34.25 -73.62
CA LYS C 91 4.40 -33.10 -73.15
C LYS C 91 5.07 -32.35 -74.32
N MET C 92 4.25 -31.86 -75.24
CA MET C 92 4.66 -31.20 -76.52
C MET C 92 6.01 -30.47 -76.52
N GLY C 93 7.09 -31.25 -76.62
CA GLY C 93 8.45 -30.73 -76.74
C GLY C 93 8.99 -29.91 -75.57
N PHE C 94 8.51 -30.19 -74.36
CA PHE C 94 8.99 -29.51 -73.15
C PHE C 94 10.13 -30.29 -72.49
N GLN C 95 11.21 -29.58 -72.18
CA GLN C 95 12.47 -30.20 -71.75
C GLN C 95 12.40 -30.72 -70.31
N GLY C 96 11.97 -29.85 -69.40
CA GLY C 96 11.93 -30.16 -67.96
C GLY C 96 10.54 -30.46 -67.42
N LEU C 97 10.31 -31.74 -67.10
CA LEU C 97 9.17 -32.18 -66.29
C LEU C 97 9.62 -33.40 -65.48
N ASP C 98 9.26 -33.45 -64.19
CA ASP C 98 9.68 -34.57 -63.33
C ASP C 98 8.56 -35.57 -62.99
N HIS C 99 7.38 -35.07 -62.61
CA HIS C 99 6.22 -35.92 -62.25
C HIS C 99 5.06 -35.85 -63.27
N ASP C 100 5.29 -35.22 -64.42
CA ASP C 100 4.29 -35.06 -65.49
C ASP C 100 3.04 -34.29 -65.03
N PHE C 101 3.20 -32.98 -64.87
CA PHE C 101 2.13 -32.05 -64.44
C PHE C 101 1.54 -32.33 -63.04
N ARG C 102 2.07 -33.33 -62.34
CA ARG C 102 1.50 -33.85 -61.10
C ARG C 102 2.03 -33.06 -59.91
N SER C 103 3.31 -32.69 -59.97
CA SER C 103 3.94 -31.80 -59.01
C SER C 103 4.98 -30.89 -59.68
N ALA C 104 5.12 -29.68 -59.15
CA ALA C 104 6.05 -28.68 -59.66
C ALA C 104 6.45 -27.73 -58.55
N GLU C 105 7.74 -27.40 -58.48
CA GLU C 105 8.32 -26.60 -57.40
C GLU C 105 9.25 -25.51 -57.94
N ILE C 106 9.35 -24.41 -57.19
CA ILE C 106 10.17 -23.25 -57.58
C ILE C 106 10.72 -22.57 -56.31
N LEU C 107 11.93 -22.03 -56.42
CA LEU C 107 12.64 -21.34 -55.33
C LEU C 107 12.86 -19.87 -55.70
N PHE C 108 12.72 -18.97 -54.72
CA PHE C 108 12.90 -17.53 -54.96
C PHE C 108 14.36 -17.10 -55.13
N ASN C 109 15.30 -17.83 -54.52
CA ASN C 109 16.73 -17.57 -54.70
C ASN C 109 17.24 -17.84 -56.13
N GLU C 110 16.53 -18.69 -56.88
CA GLU C 110 16.90 -19.06 -58.26
C GLU C 110 17.01 -17.89 -59.25
N ARG C 111 16.32 -16.78 -58.99
CA ARG C 111 16.53 -15.53 -59.72
C ARG C 111 16.88 -14.41 -58.73
N LYS C 112 17.94 -13.66 -59.03
CA LYS C 112 18.32 -12.49 -58.23
C LYS C 112 17.34 -11.33 -58.49
N GLN C 113 16.99 -10.62 -57.42
CA GLN C 113 15.97 -9.57 -57.46
C GLN C 113 16.52 -8.27 -56.90
N GLU C 114 16.32 -7.17 -57.63
CA GLU C 114 16.93 -5.88 -57.27
C GLU C 114 16.26 -5.28 -56.02
N GLY C 115 16.91 -5.49 -54.88
CA GLY C 115 16.40 -5.07 -53.57
C GLY C 115 16.45 -6.19 -52.54
N VAL C 116 16.30 -7.44 -52.99
CA VAL C 116 16.32 -8.60 -52.10
C VAL C 116 17.75 -8.87 -51.60
N ASP C 117 17.85 -9.28 -50.34
CA ASP C 117 19.12 -9.71 -49.73
C ASP C 117 18.88 -11.04 -49.00
N ARG C 118 18.09 -11.90 -49.64
CA ARG C 118 17.44 -13.01 -48.98
C ARG C 118 16.98 -14.06 -49.99
N ASP C 119 16.95 -15.30 -49.53
CA ASP C 119 16.36 -16.41 -50.29
C ASP C 119 14.86 -16.57 -50.03
N PHE C 120 14.34 -15.90 -49.00
CA PHE C 120 12.97 -16.08 -48.54
C PHE C 120 12.21 -14.77 -48.27
N THR C 121 10.88 -14.87 -48.31
CA THR C 121 9.96 -13.92 -47.70
C THR C 121 9.08 -14.74 -46.74
N PHE C 122 7.95 -14.22 -46.29
CA PHE C 122 7.15 -14.86 -45.24
C PHE C 122 5.71 -15.21 -45.64
N HIS C 123 5.14 -16.16 -44.91
CA HIS C 123 3.69 -16.35 -44.87
C HIS C 123 3.20 -15.69 -43.59
N VAL C 124 2.35 -14.67 -43.70
CA VAL C 124 1.98 -13.82 -42.55
C VAL C 124 0.54 -13.97 -42.08
N ASP C 125 0.36 -13.94 -40.76
CA ASP C 125 -0.90 -13.52 -40.14
C ASP C 125 -1.07 -12.07 -40.50
N ARG C 126 -2.13 -11.75 -41.23
CA ARG C 126 -2.38 -10.36 -41.65
C ARG C 126 -2.78 -9.45 -40.50
N GLY C 127 -3.41 -10.03 -39.46
CA GLY C 127 -3.73 -9.30 -38.24
C GLY C 127 -2.50 -8.70 -37.58
N LYS C 128 -1.51 -9.55 -37.33
CA LYS C 128 -0.22 -9.14 -36.77
C LYS C 128 0.53 -8.19 -37.70
N PHE C 129 0.69 -8.63 -38.94
CA PHE C 129 1.48 -7.95 -39.96
C PHE C 129 1.04 -6.50 -40.18
N ASP C 130 -0.24 -6.31 -40.45
CA ASP C 130 -0.81 -4.98 -40.74
C ASP C 130 -0.70 -4.02 -39.56
N ARG C 131 -0.81 -4.55 -38.34
CA ARG C 131 -0.56 -3.77 -37.11
C ARG C 131 0.91 -3.41 -36.95
N ILE C 132 1.78 -4.41 -37.09
CA ILE C 132 3.24 -4.21 -37.03
C ILE C 132 3.72 -3.18 -38.07
N LEU C 133 3.09 -3.16 -39.24
CA LEU C 133 3.39 -2.13 -40.25
C LEU C 133 2.81 -0.77 -39.87
N LEU C 134 1.56 -0.76 -39.39
CA LEU C 134 0.87 0.48 -39.03
C LEU C 134 1.49 1.15 -37.78
N GLU C 135 2.00 0.34 -36.86
CA GLU C 135 2.79 0.83 -35.73
C GLU C 135 4.08 1.51 -36.16
N HIS C 136 4.75 0.92 -37.16
CA HIS C 136 5.98 1.48 -37.71
C HIS C 136 5.73 2.78 -38.46
N ALA C 137 4.59 2.85 -39.16
CA ALA C 137 4.17 4.07 -39.84
C ALA C 137 3.99 5.21 -38.84
N GLY C 138 3.37 4.90 -37.70
CA GLY C 138 3.14 5.86 -36.63
C GLY C 138 4.42 6.41 -36.04
N SER C 139 5.33 5.52 -35.69
CA SER C 139 6.62 5.88 -35.09
C SER C 139 7.56 6.69 -36.01
N LEU C 140 7.46 6.47 -37.31
CA LEU C 140 8.23 7.25 -38.31
C LEU C 140 7.79 8.73 -38.41
N GLY C 141 6.55 9.02 -38.04
CA GLY C 141 6.04 10.39 -38.05
C GLY C 141 4.53 10.50 -38.25
N ALA C 142 3.98 9.64 -39.11
CA ALA C 142 2.59 9.72 -39.54
C ALA C 142 1.64 9.57 -38.36
N LYS C 143 0.59 10.38 -38.33
CA LYS C 143 -0.48 10.21 -37.34
C LYS C 143 -1.35 9.03 -37.77
N VAL C 144 -1.85 8.27 -36.80
CA VAL C 144 -2.73 7.13 -37.08
C VAL C 144 -3.92 7.13 -36.14
N PHE C 145 -5.11 7.07 -36.73
CA PHE C 145 -6.36 6.94 -35.98
C PHE C 145 -6.99 5.61 -36.33
N GLN C 146 -7.24 4.79 -35.30
CA GLN C 146 -8.04 3.57 -35.43
C GLN C 146 -9.43 3.82 -34.87
N GLY C 147 -10.38 3.05 -35.38
CA GLY C 147 -11.79 3.23 -35.05
C GLY C 147 -12.44 4.44 -35.70
N VAL C 148 -11.81 5.00 -36.72
CA VAL C 148 -12.27 6.24 -37.35
C VAL C 148 -12.37 6.01 -38.86
N GLU C 149 -13.60 6.06 -39.36
CA GLU C 149 -13.91 5.77 -40.77
C GLU C 149 -14.11 7.06 -41.56
N ILE C 150 -13.54 7.10 -42.76
CA ILE C 150 -13.77 8.19 -43.70
C ILE C 150 -15.03 7.91 -44.50
N ALA C 151 -16.05 8.75 -44.30
CA ALA C 151 -17.31 8.67 -45.05
C ALA C 151 -17.13 9.17 -46.47
N ASP C 152 -16.67 10.41 -46.62
CA ASP C 152 -16.56 11.06 -47.93
C ASP C 152 -15.34 11.96 -48.03
N VAL C 153 -15.09 12.44 -49.25
CA VAL C 153 -14.08 13.44 -49.53
C VAL C 153 -14.72 14.54 -50.39
N GLU C 154 -14.47 15.80 -50.03
CA GLU C 154 -14.86 16.96 -50.84
C GLU C 154 -13.63 17.46 -51.59
N PHE C 155 -13.77 17.65 -52.90
CA PHE C 155 -12.69 18.16 -53.76
C PHE C 155 -13.00 19.58 -54.20
N LEU C 156 -12.42 20.54 -53.50
CA LEU C 156 -12.65 21.96 -53.77
C LEU C 156 -11.74 22.50 -54.87
N SER C 157 -10.47 22.09 -54.84
CA SER C 157 -9.45 22.60 -55.77
C SER C 157 -8.22 21.67 -55.75
N PRO C 158 -7.37 21.72 -56.79
CA PRO C 158 -6.09 21.02 -56.71
C PRO C 158 -5.24 21.51 -55.52
N GLY C 159 -5.04 20.63 -54.54
CA GLY C 159 -4.33 20.95 -53.31
C GLY C 159 -5.19 21.58 -52.23
N ASN C 160 -6.50 21.30 -52.28
CA ASN C 160 -7.45 21.82 -51.29
C ASN C 160 -8.65 20.87 -51.14
N VAL C 161 -8.55 20.00 -50.13
CA VAL C 161 -9.53 18.94 -49.86
C VAL C 161 -10.12 19.13 -48.47
N ILE C 162 -11.32 18.58 -48.29
CA ILE C 162 -11.91 18.37 -46.98
C ILE C 162 -12.22 16.88 -46.89
N VAL C 163 -11.58 16.21 -45.93
CA VAL C 163 -11.87 14.81 -45.64
C VAL C 163 -12.86 14.78 -44.49
N ASN C 164 -13.95 14.04 -44.68
CA ASN C 164 -15.00 13.90 -43.67
C ASN C 164 -14.85 12.57 -42.92
N ALA C 165 -14.15 12.63 -41.80
CA ALA C 165 -13.99 11.48 -40.91
C ALA C 165 -15.17 11.41 -39.95
N LYS C 166 -15.42 10.23 -39.42
CA LYS C 166 -16.54 10.00 -38.50
C LYS C 166 -16.16 9.09 -37.34
N LEU C 167 -16.69 9.44 -36.16
CA LEU C 167 -16.55 8.67 -34.94
C LEU C 167 -17.96 8.31 -34.49
N GLY C 168 -18.46 7.17 -34.93
CA GLY C 168 -19.87 6.82 -34.80
C GLY C 168 -20.68 7.70 -35.75
N LYS C 169 -21.77 8.27 -35.26
CA LYS C 169 -22.55 9.27 -36.02
C LYS C 169 -21.88 10.66 -36.09
N ARG C 170 -20.93 10.93 -35.19
CA ARG C 170 -20.27 12.23 -35.14
C ARG C 170 -19.25 12.41 -36.25
N SER C 171 -19.25 13.60 -36.82
CA SER C 171 -18.55 13.91 -38.05
C SER C 171 -17.40 14.86 -37.73
N VAL C 172 -16.31 14.73 -38.49
CA VAL C 172 -15.10 15.53 -38.28
C VAL C 172 -14.58 16.03 -39.61
N GLU C 173 -14.65 17.34 -39.80
CA GLU C 173 -14.13 17.97 -41.01
C GLU C 173 -12.61 18.12 -40.88
N ILE C 174 -11.88 17.46 -41.78
CA ILE C 174 -10.41 17.41 -41.74
C ILE C 174 -9.87 18.00 -43.05
N LYS C 175 -9.43 19.26 -43.00
CA LYS C 175 -8.86 19.92 -44.17
C LYS C 175 -7.48 19.35 -44.51
N ALA C 176 -7.32 18.96 -45.77
CA ALA C 176 -6.05 18.44 -46.29
C ALA C 176 -5.79 18.98 -47.70
N LYS C 177 -4.59 18.69 -48.20
CA LYS C 177 -4.20 19.08 -49.58
C LYS C 177 -4.75 18.04 -50.54
N MET C 178 -4.33 16.79 -50.35
CA MET C 178 -4.78 15.65 -51.17
C MET C 178 -5.21 14.47 -50.29
N VAL C 179 -5.71 13.43 -50.94
CA VAL C 179 -6.02 12.16 -50.27
C VAL C 179 -5.42 10.97 -50.99
N VAL C 180 -5.12 9.93 -50.22
CA VAL C 180 -4.78 8.63 -50.77
C VAL C 180 -5.89 7.68 -50.36
N ASP C 181 -6.53 7.06 -51.34
CA ASP C 181 -7.44 5.96 -51.08
C ASP C 181 -6.58 4.72 -50.92
N ALA C 182 -6.30 4.37 -49.67
CA ALA C 182 -5.61 3.13 -49.33
C ALA C 182 -6.62 2.13 -48.80
N SER C 183 -7.83 2.17 -49.33
CA SER C 183 -8.86 1.23 -48.93
C SER C 183 -8.55 -0.12 -49.53
N GLY C 184 -9.30 -1.11 -49.10
CA GLY C 184 -9.14 -2.45 -49.62
C GLY C 184 -10.14 -2.63 -50.74
N ARG C 185 -10.91 -3.70 -50.65
CA ARG C 185 -12.07 -3.89 -51.48
C ARG C 185 -13.27 -3.03 -51.03
N ASN C 186 -13.11 -2.26 -49.96
CA ASN C 186 -14.09 -1.23 -49.61
C ASN C 186 -14.14 -0.11 -50.65
N VAL C 187 -13.03 0.14 -51.34
CA VAL C 187 -12.99 0.99 -52.55
C VAL C 187 -13.83 2.27 -52.37
N LEU C 188 -13.33 3.20 -51.55
CA LEU C 188 -14.13 4.39 -51.18
C LEU C 188 -14.28 5.35 -52.34
N LEU C 189 -13.16 5.84 -52.86
CA LEU C 189 -13.19 6.82 -53.95
C LEU C 189 -13.70 6.21 -55.26
N GLY C 190 -13.48 4.91 -55.45
CA GLY C 190 -14.04 4.19 -56.60
C GLY C 190 -15.56 4.16 -56.69
N ARG C 191 -16.22 4.06 -55.54
CA ARG C 191 -17.70 4.12 -55.47
C ARG C 191 -18.23 5.56 -55.42
N ARG C 192 -17.55 6.42 -54.66
CA ARG C 192 -17.93 7.82 -54.52
C ARG C 192 -17.81 8.57 -55.85
N LEU C 193 -16.63 8.45 -56.47
CA LEU C 193 -16.31 9.12 -57.73
C LEU C 193 -16.79 8.36 -58.98
N GLY C 194 -17.25 7.12 -58.80
CA GLY C 194 -17.78 6.31 -59.90
C GLY C 194 -16.71 5.68 -60.80
N LEU C 195 -15.53 5.44 -60.23
CA LEU C 195 -14.37 4.94 -60.98
C LEU C 195 -14.33 3.43 -61.14
N ARG C 196 -15.05 2.69 -60.31
CA ARG C 196 -14.96 1.23 -60.28
C ARG C 196 -15.55 0.61 -61.54
N GLU C 197 -14.71 -0.14 -62.26
CA GLU C 197 -15.15 -1.01 -63.35
C GLU C 197 -14.98 -2.48 -62.90
N LYS C 198 -16.10 -3.19 -62.76
CA LYS C 198 -16.09 -4.63 -62.45
C LYS C 198 -15.50 -5.37 -63.65
N ASP C 199 -14.67 -6.38 -63.37
CA ASP C 199 -13.95 -7.12 -64.41
C ASP C 199 -14.89 -8.11 -65.07
N PRO C 200 -15.03 -8.06 -66.41
CA PRO C 200 -16.01 -8.93 -67.08
C PRO C 200 -15.65 -10.42 -67.02
N VAL C 201 -14.39 -10.75 -67.29
CA VAL C 201 -13.96 -12.16 -67.42
C VAL C 201 -13.81 -12.87 -66.08
N PHE C 202 -13.18 -12.22 -65.11
CA PHE C 202 -12.92 -12.82 -63.79
C PHE C 202 -14.12 -12.68 -62.86
N ASN C 203 -14.74 -13.80 -62.55
CA ASN C 203 -15.77 -13.88 -61.52
C ASN C 203 -15.44 -15.03 -60.57
N GLN C 204 -14.31 -14.87 -59.89
CA GLN C 204 -13.77 -15.88 -58.96
C GLN C 204 -14.31 -15.72 -57.53
N PHE C 205 -14.13 -16.76 -56.74
CA PHE C 205 -14.85 -16.97 -55.50
C PHE C 205 -14.06 -17.87 -54.55
N ALA C 206 -13.68 -17.33 -53.39
CA ALA C 206 -12.81 -18.02 -52.44
C ALA C 206 -13.53 -18.34 -51.12
N ILE C 207 -13.55 -19.62 -50.76
CA ILE C 207 -13.97 -20.06 -49.41
C ILE C 207 -12.70 -20.48 -48.68
N HIS C 208 -12.55 -20.08 -47.41
CA HIS C 208 -11.30 -20.31 -46.67
C HIS C 208 -11.42 -20.16 -45.15
N SER C 209 -10.53 -20.85 -44.44
CA SER C 209 -10.40 -20.69 -42.99
C SER C 209 -9.03 -21.18 -42.48
N TRP C 210 -8.89 -21.23 -41.16
CA TRP C 210 -7.64 -21.62 -40.50
C TRP C 210 -7.74 -23.01 -39.85
N PHE C 211 -6.64 -23.77 -39.97
CA PHE C 211 -6.59 -25.16 -39.51
C PHE C 211 -5.36 -25.42 -38.63
N ASP C 212 -5.63 -25.64 -37.34
CA ASP C 212 -4.61 -25.87 -36.33
C ASP C 212 -4.30 -27.36 -36.26
N ASN C 213 -3.00 -27.68 -36.30
CA ASN C 213 -2.51 -29.06 -36.38
C ASN C 213 -2.96 -29.77 -37.67
N PHE C 214 -2.94 -29.02 -38.77
CA PHE C 214 -3.09 -29.59 -40.11
C PHE C 214 -1.74 -30.16 -40.50
N ASP C 215 -1.74 -31.42 -40.94
CA ASP C 215 -0.51 -32.09 -41.35
C ASP C 215 -0.08 -31.58 -42.73
N ARG C 216 0.92 -30.69 -42.74
CA ARG C 216 1.46 -30.11 -43.98
C ARG C 216 2.22 -31.11 -44.86
N LYS C 217 2.72 -32.19 -44.26
CA LYS C 217 3.37 -33.29 -44.99
C LYS C 217 2.43 -34.13 -45.86
N SER C 218 1.12 -33.96 -45.65
CA SER C 218 0.11 -34.47 -46.59
C SER C 218 0.31 -33.91 -48.02
N ALA C 219 0.85 -32.70 -48.12
CA ALA C 219 1.15 -32.06 -49.40
C ALA C 219 2.31 -32.69 -50.17
N THR C 220 3.44 -32.92 -49.49
CA THR C 220 4.68 -33.30 -50.18
C THR C 220 5.51 -34.38 -49.48
N GLN C 221 6.47 -34.93 -50.23
CA GLN C 221 7.38 -35.96 -49.72
C GLN C 221 8.43 -35.35 -48.79
N SER C 222 9.22 -34.43 -49.33
CA SER C 222 10.38 -33.89 -48.62
C SER C 222 9.99 -32.86 -47.54
N PRO C 223 10.77 -32.78 -46.44
CA PRO C 223 10.52 -31.78 -45.40
C PRO C 223 11.09 -30.39 -45.68
N ASP C 224 11.94 -30.26 -46.71
CA ASP C 224 12.49 -28.97 -47.14
C ASP C 224 11.40 -28.02 -47.63
N LYS C 225 10.43 -28.58 -48.35
CA LYS C 225 9.37 -27.80 -49.00
C LYS C 225 8.05 -27.77 -48.20
N VAL C 226 8.08 -28.21 -46.94
CA VAL C 226 6.85 -28.37 -46.14
C VAL C 226 6.12 -27.04 -45.83
N ASP C 227 6.88 -25.98 -45.63
CA ASP C 227 6.33 -24.63 -45.35
C ASP C 227 6.34 -23.76 -46.61
N TYR C 228 5.81 -24.30 -47.70
CA TYR C 228 5.64 -23.58 -48.96
C TYR C 228 4.18 -23.32 -49.23
N ILE C 229 3.93 -22.34 -50.09
CA ILE C 229 2.61 -22.17 -50.71
C ILE C 229 2.39 -23.33 -51.70
N PHE C 230 1.38 -24.16 -51.41
CA PHE C 230 0.96 -25.23 -52.31
C PHE C 230 -0.40 -24.93 -52.91
N ILE C 231 -0.40 -24.70 -54.22
CA ILE C 231 -1.62 -24.53 -55.00
C ILE C 231 -2.02 -25.93 -55.49
N HIS C 232 -3.13 -26.45 -54.96
CA HIS C 232 -3.62 -27.79 -55.28
C HIS C 232 -4.73 -27.74 -56.32
N PHE C 233 -4.40 -28.12 -57.57
CA PHE C 233 -5.40 -28.21 -58.63
C PHE C 233 -6.39 -29.33 -58.33
N LEU C 234 -7.67 -29.01 -58.47
CA LEU C 234 -8.74 -30.00 -58.35
C LEU C 234 -9.30 -30.29 -59.75
N PRO C 235 -9.99 -31.45 -59.92
CA PRO C 235 -10.53 -31.82 -61.23
C PRO C 235 -11.57 -30.86 -61.84
N MET C 236 -12.26 -30.08 -61.01
CA MET C 236 -13.21 -29.05 -61.48
C MET C 236 -12.55 -27.97 -62.34
N THR C 237 -13.36 -27.33 -63.17
CA THR C 237 -12.89 -26.29 -64.10
C THR C 237 -12.54 -24.99 -63.38
N ASN C 238 -11.30 -24.53 -63.58
CA ASN C 238 -10.80 -23.27 -62.99
C ASN C 238 -10.92 -23.21 -61.46
N THR C 239 -10.57 -24.33 -60.83
CA THR C 239 -10.67 -24.50 -59.37
C THR C 239 -9.31 -24.90 -58.80
N TRP C 240 -8.98 -24.34 -57.63
CA TRP C 240 -7.74 -24.66 -56.93
C TRP C 240 -7.79 -24.25 -55.45
N VAL C 241 -6.98 -24.93 -54.64
CA VAL C 241 -6.92 -24.74 -53.19
C VAL C 241 -5.53 -24.25 -52.81
N TRP C 242 -5.44 -23.22 -51.97
CA TRP C 242 -4.15 -22.82 -51.41
C TRP C 242 -3.86 -23.57 -50.11
N GLN C 243 -2.59 -23.59 -49.73
CA GLN C 243 -2.14 -24.14 -48.45
C GLN C 243 -0.99 -23.26 -47.96
N ILE C 244 -1.29 -22.40 -47.00
CA ILE C 244 -0.36 -21.37 -46.53
C ILE C 244 -0.13 -21.57 -45.02
N PRO C 245 1.14 -21.75 -44.59
CA PRO C 245 1.49 -21.72 -43.17
C PRO C 245 1.23 -20.36 -42.53
N ILE C 246 0.96 -20.35 -41.23
CA ILE C 246 0.68 -19.10 -40.50
C ILE C 246 1.48 -19.02 -39.21
N THR C 247 1.35 -20.07 -38.41
CA THR C 247 2.27 -20.34 -37.32
C THR C 247 2.87 -21.69 -37.68
N GLU C 248 3.64 -22.27 -36.77
CA GLU C 248 4.20 -23.60 -36.95
C GLU C 248 3.11 -24.69 -36.90
N THR C 249 2.01 -24.39 -36.19
CA THR C 249 0.84 -25.28 -36.11
C THR C 249 -0.28 -24.89 -37.09
N ILE C 250 -0.60 -23.60 -37.18
CA ILE C 250 -1.74 -23.10 -37.98
C ILE C 250 -1.43 -23.10 -39.48
N THR C 251 -2.28 -23.75 -40.27
CA THR C 251 -2.26 -23.64 -41.75
C THR C 251 -3.56 -23.03 -42.28
N SER C 252 -3.43 -21.97 -43.09
CA SER C 252 -4.55 -21.37 -43.80
C SER C 252 -4.83 -22.15 -45.07
N VAL C 253 -6.07 -22.56 -45.25
CA VAL C 253 -6.48 -23.33 -46.43
C VAL C 253 -7.80 -22.76 -46.97
N GLY C 254 -7.87 -22.64 -48.29
CA GLY C 254 -9.05 -22.11 -48.97
C GLY C 254 -9.18 -22.44 -50.44
N VAL C 255 -10.36 -22.90 -50.85
CA VAL C 255 -10.64 -23.16 -52.27
C VAL C 255 -10.92 -21.85 -53.01
N VAL C 256 -10.37 -21.71 -54.21
CA VAL C 256 -10.66 -20.59 -55.11
C VAL C 256 -11.21 -21.20 -56.40
N THR C 257 -12.43 -20.80 -56.76
CA THR C 257 -13.16 -21.40 -57.88
C THR C 257 -13.97 -20.35 -58.64
N GLN C 258 -14.63 -20.77 -59.72
CA GLN C 258 -15.59 -19.93 -60.42
C GLN C 258 -16.84 -19.77 -59.54
N LYS C 259 -17.35 -18.55 -59.47
CA LYS C 259 -18.54 -18.24 -58.65
C LYS C 259 -19.80 -18.93 -59.18
N GLN C 260 -19.86 -19.15 -60.50
CA GLN C 260 -20.95 -19.91 -61.14
C GLN C 260 -21.12 -21.31 -60.55
N ASN C 261 -20.02 -21.94 -60.15
CA ASN C 261 -20.06 -23.26 -59.53
C ASN C 261 -20.79 -23.26 -58.18
N TYR C 262 -20.55 -22.24 -57.36
CA TYR C 262 -21.24 -22.08 -56.08
C TYR C 262 -22.72 -21.72 -56.24
N THR C 263 -23.02 -20.81 -57.17
CA THR C 263 -24.40 -20.35 -57.41
C THR C 263 -25.36 -21.44 -57.91
N ASN C 264 -24.81 -22.48 -58.55
CA ASN C 264 -25.59 -23.67 -58.92
C ASN C 264 -25.57 -24.75 -57.85
N SER C 265 -24.43 -24.87 -57.15
CA SER C 265 -24.09 -25.96 -56.23
C SER C 265 -25.23 -26.77 -55.59
N ASP C 266 -26.15 -26.08 -54.92
CA ASP C 266 -27.11 -26.70 -54.00
C ASP C 266 -26.38 -27.28 -52.76
N LEU C 267 -25.37 -26.54 -52.30
CA LEU C 267 -24.67 -26.81 -51.05
C LEU C 267 -24.39 -25.47 -50.39
N THR C 268 -24.27 -25.47 -49.06
CA THR C 268 -23.78 -24.30 -48.34
C THR C 268 -22.28 -24.17 -48.62
N TYR C 269 -21.70 -23.02 -48.27
CA TYR C 269 -20.29 -22.74 -48.62
C TYR C 269 -19.28 -23.59 -47.83
N GLU C 270 -19.65 -24.04 -46.64
CA GLU C 270 -18.89 -25.07 -45.92
C GLU C 270 -18.89 -26.41 -46.69
N GLU C 271 -20.08 -26.85 -47.06
CA GLU C 271 -20.28 -28.09 -47.83
C GLU C 271 -19.63 -28.05 -49.22
N PHE C 272 -19.69 -26.90 -49.87
CA PHE C 272 -18.99 -26.69 -51.15
C PHE C 272 -17.48 -26.84 -50.96
N PHE C 273 -16.94 -26.26 -49.89
CA PHE C 273 -15.51 -26.37 -49.56
C PHE C 273 -15.08 -27.84 -49.46
N TRP C 274 -15.81 -28.60 -48.66
CA TRP C 274 -15.49 -30.00 -48.41
C TRP C 274 -15.68 -30.92 -49.63
N GLU C 275 -16.77 -30.72 -50.38
CA GLU C 275 -16.99 -31.49 -51.62
C GLU C 275 -15.89 -31.23 -52.65
N ALA C 276 -15.46 -29.96 -52.74
CA ALA C 276 -14.34 -29.57 -53.60
C ALA C 276 -13.05 -30.24 -53.13
N VAL C 277 -12.71 -30.03 -51.86
CA VAL C 277 -11.50 -30.56 -51.24
C VAL C 277 -11.44 -32.10 -51.23
N LYS C 278 -12.60 -32.76 -51.14
CA LYS C 278 -12.69 -34.24 -51.18
C LYS C 278 -12.06 -34.89 -52.42
N THR C 279 -12.02 -34.17 -53.53
CA THR C 279 -11.40 -34.65 -54.78
C THR C 279 -9.90 -34.98 -54.64
N ARG C 280 -9.26 -34.46 -53.60
CA ARG C 280 -7.91 -34.86 -53.21
C ARG C 280 -7.89 -35.36 -51.75
N GLU C 281 -7.54 -36.64 -51.59
CA GLU C 281 -7.73 -37.35 -50.30
C GLU C 281 -6.87 -36.84 -49.15
N ASN C 282 -5.57 -36.70 -49.39
CA ASN C 282 -4.62 -36.33 -48.33
C ASN C 282 -4.91 -34.95 -47.73
N LEU C 283 -5.20 -33.99 -48.61
CA LEU C 283 -5.62 -32.65 -48.21
C LEU C 283 -6.91 -32.70 -47.39
N HIS C 284 -7.91 -33.40 -47.92
CA HIS C 284 -9.21 -33.59 -47.26
C HIS C 284 -9.11 -34.29 -45.91
N ASP C 285 -8.35 -35.39 -45.87
CA ASP C 285 -8.18 -36.17 -44.65
C ASP C 285 -7.43 -35.37 -43.58
N ALA C 286 -6.32 -34.77 -43.96
CA ALA C 286 -5.54 -33.90 -43.07
C ALA C 286 -6.35 -32.69 -42.56
N LEU C 287 -7.14 -32.07 -43.44
CA LEU C 287 -8.01 -30.94 -43.07
C LEU C 287 -9.08 -31.34 -42.06
N LYS C 288 -9.82 -32.40 -42.40
CA LYS C 288 -10.83 -32.97 -41.52
C LYS C 288 -10.23 -33.45 -40.18
N ALA C 289 -8.98 -33.93 -40.22
CA ALA C 289 -8.24 -34.33 -39.00
C ALA C 289 -7.84 -33.15 -38.12
N SER C 290 -7.53 -32.02 -38.76
CA SER C 290 -7.15 -30.78 -38.07
C SER C 290 -8.27 -30.15 -37.25
N GLU C 291 -7.90 -29.04 -36.61
CA GLU C 291 -8.79 -28.27 -35.73
C GLU C 291 -9.15 -26.95 -36.42
N GLN C 292 -10.44 -26.78 -36.74
CA GLN C 292 -10.93 -25.50 -37.30
C GLN C 292 -10.97 -24.43 -36.20
N VAL C 293 -9.95 -23.59 -36.15
CA VAL C 293 -9.92 -22.48 -35.17
C VAL C 293 -10.89 -21.35 -35.49
N ARG C 294 -11.15 -21.11 -36.78
CA ARG C 294 -12.12 -20.11 -37.23
C ARG C 294 -13.15 -20.74 -38.17
N PRO C 295 -14.39 -20.19 -38.18
CA PRO C 295 -15.37 -20.65 -39.17
C PRO C 295 -15.01 -20.16 -40.58
N PHE C 296 -15.60 -20.79 -41.58
CA PHE C 296 -15.31 -20.46 -42.98
C PHE C 296 -15.72 -19.03 -43.35
N LYS C 297 -14.84 -18.38 -44.11
CA LYS C 297 -15.08 -17.04 -44.66
C LYS C 297 -15.23 -17.15 -46.18
N LYS C 298 -16.20 -16.40 -46.72
CA LYS C 298 -16.48 -16.33 -48.16
C LYS C 298 -15.99 -14.97 -48.66
N GLU C 299 -14.99 -14.99 -49.55
CA GLU C 299 -14.46 -13.77 -50.18
C GLU C 299 -14.90 -13.80 -51.63
N ALA C 300 -15.60 -12.75 -52.06
CA ALA C 300 -16.27 -12.74 -53.37
C ALA C 300 -16.22 -11.38 -54.03
N ASP C 301 -16.53 -11.38 -55.33
CA ASP C 301 -16.71 -10.15 -56.13
C ASP C 301 -15.47 -9.25 -56.13
N TYR C 302 -14.30 -9.87 -56.12
CA TYR C 302 -13.04 -9.17 -55.86
C TYR C 302 -12.23 -8.82 -57.11
N SER C 303 -12.66 -9.28 -58.28
CA SER C 303 -11.98 -8.98 -59.53
C SER C 303 -12.59 -7.70 -60.14
N TYR C 304 -11.82 -6.61 -60.13
CA TYR C 304 -12.29 -5.31 -60.59
C TYR C 304 -11.13 -4.37 -60.90
N GLY C 305 -11.37 -3.47 -61.85
CA GLY C 305 -10.42 -2.40 -62.19
C GLY C 305 -10.96 -1.05 -61.80
N MET C 306 -10.16 -0.02 -62.08
CA MET C 306 -10.48 1.37 -61.75
C MET C 306 -10.14 2.20 -62.97
N LYS C 307 -11.11 3.02 -63.41
CA LYS C 307 -10.97 3.82 -64.64
C LYS C 307 -9.82 4.83 -64.54
N GLU C 308 -9.87 5.62 -63.47
CA GLU C 308 -8.78 6.50 -63.07
C GLU C 308 -8.22 6.02 -61.73
N VAL C 309 -6.88 5.98 -61.64
CA VAL C 309 -6.17 5.64 -60.39
C VAL C 309 -5.48 6.86 -59.75
N CYS C 310 -5.72 8.04 -60.33
CA CYS C 310 -5.29 9.30 -59.75
C CYS C 310 -6.07 10.45 -60.38
N GLY C 311 -5.93 11.62 -59.78
CA GLY C 311 -6.63 12.81 -60.24
C GLY C 311 -6.21 14.04 -59.49
N ASP C 312 -6.89 15.14 -59.77
CA ASP C 312 -6.66 16.39 -59.06
C ASP C 312 -7.02 16.17 -57.60
N SER C 313 -6.01 16.30 -56.73
CA SER C 313 -6.12 16.12 -55.28
C SER C 313 -6.35 14.68 -54.77
N PHE C 314 -6.15 13.67 -55.62
CA PHE C 314 -6.20 12.26 -55.16
C PHE C 314 -5.35 11.26 -55.94
N VAL C 315 -5.11 10.14 -55.29
CA VAL C 315 -4.45 8.98 -55.86
C VAL C 315 -5.03 7.72 -55.20
N LEU C 316 -5.06 6.60 -55.92
CA LEU C 316 -5.54 5.32 -55.40
C LEU C 316 -4.41 4.30 -55.38
N ILE C 317 -4.30 3.54 -54.29
CA ILE C 317 -3.24 2.52 -54.12
C ILE C 317 -3.77 1.16 -53.65
N GLY C 318 -3.05 0.09 -54.00
CA GLY C 318 -3.41 -1.28 -53.62
C GLY C 318 -4.75 -1.72 -54.20
N ASP C 319 -5.49 -2.51 -53.43
CA ASP C 319 -6.84 -2.97 -53.79
C ASP C 319 -7.82 -1.86 -54.18
N ALA C 320 -7.65 -0.66 -53.64
CA ALA C 320 -8.47 0.49 -54.00
C ALA C 320 -8.33 0.94 -55.46
N ALA C 321 -7.17 0.64 -56.05
CA ALA C 321 -6.91 0.90 -57.48
C ALA C 321 -7.16 -0.31 -58.39
N ARG C 322 -7.05 -1.53 -57.85
CA ARG C 322 -7.18 -2.74 -58.66
C ARG C 322 -7.06 -4.00 -57.81
N PHE C 323 -7.84 -5.03 -58.17
CA PHE C 323 -7.51 -6.41 -57.80
C PHE C 323 -8.01 -7.38 -58.87
N VAL C 324 -7.27 -8.48 -59.04
CA VAL C 324 -7.58 -9.49 -60.06
C VAL C 324 -7.96 -10.82 -59.41
N ASP C 325 -6.98 -11.49 -58.79
CA ASP C 325 -7.13 -12.87 -58.32
C ASP C 325 -5.90 -13.27 -57.50
N PRO C 326 -6.04 -14.21 -56.52
CA PRO C 326 -4.92 -14.52 -55.63
C PRO C 326 -4.14 -15.81 -55.95
N ILE C 327 -3.83 -16.05 -57.21
CA ILE C 327 -3.12 -17.29 -57.60
C ILE C 327 -1.66 -17.18 -57.22
N PHE C 328 -1.07 -16.05 -57.57
CA PHE C 328 0.36 -15.81 -57.37
C PHE C 328 0.68 -15.04 -56.10
N SER C 329 -0.34 -14.79 -55.28
CA SER C 329 -0.17 -14.28 -53.91
C SER C 329 0.65 -12.98 -53.87
N SER C 330 0.25 -12.06 -54.75
CA SER C 330 1.01 -10.85 -55.05
C SER C 330 0.32 -9.52 -54.66
N GLY C 331 -0.92 -9.59 -54.19
CA GLY C 331 -1.70 -8.39 -53.90
C GLY C 331 -1.16 -7.52 -52.79
N VAL C 332 -0.45 -8.13 -51.84
CA VAL C 332 0.31 -7.39 -50.83
C VAL C 332 1.50 -6.70 -51.48
N SER C 333 2.26 -7.46 -52.26
CA SER C 333 3.38 -6.95 -53.04
C SER C 333 3.00 -5.77 -53.96
N VAL C 334 1.81 -5.83 -54.56
CA VAL C 334 1.28 -4.71 -55.35
C VAL C 334 0.91 -3.52 -54.46
N ALA C 335 0.36 -3.79 -53.28
CA ALA C 335 -0.01 -2.75 -52.31
C ALA C 335 1.20 -2.00 -51.74
N LEU C 336 2.25 -2.74 -51.39
CA LEU C 336 3.51 -2.15 -50.91
C LEU C 336 4.19 -1.32 -51.99
N ASN C 337 4.32 -1.90 -53.18
CA ASN C 337 5.02 -1.25 -54.31
C ASN C 337 4.27 -0.08 -54.95
N SER C 338 2.94 -0.13 -54.96
CA SER C 338 2.13 0.99 -55.47
C SER C 338 2.23 2.21 -54.55
N ALA C 339 2.31 1.96 -53.25
CA ALA C 339 2.53 3.02 -52.25
C ALA C 339 3.92 3.65 -52.38
N ARG C 340 4.92 2.81 -52.64
CA ARG C 340 6.29 3.26 -52.90
C ARG C 340 6.36 4.26 -54.03
N ILE C 341 5.78 3.88 -55.17
CA ILE C 341 5.86 4.68 -56.39
C ILE C 341 5.03 5.96 -56.22
N ALA C 342 3.77 5.78 -55.82
CA ALA C 342 2.86 6.91 -55.57
C ALA C 342 3.41 7.91 -54.55
N SER C 343 4.03 7.43 -53.48
CA SER C 343 4.72 8.33 -52.51
C SER C 343 5.83 9.14 -53.19
N GLY C 344 6.60 8.47 -54.05
CA GLY C 344 7.65 9.10 -54.85
C GLY C 344 7.18 10.32 -55.65
N ASP C 345 5.93 10.28 -56.09
CA ASP C 345 5.28 11.41 -56.76
C ASP C 345 4.56 12.37 -55.81
N ILE C 346 4.05 11.86 -54.70
CA ILE C 346 3.43 12.70 -53.65
C ILE C 346 4.47 13.57 -52.96
N ILE C 347 5.62 12.97 -52.63
CA ILE C 347 6.75 13.67 -52.02
C ILE C 347 7.20 14.84 -52.91
N GLU C 348 7.23 14.61 -54.22
CA GLU C 348 7.55 15.67 -55.19
C GLU C 348 6.39 16.66 -55.36
N ALA C 349 5.15 16.16 -55.32
CA ALA C 349 3.94 17.00 -55.41
C ALA C 349 3.82 18.03 -54.29
N VAL C 350 4.09 17.63 -53.05
CA VAL C 350 4.03 18.55 -51.89
C VAL C 350 5.11 19.65 -51.92
N LYS C 351 6.30 19.29 -52.39
CA LYS C 351 7.44 20.21 -52.54
C LYS C 351 7.14 21.30 -53.58
N ASN C 352 6.64 20.89 -54.74
CA ASN C 352 6.19 21.82 -55.79
C ASN C 352 4.84 22.49 -55.51
N ASN C 353 4.06 21.91 -54.58
CA ASN C 353 2.74 22.41 -54.18
C ASN C 353 1.74 22.35 -55.34
N ASP C 354 1.76 21.22 -56.04
CA ASP C 354 0.98 20.99 -57.25
C ASP C 354 0.36 19.60 -57.12
N PHE C 355 -0.96 19.57 -56.88
CA PHE C 355 -1.71 18.33 -56.67
C PHE C 355 -2.77 18.13 -57.77
N SER C 356 -2.40 18.43 -59.01
CA SER C 356 -3.25 18.16 -60.18
C SER C 356 -2.91 16.76 -60.72
N LYS C 357 -3.61 16.33 -61.78
CA LYS C 357 -3.31 15.06 -62.46
C LYS C 357 -1.84 14.92 -62.87
N SER C 358 -1.24 16.03 -63.31
CA SER C 358 0.14 16.07 -63.79
C SER C 358 1.13 15.39 -62.84
N SER C 359 1.13 15.83 -61.58
CA SER C 359 2.09 15.33 -60.57
C SER C 359 2.09 13.82 -60.35
N PHE C 360 0.93 13.18 -60.56
CA PHE C 360 0.78 11.73 -60.37
C PHE C 360 0.83 10.94 -61.69
N THR C 361 1.47 11.50 -62.71
CA THR C 361 1.56 10.88 -64.05
C THR C 361 2.53 9.69 -64.10
N HIS C 362 3.61 9.75 -63.34
CA HIS C 362 4.60 8.67 -63.31
C HIS C 362 4.06 7.42 -62.59
N TYR C 363 3.37 7.63 -61.47
CA TYR C 363 2.72 6.53 -60.73
C TYR C 363 1.72 5.82 -61.62
N GLU C 364 0.79 6.60 -62.17
CA GLU C 364 -0.17 6.14 -63.19
C GLU C 364 0.50 5.26 -64.24
N GLY C 365 1.60 5.75 -64.78
CA GLY C 365 2.39 5.03 -65.79
C GLY C 365 2.92 3.69 -65.31
N MET C 366 3.52 3.68 -64.11
CA MET C 366 4.11 2.47 -63.54
C MET C 366 3.07 1.48 -63.06
N ILE C 367 2.04 1.97 -62.37
CA ILE C 367 1.01 1.11 -61.80
C ILE C 367 0.15 0.42 -62.87
N ARG C 368 -0.24 1.17 -63.89
CA ARG C 368 -0.99 0.61 -65.03
C ARG C 368 -0.16 -0.46 -65.76
N ASN C 369 1.15 -0.23 -65.87
CA ASN C 369 2.07 -1.20 -66.48
C ASN C 369 2.27 -2.44 -65.61
N GLY C 370 2.31 -2.23 -64.29
CA GLY C 370 2.39 -3.32 -63.32
C GLY C 370 1.14 -4.18 -63.30
N ILE C 371 -0.01 -3.53 -63.22
CA ILE C 371 -1.30 -4.21 -63.26
C ILE C 371 -1.51 -4.96 -64.58
N LYS C 372 -1.24 -4.29 -65.71
CA LYS C 372 -1.41 -4.89 -67.04
C LYS C 372 -0.70 -6.25 -67.14
N ASN C 373 0.59 -6.26 -66.81
CA ASN C 373 1.39 -7.49 -66.82
C ASN C 373 0.94 -8.50 -65.76
N TRP C 374 0.50 -8.01 -64.60
CA TRP C 374 -0.06 -8.85 -63.53
C TRP C 374 -1.44 -9.43 -63.92
N TYR C 375 -2.21 -8.67 -64.69
CA TYR C 375 -3.51 -9.11 -65.22
C TYR C 375 -3.33 -10.20 -66.27
N GLU C 376 -2.51 -9.91 -67.27
CA GLU C 376 -2.22 -10.84 -68.38
C GLU C 376 -1.73 -12.22 -67.91
N PHE C 377 -0.85 -12.23 -66.91
CA PHE C 377 -0.26 -13.46 -66.39
C PHE C 377 -1.31 -14.35 -65.71
N ILE C 378 -2.26 -13.72 -65.01
CA ILE C 378 -3.38 -14.42 -64.38
C ILE C 378 -4.38 -14.99 -65.41
N THR C 379 -4.60 -14.26 -66.51
CA THR C 379 -5.48 -14.75 -67.59
C THR C 379 -4.91 -15.98 -68.29
N LEU C 380 -3.59 -16.04 -68.42
CA LEU C 380 -2.91 -17.18 -69.04
C LEU C 380 -2.83 -18.42 -68.14
N TYR C 381 -2.83 -18.21 -66.82
CA TYR C 381 -2.79 -19.33 -65.87
C TYR C 381 -4.05 -20.18 -65.96
N TYR C 382 -5.20 -19.51 -65.87
CA TYR C 382 -6.50 -20.18 -66.03
C TYR C 382 -6.72 -20.76 -67.43
N ARG C 383 -6.06 -20.17 -68.43
CA ARG C 383 -6.05 -20.74 -69.78
C ARG C 383 -5.27 -22.07 -69.80
N LEU C 384 -4.13 -22.11 -69.12
CA LEU C 384 -3.27 -23.31 -69.04
C LEU C 384 -3.72 -24.37 -68.03
N ASN C 385 -4.19 -23.94 -66.86
CA ASN C 385 -4.55 -24.85 -65.74
C ASN C 385 -3.32 -25.67 -65.28
N ILE C 386 -3.36 -27.00 -65.33
CA ILE C 386 -2.20 -27.81 -64.90
C ILE C 386 -1.02 -27.76 -65.89
N LEU C 387 -1.27 -27.22 -67.09
CA LEU C 387 -0.24 -26.99 -68.11
C LEU C 387 0.67 -25.80 -67.78
N PHE C 388 0.25 -24.97 -66.82
CA PHE C 388 1.09 -23.91 -66.24
C PHE C 388 2.40 -24.46 -65.67
N THR C 389 2.33 -25.64 -65.05
CA THR C 389 3.51 -26.30 -64.46
C THR C 389 4.63 -26.60 -65.47
N ALA C 390 4.29 -26.78 -66.74
CA ALA C 390 5.28 -27.00 -67.81
C ALA C 390 6.20 -25.79 -67.98
N PHE C 391 5.60 -24.61 -68.09
CA PHE C 391 6.35 -23.34 -68.14
C PHE C 391 7.24 -23.13 -66.92
N VAL C 392 6.76 -23.55 -65.74
CA VAL C 392 7.54 -23.48 -64.49
C VAL C 392 8.72 -24.45 -64.57
N GLN C 393 8.41 -25.71 -64.84
CA GLN C 393 9.42 -26.78 -64.86
C GLN C 393 10.44 -26.72 -66.01
N ASP C 394 10.11 -26.02 -67.10
CA ASP C 394 10.99 -25.92 -68.29
C ASP C 394 12.05 -24.82 -68.11
N PRO C 395 13.36 -25.15 -68.26
CA PRO C 395 14.46 -24.16 -68.14
C PRO C 395 14.39 -22.92 -69.02
N ARG C 396 13.80 -23.03 -70.22
CA ARG C 396 13.69 -21.90 -71.15
C ARG C 396 12.81 -20.76 -70.62
N TYR C 397 11.77 -21.11 -69.88
CA TYR C 397 10.84 -20.14 -69.29
C TYR C 397 11.00 -19.94 -67.77
N ARG C 398 11.37 -21.00 -67.04
CA ARG C 398 11.48 -21.02 -65.57
C ARG C 398 11.85 -19.68 -64.90
N LEU C 399 13.04 -19.16 -65.21
CA LEU C 399 13.52 -17.91 -64.62
C LEU C 399 12.74 -16.68 -65.08
N ASP C 400 12.23 -16.73 -66.31
CA ASP C 400 11.40 -15.64 -66.86
C ASP C 400 10.00 -15.63 -66.25
N ILE C 401 9.45 -16.83 -66.01
CA ILE C 401 8.21 -17.02 -65.25
C ILE C 401 8.37 -16.57 -63.80
N LEU C 402 9.48 -17.00 -63.19
CA LEU C 402 9.82 -16.68 -61.79
C LEU C 402 9.86 -15.18 -61.50
N GLN C 403 10.30 -14.38 -62.46
CA GLN C 403 10.30 -12.91 -62.35
C GLN C 403 8.93 -12.35 -61.97
N LEU C 404 7.88 -12.85 -62.63
CA LEU C 404 6.50 -12.42 -62.38
C LEU C 404 6.00 -12.88 -61.01
N LEU C 405 6.26 -14.14 -60.67
CA LEU C 405 5.95 -14.69 -59.34
C LEU C 405 6.61 -13.91 -58.22
N GLN C 406 7.85 -13.50 -58.46
CA GLN C 406 8.61 -12.66 -57.52
C GLN C 406 8.07 -11.25 -57.35
N GLY C 407 7.28 -10.77 -58.30
CA GLY C 407 6.66 -9.44 -58.25
C GLY C 407 7.46 -8.35 -58.93
N ASP C 408 8.36 -8.72 -59.84
CA ASP C 408 9.15 -7.78 -60.65
C ASP C 408 8.38 -7.44 -61.93
N VAL C 409 7.33 -6.66 -61.76
CA VAL C 409 6.36 -6.36 -62.82
C VAL C 409 6.45 -4.90 -63.32
N TYR C 410 7.57 -4.23 -63.06
CA TYR C 410 7.68 -2.77 -63.29
C TYR C 410 8.83 -2.37 -64.24
N SER C 411 9.35 -3.33 -65.02
CA SER C 411 10.40 -3.08 -66.02
C SER C 411 9.96 -3.56 -67.40
N GLY C 412 8.72 -3.23 -67.76
CA GLY C 412 8.11 -3.64 -69.03
C GLY C 412 8.85 -3.19 -70.28
N LEU C 415 8.41 -7.29 -71.60
CA LEU C 415 8.54 -8.44 -70.69
C LEU C 415 8.65 -9.78 -71.45
N GLU C 416 7.86 -9.93 -72.52
CA GLU C 416 7.93 -11.05 -73.51
C GLU C 416 8.28 -12.46 -72.98
N VAL C 417 7.36 -12.94 -72.16
CA VAL C 417 7.26 -14.34 -71.72
C VAL C 417 5.80 -14.74 -71.93
N LEU C 418 4.94 -13.83 -71.48
CA LEU C 418 3.52 -13.73 -71.80
C LEU C 418 3.16 -13.82 -73.31
N ASP C 419 4.09 -13.45 -74.19
CA ASP C 419 3.92 -13.62 -75.65
C ASP C 419 4.09 -15.08 -76.09
N LYS C 420 5.10 -15.75 -75.53
CA LYS C 420 5.37 -17.17 -75.80
C LYS C 420 4.31 -18.09 -75.19
N MET C 421 3.76 -17.66 -74.06
CA MET C 421 2.58 -18.31 -73.45
C MET C 421 1.37 -18.17 -74.38
N ARG C 422 1.21 -16.99 -74.98
CA ARG C 422 0.16 -16.72 -75.98
C ARG C 422 0.28 -17.59 -77.23
N GLU C 423 1.50 -17.66 -77.78
CA GLU C 423 1.79 -18.42 -79.00
C GLU C 423 1.54 -19.93 -78.84
N ILE C 424 1.89 -20.47 -77.68
CA ILE C 424 1.64 -21.88 -77.37
C ILE C 424 0.14 -22.12 -77.16
N ILE C 425 -0.54 -21.22 -76.46
CA ILE C 425 -1.99 -21.28 -76.30
C ILE C 425 -2.70 -21.30 -77.66
N ALA C 426 -2.40 -20.31 -78.51
CA ALA C 426 -3.01 -20.18 -79.85
C ALA C 426 -2.94 -21.44 -80.72
N ALA C 427 -1.85 -22.20 -80.59
CA ALA C 427 -1.68 -23.49 -81.28
C ALA C 427 -2.49 -24.64 -80.66
N VAL C 428 -2.60 -24.65 -79.33
CA VAL C 428 -3.35 -25.71 -78.60
C VAL C 428 -4.86 -25.50 -78.72
N GLU C 429 -5.30 -24.24 -78.60
CA GLU C 429 -6.70 -23.88 -78.85
C GLU C 429 -7.18 -24.40 -80.22
N SER C 430 -6.33 -24.25 -81.23
CA SER C 430 -6.67 -24.43 -82.65
C SER C 430 -7.06 -25.83 -83.15
N ASP C 431 -6.18 -26.83 -82.97
CA ASP C 431 -6.51 -28.22 -83.31
C ASP C 431 -7.16 -28.75 -82.03
N PRO C 432 -8.48 -29.00 -82.02
CA PRO C 432 -9.01 -29.67 -80.83
C PRO C 432 -8.54 -31.13 -80.74
N GLU C 433 -8.01 -31.65 -81.85
CA GLU C 433 -7.14 -32.83 -81.88
C GLU C 433 -5.95 -32.76 -80.89
N HIS C 434 -5.39 -31.56 -80.68
CA HIS C 434 -4.25 -31.36 -79.77
C HIS C 434 -4.49 -32.02 -78.42
N LEU C 435 -3.44 -32.61 -77.87
CA LEU C 435 -3.52 -33.55 -76.76
C LEU C 435 -3.74 -32.79 -75.44
N TRP C 436 -2.97 -31.73 -75.28
CA TRP C 436 -3.17 -30.70 -74.24
C TRP C 436 -4.51 -29.96 -74.22
N HIS C 437 -5.25 -29.95 -75.33
CA HIS C 437 -6.48 -29.13 -75.49
C HIS C 437 -7.40 -29.18 -74.29
N LYS C 438 -7.67 -30.41 -73.88
CA LYS C 438 -8.73 -30.70 -72.93
C LYS C 438 -8.30 -30.56 -71.46
N TYR C 439 -7.06 -30.17 -71.22
CA TYR C 439 -6.60 -29.74 -69.90
C TYR C 439 -6.61 -28.20 -69.75
N LEU C 440 -7.10 -27.49 -70.77
CA LEU C 440 -7.25 -26.02 -70.73
C LEU C 440 -8.50 -25.58 -69.95
N GLY C 441 -8.60 -24.27 -69.71
CA GLY C 441 -9.75 -23.67 -69.00
C GLY C 441 -10.08 -22.27 -69.47
N SER D 5 -4.64 -40.02 52.54
CA SER D 5 -4.96 -40.11 54.01
C SER D 5 -5.93 -39.00 54.46
N ASP D 6 -7.11 -38.99 53.87
CA ASP D 6 -8.26 -38.17 54.29
C ASP D 6 -8.18 -36.64 54.00
N HIS D 7 -6.99 -36.10 53.74
CA HIS D 7 -6.85 -34.73 53.25
C HIS D 7 -7.47 -34.62 51.86
N ASP D 8 -8.40 -33.67 51.69
CA ASP D 8 -9.07 -33.47 50.40
C ASP D 8 -8.15 -32.90 49.32
N TYR D 9 -7.26 -31.99 49.74
CA TYR D 9 -6.22 -31.44 48.87
C TYR D 9 -4.93 -31.29 49.67
N ASP D 10 -3.81 -31.17 48.95
CA ASP D 10 -2.51 -30.88 49.58
C ASP D 10 -2.48 -29.44 50.07
N VAL D 11 -2.77 -28.51 49.17
CA VAL D 11 -2.75 -27.07 49.45
C VAL D 11 -4.14 -26.51 49.13
N VAL D 12 -4.62 -25.57 49.94
CA VAL D 12 -5.83 -24.81 49.64
C VAL D 12 -5.42 -23.35 49.50
N ILE D 13 -5.63 -22.80 48.31
CA ILE D 13 -5.35 -21.40 48.03
C ILE D 13 -6.62 -20.61 48.32
N ILE D 14 -6.52 -19.61 49.20
CA ILE D 14 -7.62 -18.70 49.46
C ILE D 14 -7.55 -17.54 48.47
N GLY D 15 -8.43 -17.54 47.47
CA GLY D 15 -8.56 -16.42 46.53
C GLY D 15 -7.89 -16.70 45.20
N GLY D 16 -8.51 -16.23 44.12
CA GLY D 16 -8.10 -16.54 42.74
C GLY D 16 -7.53 -15.38 41.95
N GLY D 17 -6.93 -14.42 42.66
CA GLY D 17 -6.21 -13.33 42.04
C GLY D 17 -4.89 -13.85 41.52
N PRO D 18 -4.07 -12.98 40.90
CA PRO D 18 -2.80 -13.42 40.34
C PRO D 18 -1.94 -14.23 41.31
N ALA D 19 -1.94 -13.85 42.58
CA ALA D 19 -1.21 -14.59 43.62
C ALA D 19 -1.66 -16.04 43.70
N GLY D 20 -2.96 -16.22 43.83
CA GLY D 20 -3.54 -17.55 43.96
C GLY D 20 -3.47 -18.43 42.72
N SER D 21 -3.76 -17.85 41.56
CA SER D 21 -3.79 -18.60 40.29
C SER D 21 -2.39 -19.01 39.84
N THR D 22 -1.42 -18.11 40.04
CA THR D 22 0.00 -18.40 39.82
C THR D 22 0.47 -19.54 40.74
N MET D 23 0.18 -19.41 42.04
CA MET D 23 0.45 -20.46 43.02
C MET D 23 -0.18 -21.77 42.57
N ALA D 24 -1.48 -21.71 42.27
CA ALA D 24 -2.23 -22.87 41.76
C ALA D 24 -1.56 -23.49 40.53
N SER D 25 -1.10 -22.66 39.60
CA SER D 25 -0.39 -23.13 38.41
C SER D 25 0.88 -23.90 38.76
N TYR D 26 1.80 -23.25 39.46
CA TYR D 26 3.08 -23.85 39.89
C TYR D 26 2.88 -25.18 40.62
N LEU D 27 1.95 -25.19 41.56
CA LEU D 27 1.58 -26.39 42.31
C LEU D 27 0.95 -27.47 41.43
N ALA D 28 0.09 -27.05 40.52
CA ALA D 28 -0.54 -27.97 39.57
C ALA D 28 0.50 -28.59 38.64
N LYS D 29 1.34 -27.74 38.08
CA LYS D 29 2.44 -28.15 37.21
C LYS D 29 3.40 -29.12 37.91
N ALA D 30 3.63 -28.87 39.20
CA ALA D 30 4.46 -29.73 40.06
C ALA D 30 3.76 -31.02 40.51
N GLY D 31 2.46 -31.13 40.24
CA GLY D 31 1.69 -32.32 40.59
C GLY D 31 1.23 -32.28 42.05
N VAL D 32 1.21 -31.08 42.62
CA VAL D 32 0.67 -30.90 43.97
C VAL D 32 -0.83 -30.71 43.80
N LYS D 33 -1.59 -31.59 44.44
CA LYS D 33 -3.04 -31.60 44.34
C LYS D 33 -3.61 -30.42 45.14
N CYS D 34 -3.92 -29.33 44.44
CA CYS D 34 -4.35 -28.09 45.08
C CYS D 34 -5.71 -27.60 44.59
N ALA D 35 -6.29 -26.68 45.35
CA ALA D 35 -7.58 -26.06 45.01
C ALA D 35 -7.59 -24.58 45.36
N VAL D 36 -8.17 -23.78 44.46
CA VAL D 36 -8.44 -22.37 44.69
C VAL D 36 -9.89 -22.24 45.14
N PHE D 37 -10.12 -21.40 46.15
CA PHE D 37 -11.46 -20.90 46.48
C PHE D 37 -11.49 -19.39 46.26
N GLU D 38 -12.25 -18.98 45.25
CA GLU D 38 -12.45 -17.57 44.91
C GLU D 38 -13.89 -17.16 45.28
N LYS D 39 -14.02 -16.13 46.11
CA LYS D 39 -15.33 -15.73 46.62
C LYS D 39 -16.22 -15.07 45.57
N GLU D 40 -15.59 -14.39 44.61
CA GLU D 40 -16.32 -13.71 43.53
C GLU D 40 -16.58 -14.64 42.35
N LEU D 41 -17.53 -14.24 41.51
CA LEU D 41 -17.73 -14.81 40.19
C LEU D 41 -16.85 -14.01 39.22
N PHE D 42 -16.12 -14.71 38.37
CA PHE D 42 -15.28 -14.07 37.35
C PHE D 42 -16.07 -13.98 36.03
N GLU D 43 -15.86 -12.97 35.21
CA GLU D 43 -14.92 -11.84 35.43
C GLU D 43 -15.42 -10.86 36.48
N ARG D 44 -14.47 -10.15 37.07
CA ARG D 44 -14.69 -9.35 38.27
C ARG D 44 -13.70 -8.19 38.25
N GLU D 45 -14.21 -6.97 38.36
CA GLU D 45 -13.41 -5.76 38.19
C GLU D 45 -12.46 -5.53 39.37
N HIS D 46 -11.26 -5.10 39.06
CA HIS D 46 -10.17 -4.97 40.04
C HIS D 46 -9.18 -3.91 39.57
N VAL D 47 -8.65 -3.13 40.51
CA VAL D 47 -7.64 -2.12 40.20
C VAL D 47 -6.25 -2.76 40.24
N GLY D 48 -5.37 -2.31 39.35
CA GLY D 48 -3.98 -2.76 39.32
C GLY D 48 -3.58 -3.33 37.97
N GLU D 49 -3.41 -2.43 37.00
CA GLU D 49 -3.49 -2.77 35.59
C GLU D 49 -2.18 -2.76 34.81
N SER D 50 -1.26 -1.85 35.17
CA SER D 50 0.02 -1.75 34.48
C SER D 50 0.97 -2.78 35.04
N LEU D 51 1.44 -3.69 34.19
CA LEU D 51 2.39 -4.71 34.65
C LEU D 51 3.81 -4.18 34.64
N VAL D 52 4.66 -4.95 35.29
CA VAL D 52 6.08 -4.72 35.35
C VAL D 52 6.73 -5.99 34.78
N PRO D 53 7.77 -5.87 33.93
CA PRO D 53 8.32 -7.03 33.19
C PRO D 53 8.94 -8.16 34.01
N ALA D 54 9.07 -7.99 35.34
CA ALA D 54 9.35 -9.13 36.24
C ALA D 54 8.16 -10.10 36.37
N THR D 55 6.98 -9.70 35.88
CA THR D 55 5.86 -10.63 35.70
C THR D 55 6.16 -11.67 34.61
N THR D 56 6.85 -11.26 33.55
CA THR D 56 6.94 -12.06 32.31
C THR D 56 7.64 -13.42 32.42
N PRO D 57 8.75 -13.54 33.20
CA PRO D 57 9.35 -14.87 33.37
C PRO D 57 8.40 -15.85 34.07
N VAL D 58 7.60 -15.36 35.01
CA VAL D 58 6.61 -16.17 35.71
C VAL D 58 5.50 -16.60 34.75
N LEU D 59 5.03 -15.66 33.92
CA LEU D 59 4.00 -15.96 32.91
C LEU D 59 4.51 -16.89 31.80
N LEU D 60 5.81 -16.85 31.53
CA LEU D 60 6.47 -17.83 30.68
C LEU D 60 6.59 -19.18 31.37
N GLU D 61 7.12 -19.15 32.59
CA GLU D 61 7.46 -20.34 33.38
C GLU D 61 6.23 -21.20 33.70
N ILE D 62 5.09 -20.57 33.99
CA ILE D 62 3.83 -21.30 34.19
C ILE D 62 3.15 -21.73 32.88
N GLY D 63 3.54 -21.11 31.77
CA GLY D 63 3.03 -21.45 30.43
C GLY D 63 1.76 -20.74 30.00
N VAL D 64 1.46 -19.59 30.62
CA VAL D 64 0.26 -18.80 30.29
C VAL D 64 0.54 -17.62 29.33
N MET D 65 1.76 -17.51 28.82
CA MET D 65 2.19 -16.30 28.11
C MET D 65 1.54 -16.15 26.73
N GLU D 66 1.42 -17.26 26.00
CA GLU D 66 0.75 -17.25 24.70
C GLU D 66 -0.74 -16.94 24.82
N LYS D 67 -1.36 -17.35 25.94
CA LYS D 67 -2.78 -17.07 26.19
C LYS D 67 -3.03 -15.59 26.47
N ILE D 68 -2.10 -14.98 27.20
CA ILE D 68 -2.16 -13.55 27.51
C ILE D 68 -1.95 -12.67 26.27
N GLU D 69 -1.11 -13.12 25.34
CA GLU D 69 -0.92 -12.43 24.05
C GLU D 69 -2.19 -12.41 23.20
N LYS D 70 -2.97 -13.49 23.23
CA LYS D 70 -4.24 -13.59 22.50
C LYS D 70 -5.34 -12.67 23.02
N ALA D 71 -5.27 -12.33 24.31
CA ALA D 71 -6.19 -11.35 24.90
C ALA D 71 -6.00 -9.92 24.38
N ASN D 72 -4.85 -9.65 23.75
CA ASN D 72 -4.55 -8.36 23.10
C ASN D 72 -4.61 -7.18 24.08
N PHE D 73 -3.86 -7.33 25.16
CA PHE D 73 -3.66 -6.24 26.10
C PHE D 73 -2.71 -5.24 25.44
N PRO D 74 -2.92 -3.93 25.68
CA PRO D 74 -1.95 -2.94 25.22
C PRO D 74 -0.54 -3.24 25.75
N LYS D 75 0.44 -3.17 24.85
CA LYS D 75 1.82 -3.45 25.20
C LYS D 75 2.46 -2.26 25.88
N LYS D 76 3.20 -2.56 26.93
CA LYS D 76 3.92 -1.59 27.73
C LYS D 76 5.41 -1.73 27.43
N PHE D 77 5.92 -0.87 26.54
CA PHE D 77 7.34 -0.82 26.24
C PHE D 77 8.11 -0.03 27.28
N GLY D 78 7.47 1.02 27.81
CA GLY D 78 8.11 1.91 28.76
C GLY D 78 7.16 2.62 29.69
N ALA D 79 7.74 3.43 30.57
CA ALA D 79 7.02 4.25 31.53
C ALA D 79 7.56 5.69 31.44
N ALA D 80 6.70 6.65 31.76
CA ALA D 80 7.07 8.07 31.70
C ALA D 80 6.51 8.85 32.90
N TRP D 81 7.18 9.95 33.21
CA TRP D 81 6.75 10.88 34.27
C TRP D 81 6.73 12.30 33.74
N THR D 82 5.62 13.01 33.97
CA THR D 82 5.48 14.40 33.53
C THR D 82 4.99 15.30 34.67
N SER D 83 5.35 16.57 34.59
CA SER D 83 4.84 17.61 35.51
C SER D 83 4.67 18.90 34.72
N ALA D 84 3.71 19.73 35.13
CA ALA D 84 3.54 21.07 34.55
C ALA D 84 4.57 22.02 35.15
N ASP D 85 4.75 21.92 36.45
CA ASP D 85 5.78 22.65 37.19
C ASP D 85 7.16 22.11 36.80
N SER D 86 7.93 22.93 36.08
CA SER D 86 9.35 22.66 35.91
C SER D 86 10.01 22.88 37.25
N GLY D 87 11.05 22.09 37.53
CA GLY D 87 11.65 22.03 38.86
C GLY D 87 12.65 23.16 39.06
N PRO D 88 13.67 22.96 39.92
CA PRO D 88 14.68 23.99 40.08
C PRO D 88 15.53 24.13 38.82
N GLU D 89 15.92 25.36 38.51
CA GLU D 89 16.64 25.66 37.26
C GLU D 89 18.11 25.24 37.34
N ASP D 90 18.64 25.14 38.57
CA ASP D 90 20.02 24.73 38.78
C ASP D 90 20.26 23.27 38.41
N LYS D 91 19.26 22.42 38.66
CA LYS D 91 19.35 20.96 38.43
C LYS D 91 20.40 20.24 39.30
N MET D 92 21.14 21.01 40.12
CA MET D 92 22.21 20.53 41.03
C MET D 92 23.11 19.39 40.53
N GLY D 93 23.53 19.45 39.27
CA GLY D 93 24.58 18.55 38.75
C GLY D 93 24.16 17.30 38.01
N PHE D 94 22.86 17.09 37.86
CA PHE D 94 22.36 15.97 37.07
C PHE D 94 22.84 16.05 35.64
N GLN D 95 23.50 15.00 35.19
CA GLN D 95 24.15 14.95 33.88
C GLN D 95 23.16 15.15 32.73
N GLY D 96 22.17 14.27 32.64
CA GLY D 96 21.19 14.29 31.54
C GLY D 96 19.80 14.61 32.03
N LEU D 97 19.22 15.71 31.52
CA LEU D 97 17.79 16.01 31.67
C LEU D 97 17.30 16.75 30.43
N ASP D 98 16.20 16.27 29.88
CA ASP D 98 15.71 16.72 28.55
C ASP D 98 14.85 17.98 28.59
N HIS D 99 14.01 18.10 29.62
CA HIS D 99 13.06 19.22 29.73
C HIS D 99 12.97 19.83 31.16
N ASP D 100 14.09 19.85 31.90
CA ASP D 100 14.14 20.45 33.26
C ASP D 100 13.09 19.92 34.24
N PHE D 101 13.27 18.68 34.69
CA PHE D 101 12.35 17.97 35.62
C PHE D 101 10.89 17.80 35.14
N ARG D 102 10.60 18.29 33.93
CA ARG D 102 9.22 18.44 33.47
C ARG D 102 8.76 17.10 32.90
N SER D 103 9.54 16.56 31.97
CA SER D 103 9.30 15.25 31.36
C SER D 103 10.46 14.29 31.68
N ALA D 104 10.15 13.00 31.74
CA ALA D 104 11.17 11.96 31.92
C ALA D 104 10.62 10.61 31.49
N GLU D 105 11.35 9.92 30.61
CA GLU D 105 10.94 8.65 30.03
C GLU D 105 12.01 7.57 30.16
N ILE D 106 11.57 6.32 30.11
CA ILE D 106 12.44 5.14 30.20
C ILE D 106 11.81 3.98 29.42
N LEU D 107 12.63 3.28 28.62
CA LEU D 107 12.26 2.01 28.00
C LEU D 107 12.78 0.86 28.88
N PHE D 108 12.00 -0.21 28.98
CA PHE D 108 12.43 -1.40 29.75
C PHE D 108 13.59 -2.16 29.11
N ASN D 109 13.74 -2.08 27.79
CA ASN D 109 14.83 -2.78 27.07
C ASN D 109 16.25 -2.21 27.29
N GLU D 110 16.34 -1.00 27.87
CA GLU D 110 17.62 -0.34 28.16
C GLU D 110 18.53 -1.13 29.11
N ARG D 111 17.93 -1.91 30.00
CA ARG D 111 18.63 -2.86 30.86
C ARG D 111 18.15 -4.28 30.54
N LYS D 112 19.09 -5.20 30.38
CA LYS D 112 18.72 -6.61 30.21
C LYS D 112 18.35 -7.20 31.57
N GLN D 113 17.30 -8.02 31.56
CA GLN D 113 16.73 -8.64 32.76
C GLN D 113 16.63 -10.12 32.49
N GLU D 114 17.14 -10.95 33.40
CA GLU D 114 17.12 -12.41 33.20
C GLU D 114 15.69 -12.93 33.32
N GLY D 115 15.23 -13.59 32.26
CA GLY D 115 13.85 -14.05 32.15
C GLY D 115 13.01 -13.28 31.16
N VAL D 116 13.29 -11.98 30.99
CA VAL D 116 12.60 -11.19 29.96
C VAL D 116 13.23 -11.51 28.61
N ASP D 117 12.39 -11.94 27.67
CA ASP D 117 12.80 -12.20 26.29
C ASP D 117 12.07 -11.22 25.36
N ARG D 118 11.93 -9.99 25.86
CA ARG D 118 10.95 -9.05 25.37
C ARG D 118 11.31 -7.61 25.76
N ASP D 119 11.07 -6.69 24.83
CA ASP D 119 11.17 -5.25 25.09
C ASP D 119 9.90 -4.67 25.73
N PHE D 120 8.83 -5.46 25.82
CA PHE D 120 7.54 -5.00 26.37
C PHE D 120 6.95 -5.93 27.44
N THR D 121 6.10 -5.36 28.29
CA THR D 121 5.16 -6.14 29.10
C THR D 121 3.74 -5.72 28.69
N PHE D 122 2.77 -5.75 29.60
CA PHE D 122 1.38 -5.38 29.27
C PHE D 122 0.73 -4.42 30.27
N HIS D 123 -0.18 -3.60 29.75
CA HIS D 123 -1.22 -2.98 30.56
C HIS D 123 -2.44 -3.86 30.38
N VAL D 124 -3.08 -4.28 31.45
CA VAL D 124 -4.15 -5.28 31.36
C VAL D 124 -5.48 -4.88 32.03
N ASP D 125 -6.58 -5.24 31.36
CA ASP D 125 -7.89 -5.35 32.00
C ASP D 125 -7.78 -6.49 33.00
N ARG D 126 -7.87 -6.16 34.28
CA ARG D 126 -7.71 -7.14 35.35
C ARG D 126 -8.87 -8.14 35.46
N GLY D 127 -10.04 -7.76 34.96
CA GLY D 127 -11.18 -8.68 34.86
C GLY D 127 -10.83 -9.88 33.98
N LYS D 128 -10.30 -9.58 32.79
CA LYS D 128 -9.82 -10.60 31.84
C LYS D 128 -8.58 -11.32 32.36
N PHE D 129 -7.58 -10.53 32.75
CA PHE D 129 -6.28 -11.02 33.18
C PHE D 129 -6.36 -12.10 34.25
N ASP D 130 -7.05 -11.78 35.34
CA ASP D 130 -7.22 -12.72 36.46
C ASP D 130 -7.96 -13.99 36.08
N ARG D 131 -8.98 -13.88 35.21
CA ARG D 131 -9.67 -15.06 34.70
C ARG D 131 -8.75 -15.88 33.83
N ILE D 132 -8.11 -15.25 32.85
CA ILE D 132 -7.19 -15.94 31.96
C ILE D 132 -6.19 -16.76 32.78
N LEU D 133 -5.66 -16.18 33.86
CA LEU D 133 -4.69 -16.88 34.71
C LEU D 133 -5.28 -18.05 35.49
N LEU D 134 -6.42 -17.81 36.13
CA LEU D 134 -7.12 -18.87 36.88
C LEU D 134 -7.65 -19.97 35.96
N GLU D 135 -8.03 -19.59 34.75
CA GLU D 135 -8.40 -20.53 33.69
C GLU D 135 -7.24 -21.46 33.34
N HIS D 136 -6.07 -20.85 33.23
CA HIS D 136 -4.84 -21.58 32.96
C HIS D 136 -4.48 -22.51 34.12
N ALA D 137 -4.67 -22.02 35.34
CA ALA D 137 -4.49 -22.83 36.56
C ALA D 137 -5.42 -24.04 36.58
N GLY D 138 -6.63 -23.85 36.03
CA GLY D 138 -7.55 -24.95 35.80
C GLY D 138 -7.01 -26.01 34.86
N SER D 139 -6.54 -25.56 33.69
CA SER D 139 -6.02 -26.45 32.64
C SER D 139 -4.77 -27.21 33.07
N LEU D 140 -3.95 -26.59 33.92
CA LEU D 140 -2.75 -27.23 34.46
C LEU D 140 -3.03 -28.36 35.46
N GLY D 141 -4.26 -28.44 35.99
CA GLY D 141 -4.66 -29.51 36.92
C GLY D 141 -5.33 -29.07 38.21
N ALA D 142 -5.23 -27.78 38.55
CA ALA D 142 -5.76 -27.28 39.81
C ALA D 142 -7.28 -27.24 39.76
N LYS D 143 -7.91 -27.77 40.81
CA LYS D 143 -9.32 -27.55 41.05
C LYS D 143 -9.51 -26.08 41.38
N VAL D 144 -10.61 -25.49 40.91
CA VAL D 144 -10.93 -24.10 41.18
C VAL D 144 -12.41 -23.99 41.50
N PHE D 145 -12.70 -23.35 42.63
CA PHE D 145 -14.04 -22.98 43.01
C PHE D 145 -14.18 -21.47 42.87
N GLN D 146 -15.26 -21.03 42.23
CA GLN D 146 -15.70 -19.62 42.26
C GLN D 146 -17.04 -19.53 42.97
N GLY D 147 -17.27 -18.39 43.63
CA GLY D 147 -18.49 -18.15 44.40
C GLY D 147 -18.49 -18.76 45.80
N VAL D 148 -17.35 -19.32 46.21
CA VAL D 148 -17.24 -20.01 47.48
C VAL D 148 -16.22 -19.22 48.32
N GLU D 149 -16.71 -18.58 49.37
CA GLU D 149 -15.86 -17.79 50.26
C GLU D 149 -15.24 -18.70 51.32
N ILE D 150 -13.96 -18.46 51.62
CA ILE D 150 -13.29 -19.08 52.76
C ILE D 150 -13.58 -18.22 53.98
N ALA D 151 -14.34 -18.79 54.91
CA ALA D 151 -14.71 -18.10 56.14
C ALA D 151 -13.57 -18.12 57.15
N ASP D 152 -12.97 -19.29 57.35
CA ASP D 152 -11.98 -19.47 58.40
C ASP D 152 -10.98 -20.57 58.05
N VAL D 153 -9.90 -20.60 58.82
CA VAL D 153 -8.94 -21.70 58.84
C VAL D 153 -8.75 -22.16 60.28
N GLU D 154 -8.85 -23.46 60.51
CA GLU D 154 -8.52 -24.08 61.80
C GLU D 154 -7.18 -24.79 61.69
N PHE D 155 -6.19 -24.29 62.41
CA PHE D 155 -4.87 -24.93 62.45
C PHE D 155 -4.85 -26.00 63.55
N LEU D 156 -5.06 -27.24 63.15
CA LEU D 156 -5.16 -28.37 64.09
C LEU D 156 -3.78 -28.79 64.55
N SER D 157 -2.90 -29.02 63.59
CA SER D 157 -1.52 -29.42 63.87
C SER D 157 -0.67 -29.16 62.62
N PRO D 158 0.68 -29.21 62.75
CA PRO D 158 1.51 -29.03 61.57
C PRO D 158 1.15 -30.01 60.44
N GLY D 159 1.04 -29.50 59.22
CA GLY D 159 0.66 -30.29 58.05
C GLY D 159 -0.75 -30.84 58.08
N ASN D 160 -1.65 -30.15 58.79
CA ASN D 160 -3.01 -30.64 59.03
C ASN D 160 -3.95 -29.46 59.34
N VAL D 161 -4.78 -29.10 58.36
CA VAL D 161 -5.60 -27.89 58.40
C VAL D 161 -7.06 -28.19 58.04
N ILE D 162 -7.99 -27.43 58.63
CA ILE D 162 -9.40 -27.41 58.25
C ILE D 162 -9.75 -26.02 57.73
N VAL D 163 -10.17 -25.94 56.47
CA VAL D 163 -10.63 -24.71 55.85
C VAL D 163 -12.16 -24.71 55.82
N ASN D 164 -12.76 -23.69 56.43
CA ASN D 164 -14.22 -23.53 56.44
C ASN D 164 -14.68 -22.68 55.26
N ALA D 165 -15.09 -23.36 54.19
CA ALA D 165 -15.66 -22.72 53.02
C ALA D 165 -17.15 -22.55 53.24
N LYS D 166 -17.72 -21.50 52.65
CA LYS D 166 -19.17 -21.27 52.71
C LYS D 166 -19.76 -20.99 51.34
N LEU D 167 -20.88 -21.65 51.05
CA LEU D 167 -21.66 -21.42 49.84
C LEU D 167 -22.95 -20.73 50.26
N GLY D 168 -23.03 -19.42 50.03
CA GLY D 168 -24.10 -18.60 50.58
C GLY D 168 -24.03 -18.69 52.09
N LYS D 169 -25.16 -19.02 52.73
CA LYS D 169 -25.19 -19.31 54.16
C LYS D 169 -25.27 -20.83 54.36
N ARG D 170 -24.20 -21.51 53.93
CA ARG D 170 -24.07 -22.96 54.10
C ARG D 170 -22.60 -23.34 54.14
N SER D 171 -22.20 -24.00 55.23
CA SER D 171 -20.78 -24.24 55.56
C SER D 171 -20.25 -25.57 54.99
N VAL D 172 -18.95 -25.57 54.65
CA VAL D 172 -18.24 -26.75 54.13
C VAL D 172 -16.86 -26.85 54.77
N GLU D 173 -16.56 -28.01 55.33
CA GLU D 173 -15.29 -28.25 56.01
C GLU D 173 -14.31 -28.93 55.02
N ILE D 174 -13.30 -28.18 54.56
CA ILE D 174 -12.34 -28.65 53.54
C ILE D 174 -10.99 -28.95 54.20
N LYS D 175 -10.65 -30.23 54.35
CA LYS D 175 -9.37 -30.63 54.94
C LYS D 175 -8.20 -30.47 53.96
N ALA D 176 -7.07 -30.01 54.48
CA ALA D 176 -5.84 -29.87 53.71
C ALA D 176 -4.63 -29.79 54.62
N LYS D 177 -3.44 -29.89 54.02
CA LYS D 177 -2.18 -29.92 54.77
C LYS D 177 -1.69 -28.51 55.10
N MET D 178 -1.89 -27.59 54.18
CA MET D 178 -1.56 -26.20 54.41
C MET D 178 -2.46 -25.29 53.58
N VAL D 179 -2.43 -24.01 53.93
CA VAL D 179 -3.17 -22.96 53.22
C VAL D 179 -2.21 -21.90 52.72
N VAL D 180 -2.41 -21.48 51.48
CA VAL D 180 -1.79 -20.26 50.98
C VAL D 180 -2.86 -19.19 51.07
N ASP D 181 -2.55 -18.10 51.78
CA ASP D 181 -3.40 -16.93 51.79
C ASP D 181 -3.05 -16.12 50.54
N ALA D 182 -3.92 -16.19 49.55
CA ALA D 182 -3.82 -15.39 48.34
C ALA D 182 -5.04 -14.49 48.19
N SER D 183 -5.58 -14.03 49.32
CA SER D 183 -6.54 -12.92 49.31
C SER D 183 -5.78 -11.71 48.78
N GLY D 184 -6.49 -10.62 48.61
CA GLY D 184 -5.87 -9.38 48.24
C GLY D 184 -5.70 -8.57 49.50
N ARG D 185 -6.30 -7.39 49.49
CA ARG D 185 -6.39 -6.52 50.65
C ARG D 185 -7.41 -7.01 51.68
N ASN D 186 -8.23 -8.00 51.31
CA ASN D 186 -9.08 -8.71 52.26
C ASN D 186 -8.30 -9.36 53.41
N VAL D 187 -7.06 -9.75 53.15
CA VAL D 187 -6.07 -10.08 54.19
C VAL D 187 -6.70 -11.00 55.25
N LEU D 188 -7.07 -12.21 54.83
CA LEU D 188 -7.87 -13.09 55.69
C LEU D 188 -7.09 -13.60 56.91
N LEU D 189 -6.01 -14.34 56.67
CA LEU D 189 -5.16 -14.85 57.76
C LEU D 189 -4.36 -13.75 58.47
N GLY D 190 -4.18 -12.60 57.81
CA GLY D 190 -3.64 -11.43 58.47
C GLY D 190 -4.54 -10.95 59.62
N ARG D 191 -5.84 -10.84 59.34
CA ARG D 191 -6.83 -10.49 60.37
C ARG D 191 -7.00 -11.60 61.39
N ARG D 192 -7.27 -12.83 60.92
CA ARG D 192 -7.54 -13.98 61.80
C ARG D 192 -6.45 -14.21 62.84
N LEU D 193 -5.19 -14.00 62.45
CA LEU D 193 -4.03 -14.28 63.30
C LEU D 193 -3.40 -13.07 63.98
N GLY D 194 -3.89 -11.88 63.65
CA GLY D 194 -3.36 -10.63 64.22
C GLY D 194 -1.96 -10.26 63.76
N LEU D 195 -1.66 -10.56 62.51
CA LEU D 195 -0.37 -10.24 61.89
C LEU D 195 -0.40 -8.88 61.15
N ARG D 196 -1.59 -8.47 60.72
CA ARG D 196 -1.81 -7.18 60.04
C ARG D 196 -1.23 -6.02 60.84
N GLU D 197 -0.35 -5.25 60.20
CA GLU D 197 0.24 -4.05 60.79
C GLU D 197 0.08 -2.89 59.81
N LYS D 198 -0.74 -1.90 60.16
CA LYS D 198 -0.90 -0.69 59.35
C LYS D 198 0.44 0.05 59.30
N ASP D 199 0.74 0.62 58.12
CA ASP D 199 2.00 1.34 57.91
C ASP D 199 2.03 2.63 58.74
N PRO D 200 3.17 2.94 59.39
CA PRO D 200 3.25 4.16 60.19
C PRO D 200 3.37 5.46 59.39
N VAL D 201 3.87 5.37 58.15
CA VAL D 201 4.13 6.56 57.33
C VAL D 201 3.18 6.70 56.12
N PHE D 202 2.94 5.60 55.40
CA PHE D 202 2.12 5.67 54.19
C PHE D 202 0.63 5.66 54.51
N ASN D 203 0.00 6.80 54.24
CA ASN D 203 -1.43 7.01 54.44
C ASN D 203 -2.01 7.56 53.13
N GLN D 204 -1.75 6.83 52.05
CA GLN D 204 -2.15 7.26 50.70
C GLN D 204 -3.59 6.82 50.39
N PHE D 205 -4.09 7.28 49.23
CA PHE D 205 -5.49 7.14 48.86
C PHE D 205 -5.63 7.35 47.36
N ALA D 206 -6.61 6.70 46.75
CA ALA D 206 -6.77 6.73 45.30
C ALA D 206 -8.22 6.67 44.87
N ILE D 207 -8.55 7.51 43.88
CA ILE D 207 -9.84 7.54 43.21
C ILE D 207 -9.56 7.41 41.72
N HIS D 208 -10.36 6.62 41.02
CA HIS D 208 -10.06 6.27 39.63
C HIS D 208 -11.25 5.67 38.88
N SER D 209 -11.10 5.59 37.56
CA SER D 209 -12.08 5.00 36.66
C SER D 209 -11.49 4.77 35.28
N TRP D 210 -12.34 4.29 34.35
CA TRP D 210 -12.00 4.10 32.95
C TRP D 210 -12.57 5.23 32.07
N PHE D 211 -11.90 5.49 30.95
CA PHE D 211 -12.29 6.53 29.99
C PHE D 211 -12.08 6.08 28.55
N ASP D 212 -13.16 6.00 27.78
CA ASP D 212 -13.10 5.59 26.36
C ASP D 212 -12.81 6.80 25.47
N ASN D 213 -12.01 6.55 24.42
CA ASN D 213 -11.53 7.58 23.48
C ASN D 213 -10.79 8.74 24.16
N PHE D 214 -10.02 8.41 25.19
CA PHE D 214 -9.17 9.39 25.88
C PHE D 214 -7.92 9.60 25.02
N ASP D 215 -7.68 10.85 24.65
CA ASP D 215 -6.60 11.21 23.75
C ASP D 215 -5.26 11.16 24.48
N ARG D 216 -4.58 10.02 24.38
CA ARG D 216 -3.34 9.77 25.13
C ARG D 216 -2.15 10.65 24.72
N LYS D 217 -2.20 11.26 23.53
CA LYS D 217 -1.18 12.22 23.08
C LYS D 217 -1.14 13.56 23.87
N SER D 218 -2.13 13.80 24.71
CA SER D 218 -2.10 14.93 25.65
C SER D 218 -0.84 14.94 26.53
N ALA D 219 -0.33 13.75 26.86
CA ALA D 219 0.91 13.59 27.62
C ALA D 219 2.18 13.97 26.83
N THR D 220 2.34 13.39 25.64
CA THR D 220 3.57 13.51 24.84
C THR D 220 3.31 13.92 23.38
N GLN D 221 4.29 14.61 22.79
CA GLN D 221 4.22 15.06 21.39
C GLN D 221 4.31 13.88 20.42
N SER D 222 5.36 13.08 20.56
CA SER D 222 5.65 11.98 19.65
C SER D 222 4.66 10.82 19.83
N PRO D 223 4.30 10.12 18.73
CA PRO D 223 3.49 8.90 18.80
C PRO D 223 4.28 7.61 19.16
N ASP D 224 5.56 7.76 19.49
CA ASP D 224 6.40 6.66 19.96
C ASP D 224 6.01 6.19 21.36
N LYS D 225 5.60 7.15 22.20
CA LYS D 225 5.45 6.94 23.65
C LYS D 225 4.00 7.01 24.16
N VAL D 226 3.03 6.88 23.27
CA VAL D 226 1.62 7.09 23.59
C VAL D 226 1.03 6.00 24.52
N ASP D 227 1.43 4.75 24.30
CA ASP D 227 0.98 3.60 25.12
C ASP D 227 1.95 3.19 26.25
N TYR D 228 2.66 4.16 26.80
CA TYR D 228 3.38 3.99 28.07
C TYR D 228 2.38 4.19 29.21
N ILE D 229 2.74 3.70 30.39
CA ILE D 229 2.15 4.26 31.62
C ILE D 229 2.70 5.68 31.72
N PHE D 230 1.83 6.64 32.00
CA PHE D 230 2.27 7.98 32.40
C PHE D 230 1.89 8.22 33.85
N ILE D 231 2.86 8.69 34.62
CA ILE D 231 2.66 9.10 36.01
C ILE D 231 2.80 10.62 36.01
N HIS D 232 1.66 11.30 36.03
CA HIS D 232 1.61 12.76 35.97
C HIS D 232 1.68 13.35 37.37
N PHE D 233 2.67 14.21 37.62
CA PHE D 233 2.79 14.92 38.90
C PHE D 233 1.78 16.07 38.96
N LEU D 234 1.19 16.27 40.14
CA LEU D 234 0.28 17.40 40.41
C LEU D 234 0.86 18.30 41.50
N PRO D 235 0.48 19.61 41.52
CA PRO D 235 0.98 20.52 42.57
C PRO D 235 0.55 20.20 44.01
N MET D 236 -0.54 19.44 44.17
CA MET D 236 -0.96 18.94 45.48
C MET D 236 0.13 18.04 46.07
N THR D 237 0.30 18.11 47.39
CA THR D 237 1.39 17.37 48.05
C THR D 237 1.23 15.86 47.94
N ASN D 238 2.32 15.18 47.60
CA ASN D 238 2.36 13.71 47.45
C ASN D 238 1.21 13.19 46.56
N THR D 239 0.99 13.87 45.44
CA THR D 239 -0.16 13.60 44.58
C THR D 239 0.28 13.43 43.13
N TRP D 240 -0.21 12.36 42.50
CA TRP D 240 0.11 12.03 41.12
C TRP D 240 -1.02 11.24 40.44
N VAL D 241 -1.04 11.28 39.11
CA VAL D 241 -2.10 10.69 38.30
C VAL D 241 -1.52 9.63 37.37
N TRP D 242 -2.06 8.41 37.44
CA TRP D 242 -1.68 7.35 36.51
C TRP D 242 -2.54 7.44 35.25
N GLN D 243 -1.91 7.14 34.11
CA GLN D 243 -2.59 7.04 32.83
C GLN D 243 -2.19 5.68 32.24
N ILE D 244 -3.09 4.71 32.35
CA ILE D 244 -2.83 3.32 31.97
C ILE D 244 -3.72 2.92 30.79
N PRO D 245 -3.12 2.57 29.63
CA PRO D 245 -3.89 2.01 28.53
C PRO D 245 -4.57 0.70 28.93
N ILE D 246 -5.82 0.50 28.53
CA ILE D 246 -6.54 -0.76 28.81
C ILE D 246 -6.97 -1.48 27.54
N THR D 247 -7.43 -0.72 26.55
CA THR D 247 -7.64 -1.21 25.18
C THR D 247 -7.00 -0.16 24.25
N GLU D 248 -7.23 -0.30 22.94
CA GLU D 248 -6.79 0.71 21.98
C GLU D 248 -7.40 2.11 22.21
N THR D 249 -8.62 2.12 22.75
CA THR D 249 -9.37 3.38 23.03
C THR D 249 -9.59 3.66 24.53
N ILE D 250 -9.90 2.61 25.30
CA ILE D 250 -10.11 2.73 26.76
C ILE D 250 -8.77 3.09 27.44
N THR D 251 -8.85 3.96 28.45
CA THR D 251 -7.71 4.34 29.28
C THR D 251 -8.16 4.44 30.73
N SER D 252 -7.40 3.82 31.64
CA SER D 252 -7.64 3.92 33.07
C SER D 252 -6.85 5.10 33.62
N VAL D 253 -7.52 5.94 34.39
CA VAL D 253 -6.89 7.11 35.00
C VAL D 253 -7.27 7.16 36.47
N GLY D 254 -6.27 7.38 37.32
CA GLY D 254 -6.46 7.40 38.76
C GLY D 254 -5.55 8.37 39.49
N VAL D 255 -6.15 9.34 40.16
CA VAL D 255 -5.41 10.24 41.04
C VAL D 255 -5.04 9.46 42.30
N VAL D 256 -3.79 9.62 42.73
CA VAL D 256 -3.31 9.04 43.99
C VAL D 256 -2.74 10.20 44.79
N THR D 257 -3.07 10.22 46.08
CA THR D 257 -2.80 11.38 46.94
C THR D 257 -2.77 11.00 48.41
N GLN D 258 -2.38 11.96 49.24
CA GLN D 258 -2.54 11.85 50.69
C GLN D 258 -4.02 11.79 51.03
N LYS D 259 -4.36 10.97 52.01
CA LYS D 259 -5.75 10.79 52.45
C LYS D 259 -6.32 12.06 53.09
N GLN D 260 -5.43 12.88 53.65
CA GLN D 260 -5.78 14.18 54.19
C GLN D 260 -6.22 15.15 53.07
N ASN D 261 -5.49 15.16 51.94
CA ASN D 261 -5.89 15.98 50.78
C ASN D 261 -7.33 15.73 50.33
N TYR D 262 -7.75 14.47 50.29
CA TYR D 262 -9.13 14.13 49.95
C TYR D 262 -10.12 14.63 51.02
N THR D 263 -9.95 14.15 52.24
CA THR D 263 -10.91 14.46 53.33
C THR D 263 -10.95 15.93 53.73
N ASN D 264 -9.80 16.59 53.75
CA ASN D 264 -9.73 18.04 54.05
C ASN D 264 -10.30 18.92 52.92
N SER D 265 -10.32 18.40 51.70
CA SER D 265 -11.02 19.06 50.58
C SER D 265 -12.53 19.14 50.83
N ASP D 266 -13.05 18.15 51.56
CA ASP D 266 -14.44 18.10 52.03
C ASP D 266 -15.42 17.72 50.89
N LEU D 267 -14.89 17.14 49.81
CA LEU D 267 -15.65 16.83 48.60
C LEU D 267 -15.96 15.34 48.47
N THR D 268 -16.88 15.04 47.56
CA THR D 268 -17.16 13.67 47.13
C THR D 268 -16.02 13.18 46.22
N TYR D 269 -15.87 11.86 46.09
CA TYR D 269 -14.78 11.24 45.31
C TYR D 269 -14.64 11.84 43.91
N GLU D 270 -15.79 11.96 43.24
CA GLU D 270 -15.87 12.45 41.86
C GLU D 270 -15.39 13.90 41.72
N GLU D 271 -15.94 14.78 42.54
CA GLU D 271 -15.57 16.19 42.55
C GLU D 271 -14.10 16.41 42.95
N PHE D 272 -13.58 15.55 43.82
CA PHE D 272 -12.17 15.60 44.20
C PHE D 272 -11.27 15.11 43.06
N PHE D 273 -11.73 14.10 42.33
CA PHE D 273 -11.03 13.64 41.12
C PHE D 273 -10.83 14.81 40.16
N TRP D 274 -11.93 15.44 39.78
CA TRP D 274 -11.92 16.49 38.76
C TRP D 274 -11.13 17.75 39.16
N GLU D 275 -11.19 18.13 40.44
CA GLU D 275 -10.44 19.29 40.95
C GLU D 275 -8.93 19.08 41.00
N ALA D 276 -8.50 17.89 41.43
CA ALA D 276 -7.09 17.52 41.43
C ALA D 276 -6.57 17.46 39.99
N VAL D 277 -7.32 16.79 39.13
CA VAL D 277 -7.06 16.75 37.69
C VAL D 277 -7.03 18.15 37.04
N LYS D 278 -7.94 19.04 37.47
CA LYS D 278 -8.03 20.43 36.96
C LYS D 278 -6.71 21.22 37.09
N THR D 279 -5.86 20.86 38.04
CA THR D 279 -4.55 21.49 38.23
C THR D 279 -3.64 21.42 36.99
N ARG D 280 -3.84 20.39 36.15
CA ARG D 280 -3.13 20.25 34.87
C ARG D 280 -4.10 20.23 33.68
N GLU D 281 -3.98 21.23 32.81
CA GLU D 281 -4.97 21.49 31.75
C GLU D 281 -5.04 20.45 30.65
N ASN D 282 -3.88 20.12 30.07
CA ASN D 282 -3.80 19.09 29.00
C ASN D 282 -4.44 17.76 29.42
N LEU D 283 -4.27 17.40 30.69
CA LEU D 283 -4.88 16.22 31.28
C LEU D 283 -6.38 16.36 31.51
N HIS D 284 -6.80 17.51 32.04
CA HIS D 284 -8.21 17.75 32.36
C HIS D 284 -9.09 17.79 31.12
N ASP D 285 -8.70 18.62 30.16
CA ASP D 285 -9.45 18.78 28.91
C ASP D 285 -9.45 17.53 28.00
N ALA D 286 -8.43 16.68 28.13
CA ALA D 286 -8.41 15.39 27.45
C ALA D 286 -9.38 14.38 28.09
N LEU D 287 -9.46 14.40 29.42
CA LEU D 287 -10.42 13.59 30.19
C LEU D 287 -11.85 14.08 30.04
N LYS D 288 -12.01 15.40 29.97
CA LYS D 288 -13.29 16.05 29.69
C LYS D 288 -13.96 15.48 28.44
N ALA D 289 -13.20 15.42 27.35
CA ALA D 289 -13.68 14.91 26.06
C ALA D 289 -14.07 13.43 26.09
N SER D 290 -13.35 12.64 26.88
CA SER D 290 -13.57 11.20 26.97
C SER D 290 -14.86 10.83 27.72
N GLU D 291 -15.27 9.57 27.55
CA GLU D 291 -16.51 9.04 28.10
C GLU D 291 -16.22 8.18 29.34
N GLN D 292 -16.76 8.57 30.49
CA GLN D 292 -16.73 7.73 31.70
C GLN D 292 -17.51 6.44 31.47
N VAL D 293 -16.78 5.37 31.17
CA VAL D 293 -17.39 4.04 31.04
C VAL D 293 -17.60 3.31 32.37
N ARG D 294 -17.09 3.87 33.46
CA ARG D 294 -17.31 3.34 34.82
C ARG D 294 -17.44 4.44 35.86
N PRO D 295 -18.17 4.17 36.96
CA PRO D 295 -18.20 5.12 38.08
C PRO D 295 -16.89 5.11 38.87
N PHE D 296 -16.66 6.16 39.65
CA PHE D 296 -15.40 6.33 40.37
C PHE D 296 -15.28 5.36 41.53
N LYS D 297 -14.08 4.82 41.71
CA LYS D 297 -13.80 3.80 42.71
C LYS D 297 -12.74 4.30 43.68
N LYS D 298 -13.05 4.23 44.97
CA LYS D 298 -12.10 4.52 46.04
C LYS D 298 -11.22 3.28 46.28
N GLU D 299 -9.94 3.53 46.56
CA GLU D 299 -9.05 2.53 47.14
C GLU D 299 -8.33 3.20 48.31
N ALA D 300 -8.51 2.63 49.51
CA ALA D 300 -8.05 3.25 50.74
C ALA D 300 -7.38 2.26 51.68
N ASP D 301 -6.52 2.80 52.53
CA ASP D 301 -5.93 2.07 53.67
C ASP D 301 -5.20 0.81 53.20
N TYR D 302 -4.48 0.97 52.11
CA TYR D 302 -3.84 -0.14 51.40
C TYR D 302 -2.37 -0.35 51.77
N SER D 303 -1.80 0.59 52.53
CA SER D 303 -0.42 0.48 52.99
C SER D 303 -0.40 -0.24 54.35
N TYR D 304 0.15 -1.45 54.35
CA TYR D 304 0.25 -2.27 55.56
C TYR D 304 1.29 -3.37 55.37
N GLY D 305 1.93 -3.75 56.47
CA GLY D 305 2.82 -4.92 56.51
C GLY D 305 2.15 -6.09 57.19
N MET D 306 2.95 -7.06 57.61
CA MET D 306 2.44 -8.29 58.20
C MET D 306 3.54 -8.89 59.09
N LYS D 307 3.28 -8.98 60.39
CA LYS D 307 4.25 -9.47 61.39
C LYS D 307 4.95 -10.74 60.94
N GLU D 308 4.13 -11.67 60.47
CA GLU D 308 4.58 -12.98 60.00
C GLU D 308 3.98 -13.21 58.61
N VAL D 309 4.81 -13.58 57.64
CA VAL D 309 4.32 -13.97 56.29
C VAL D 309 4.16 -15.49 56.10
N CYS D 310 4.66 -16.28 57.05
CA CYS D 310 4.61 -17.74 56.98
C CYS D 310 4.63 -18.38 58.36
N GLY D 311 4.21 -19.64 58.42
CA GLY D 311 4.15 -20.38 59.68
C GLY D 311 3.90 -21.85 59.47
N ASP D 312 3.48 -22.52 60.55
CA ASP D 312 3.05 -23.90 60.48
C ASP D 312 1.76 -24.00 59.65
N SER D 313 1.90 -24.63 58.48
CA SER D 313 0.77 -24.92 57.57
C SER D 313 0.12 -23.66 56.95
N PHE D 314 0.88 -22.57 56.85
CA PHE D 314 0.42 -21.39 56.10
C PHE D 314 1.57 -20.56 55.54
N VAL D 315 1.27 -19.91 54.41
CA VAL D 315 2.09 -18.84 53.86
C VAL D 315 1.15 -17.72 53.44
N LEU D 316 1.67 -16.50 53.39
CA LEU D 316 0.93 -15.37 52.85
C LEU D 316 1.67 -14.92 51.59
N ILE D 317 0.93 -14.72 50.50
CA ILE D 317 1.50 -14.25 49.23
C ILE D 317 0.71 -13.08 48.65
N GLY D 318 1.35 -12.36 47.73
CA GLY D 318 0.76 -11.19 47.10
C GLY D 318 0.35 -10.12 48.10
N ASP D 319 -0.78 -9.48 47.84
CA ASP D 319 -1.31 -8.41 48.73
C ASP D 319 -1.60 -8.89 50.15
N ALA D 320 -2.02 -10.14 50.30
CA ALA D 320 -2.34 -10.73 51.60
C ALA D 320 -1.18 -10.77 52.60
N ALA D 321 0.05 -10.72 52.09
CA ALA D 321 1.26 -10.56 52.90
C ALA D 321 1.69 -9.11 53.07
N ARG D 322 1.47 -8.29 52.05
CA ARG D 322 1.96 -6.90 52.05
C ARG D 322 1.34 -6.12 50.92
N PHE D 323 1.16 -4.83 51.12
CA PHE D 323 1.14 -3.88 50.01
C PHE D 323 1.65 -2.51 50.48
N VAL D 324 2.38 -1.83 49.60
CA VAL D 324 2.98 -0.52 49.89
C VAL D 324 2.17 0.57 49.19
N ASP D 325 2.45 0.81 47.91
CA ASP D 325 1.85 1.92 47.15
C ASP D 325 2.02 1.61 45.67
N PRO D 326 1.09 2.06 44.80
CA PRO D 326 1.12 1.64 43.39
C PRO D 326 1.85 2.55 42.39
N ILE D 327 2.95 3.17 42.80
CA ILE D 327 3.63 4.17 41.95
C ILE D 327 4.36 3.47 40.82
N PHE D 328 5.15 2.47 41.18
CA PHE D 328 5.98 1.72 40.24
C PHE D 328 5.29 0.49 39.64
N SER D 329 4.02 0.28 40.00
CA SER D 329 3.14 -0.69 39.33
C SER D 329 3.68 -2.13 39.39
N SER D 330 4.02 -2.54 40.62
CA SER D 330 4.74 -3.79 40.89
C SER D 330 3.93 -4.82 41.69
N GLY D 331 2.65 -4.57 41.93
CA GLY D 331 1.82 -5.44 42.76
C GLY D 331 1.45 -6.78 42.15
N VAL D 332 1.17 -6.78 40.84
CA VAL D 332 1.02 -8.03 40.10
C VAL D 332 2.37 -8.76 40.04
N SER D 333 3.46 -8.02 39.86
CA SER D 333 4.81 -8.60 39.85
C SER D 333 5.17 -9.23 41.21
N VAL D 334 4.83 -8.56 42.30
CA VAL D 334 5.04 -9.10 43.64
C VAL D 334 4.15 -10.32 43.87
N ALA D 335 2.94 -10.30 43.33
CA ALA D 335 2.00 -11.42 43.45
C ALA D 335 2.53 -12.67 42.76
N LEU D 336 2.98 -12.52 41.52
CA LEU D 336 3.47 -13.65 40.70
C LEU D 336 4.76 -14.24 41.25
N ASN D 337 5.73 -13.39 41.52
CA ASN D 337 7.02 -13.80 42.09
C ASN D 337 6.93 -14.33 43.53
N SER D 338 6.10 -13.71 44.37
CA SER D 338 5.87 -14.23 45.73
C SER D 338 5.28 -15.63 45.64
N ALA D 339 4.31 -15.79 44.73
CA ALA D 339 3.71 -17.09 44.45
C ALA D 339 4.73 -18.10 43.95
N ARG D 340 5.58 -17.66 43.02
CA ARG D 340 6.65 -18.51 42.45
C ARG D 340 7.60 -18.99 43.53
N ILE D 341 8.18 -18.05 44.27
CA ILE D 341 9.20 -18.35 45.27
C ILE D 341 8.63 -19.21 46.40
N ALA D 342 7.40 -18.90 46.81
CA ALA D 342 6.69 -19.70 47.82
C ALA D 342 6.35 -21.11 47.34
N SER D 343 5.97 -21.24 46.07
CA SER D 343 5.59 -22.54 45.50
C SER D 343 6.73 -23.56 45.58
N GLY D 344 7.96 -23.10 45.36
CA GLY D 344 9.15 -23.97 45.49
C GLY D 344 9.24 -24.60 46.86
N ASP D 345 9.13 -23.76 47.89
CA ASP D 345 9.10 -24.22 49.29
C ASP D 345 7.95 -25.15 49.61
N ILE D 346 6.78 -24.88 49.02
CA ILE D 346 5.57 -25.67 49.26
C ILE D 346 5.67 -27.04 48.61
N ILE D 347 6.16 -27.05 47.37
CA ILE D 347 6.39 -28.28 46.62
C ILE D 347 7.36 -29.23 47.38
N GLU D 348 8.44 -28.65 47.90
CA GLU D 348 9.38 -29.36 48.76
C GLU D 348 8.72 -29.80 50.07
N ALA D 349 7.89 -28.94 50.64
CA ALA D 349 7.09 -29.25 51.83
C ALA D 349 6.12 -30.43 51.64
N VAL D 350 5.37 -30.44 50.54
CA VAL D 350 4.42 -31.55 50.27
C VAL D 350 5.11 -32.86 49.94
N LYS D 351 6.22 -32.79 49.19
CA LYS D 351 7.01 -33.98 48.81
C LYS D 351 7.61 -34.70 50.02
N ASN D 352 7.97 -33.92 51.04
CA ASN D 352 8.57 -34.46 52.26
C ASN D 352 7.65 -34.43 53.49
N ASN D 353 6.38 -34.08 53.28
CA ASN D 353 5.36 -34.03 54.33
C ASN D 353 5.80 -33.27 55.60
N ASP D 354 6.48 -32.13 55.38
CA ASP D 354 6.95 -31.25 56.44
C ASP D 354 6.46 -29.83 56.14
N PHE D 355 5.46 -29.39 56.90
CA PHE D 355 4.80 -28.10 56.71
C PHE D 355 5.05 -27.12 57.86
N SER D 356 6.15 -27.32 58.57
CA SER D 356 6.55 -26.41 59.63
C SER D 356 7.08 -25.11 59.04
N LYS D 357 7.12 -24.06 59.86
CA LYS D 357 7.67 -22.75 59.49
C LYS D 357 8.99 -22.88 58.71
N SER D 358 9.86 -23.76 59.21
CA SER D 358 11.15 -24.11 58.59
C SER D 358 11.10 -24.32 57.08
N SER D 359 10.07 -25.02 56.62
CA SER D 359 9.91 -25.30 55.19
C SER D 359 9.79 -24.04 54.34
N PHE D 360 9.19 -22.98 54.88
CA PHE D 360 8.91 -21.76 54.14
C PHE D 360 9.85 -20.59 54.45
N THR D 361 11.00 -20.88 55.08
CA THR D 361 11.94 -19.84 55.49
C THR D 361 12.75 -19.24 54.32
N HIS D 362 12.98 -20.03 53.28
CA HIS D 362 13.59 -19.50 52.05
C HIS D 362 12.72 -18.41 51.43
N TYR D 363 11.42 -18.69 51.33
CA TYR D 363 10.43 -17.72 50.86
C TYR D 363 10.43 -16.48 51.74
N GLU D 364 10.35 -16.71 53.06
CA GLU D 364 10.35 -15.65 54.05
C GLU D 364 11.50 -14.66 53.86
N GLY D 365 12.71 -15.20 53.72
CA GLY D 365 13.90 -14.38 53.48
C GLY D 365 13.85 -13.61 52.17
N MET D 366 13.45 -14.31 51.11
CA MET D 366 13.37 -13.75 49.75
C MET D 366 12.31 -12.66 49.62
N ILE D 367 11.10 -12.95 50.10
CA ILE D 367 9.98 -12.00 50.02
C ILE D 367 10.24 -10.75 50.87
N ARG D 368 10.77 -10.92 52.08
CA ARG D 368 11.01 -9.79 52.99
C ARG D 368 12.02 -8.80 52.41
N ASN D 369 13.11 -9.32 51.85
CA ASN D 369 14.12 -8.48 51.20
C ASN D 369 13.64 -7.95 49.85
N GLY D 370 12.73 -8.68 49.22
CA GLY D 370 11.99 -8.19 48.06
C GLY D 370 11.13 -6.99 48.40
N ILE D 371 10.32 -7.13 49.45
CA ILE D 371 9.49 -6.01 49.95
C ILE D 371 10.38 -4.85 50.44
N LYS D 372 11.48 -5.17 51.10
CA LYS D 372 12.36 -4.16 51.70
C LYS D 372 12.82 -3.13 50.67
N ASN D 373 13.34 -3.60 49.55
CA ASN D 373 13.81 -2.71 48.46
C ASN D 373 12.66 -1.98 47.79
N TRP D 374 11.55 -2.69 47.57
CA TRP D 374 10.34 -2.11 47.00
C TRP D 374 9.73 -1.02 47.89
N TYR D 375 9.78 -1.24 49.20
CA TYR D 375 9.29 -0.27 50.19
C TYR D 375 10.16 0.98 50.21
N GLU D 376 11.48 0.77 50.27
CA GLU D 376 12.47 1.86 50.24
C GLU D 376 12.36 2.69 48.97
N PHE D 377 12.33 1.99 47.84
CA PHE D 377 12.24 2.63 46.53
C PHE D 377 10.98 3.49 46.41
N ILE D 378 9.90 3.06 47.06
CA ILE D 378 8.66 3.86 47.18
C ILE D 378 8.83 5.09 48.09
N THR D 379 9.47 4.92 49.25
CA THR D 379 9.71 6.05 50.17
C THR D 379 10.55 7.15 49.51
N LEU D 380 11.60 6.74 48.80
CA LEU D 380 12.50 7.66 48.09
C LEU D 380 11.85 8.44 46.94
N TYR D 381 10.79 7.89 46.35
CA TYR D 381 10.00 8.61 45.34
C TYR D 381 9.22 9.76 45.94
N TYR D 382 8.39 9.45 46.94
CA TYR D 382 7.55 10.45 47.62
C TYR D 382 8.36 11.56 48.30
N ARG D 383 9.57 11.21 48.74
CA ARG D 383 10.51 12.17 49.31
C ARG D 383 11.05 13.14 48.24
N LEU D 384 11.35 12.62 47.06
CA LEU D 384 11.87 13.41 45.92
C LEU D 384 10.81 14.20 45.13
N ASN D 385 9.61 13.64 44.99
CA ASN D 385 8.54 14.24 44.20
C ASN D 385 8.99 14.39 42.72
N ILE D 386 8.78 15.54 42.08
CA ILE D 386 9.28 15.78 40.71
C ILE D 386 10.80 15.65 40.52
N LEU D 387 11.56 15.74 41.62
CA LEU D 387 13.02 15.55 41.59
C LEU D 387 13.45 14.11 41.26
N PHE D 388 12.54 13.15 41.45
CA PHE D 388 12.78 11.75 41.06
C PHE D 388 13.13 11.58 39.58
N THR D 389 12.54 12.40 38.71
CA THR D 389 12.80 12.39 37.26
C THR D 389 14.26 12.56 36.91
N ALA D 390 14.95 13.36 37.71
CA ALA D 390 16.35 13.57 37.55
C ALA D 390 17.11 12.23 37.65
N PHE D 391 16.87 11.47 38.73
CA PHE D 391 17.51 10.16 38.94
C PHE D 391 17.26 9.20 37.78
N VAL D 392 16.03 9.26 37.26
CA VAL D 392 15.60 8.46 36.11
C VAL D 392 16.41 8.80 34.86
N GLN D 393 16.63 10.08 34.59
CA GLN D 393 17.31 10.55 33.38
C GLN D 393 18.85 10.51 33.41
N ASP D 394 19.43 10.71 34.59
CA ASP D 394 20.89 10.74 34.77
C ASP D 394 21.53 9.36 34.55
N PRO D 395 22.50 9.25 33.61
CA PRO D 395 23.18 7.97 33.30
C PRO D 395 23.75 7.18 34.50
N ARG D 396 24.19 7.89 35.54
CA ARG D 396 24.78 7.25 36.72
C ARG D 396 23.80 6.39 37.53
N TYR D 397 22.53 6.79 37.55
CA TYR D 397 21.49 6.08 38.32
C TYR D 397 20.42 5.39 37.45
N ARG D 398 20.39 5.69 36.14
CA ARG D 398 19.30 5.29 35.23
C ARG D 398 19.05 3.79 35.20
N LEU D 399 20.08 3.01 34.88
CA LEU D 399 19.94 1.55 34.74
C LEU D 399 19.80 0.84 36.09
N ASP D 400 20.46 1.34 37.12
CA ASP D 400 20.28 0.82 38.48
C ASP D 400 18.88 1.11 39.03
N ILE D 401 18.32 2.28 38.66
CA ILE D 401 16.91 2.60 38.92
C ILE D 401 15.98 1.66 38.13
N LEU D 402 16.29 1.46 36.85
CA LEU D 402 15.46 0.64 35.94
C LEU D 402 15.22 -0.78 36.47
N GLN D 403 16.25 -1.36 37.10
CA GLN D 403 16.15 -2.64 37.80
C GLN D 403 14.95 -2.69 38.76
N LEU D 404 14.82 -1.64 39.56
CA LEU D 404 13.70 -1.49 40.49
C LEU D 404 12.36 -1.25 39.78
N LEU D 405 12.38 -0.45 38.71
CA LEU D 405 11.22 -0.27 37.83
C LEU D 405 10.80 -1.55 37.09
N GLN D 406 11.79 -2.38 36.77
CA GLN D 406 11.56 -3.68 36.14
C GLN D 406 11.04 -4.78 37.07
N GLY D 407 10.92 -4.48 38.37
CA GLY D 407 10.48 -5.47 39.37
C GLY D 407 11.53 -6.47 39.79
N ASP D 408 12.76 -6.34 39.28
CA ASP D 408 13.85 -7.28 39.56
C ASP D 408 14.45 -6.92 40.92
N VAL D 409 13.76 -7.36 41.95
CA VAL D 409 13.99 -6.92 43.32
C VAL D 409 14.45 -8.08 44.23
N TYR D 410 14.43 -9.30 43.70
CA TYR D 410 14.44 -10.50 44.53
C TYR D 410 15.83 -11.06 44.84
N SER D 411 16.87 -10.49 44.25
CA SER D 411 18.24 -10.92 44.53
C SER D 411 18.71 -10.23 45.82
N GLY D 412 19.43 -10.98 46.66
CA GLY D 412 19.98 -10.47 47.91
C GLY D 412 21.07 -9.41 47.80
N LYS D 413 21.57 -9.16 46.59
CA LYS D 413 22.50 -8.05 46.33
C LYS D 413 21.91 -6.71 46.78
N ARG D 414 22.73 -5.91 47.45
CA ARG D 414 22.31 -4.61 47.97
C ARG D 414 22.31 -3.63 46.80
N LEU D 415 21.13 -3.13 46.45
CA LEU D 415 20.99 -2.21 45.31
C LEU D 415 21.46 -0.81 45.71
N GLU D 416 22.61 -0.41 45.16
CA GLU D 416 23.33 0.77 45.60
C GLU D 416 22.60 2.09 45.33
N VAL D 417 21.83 2.15 44.24
CA VAL D 417 20.95 3.32 43.98
C VAL D 417 20.21 3.80 45.22
N LEU D 418 19.63 2.87 45.98
CA LEU D 418 18.86 3.19 47.18
C LEU D 418 19.64 4.04 48.19
N ASP D 419 20.93 3.78 48.34
CA ASP D 419 21.81 4.59 49.22
C ASP D 419 22.19 5.93 48.60
N LYS D 420 22.51 5.94 47.31
CA LYS D 420 22.89 7.18 46.61
C LYS D 420 21.76 8.21 46.60
N MET D 421 20.53 7.72 46.53
CA MET D 421 19.34 8.57 46.66
C MET D 421 19.21 9.08 48.09
N ARG D 422 19.31 8.15 49.04
CA ARG D 422 19.30 8.44 50.49
C ARG D 422 20.29 9.55 50.89
N GLU D 423 21.50 9.49 50.34
CA GLU D 423 22.54 10.50 50.56
C GLU D 423 22.12 11.87 50.05
N ILE D 424 21.72 11.90 48.77
CA ILE D 424 21.29 13.14 48.11
C ILE D 424 20.02 13.72 48.76
N ILE D 425 19.16 12.88 49.33
CA ILE D 425 18.02 13.36 50.14
C ILE D 425 18.51 14.05 51.41
N ALA D 426 19.36 13.35 52.16
CA ALA D 426 19.93 13.84 53.43
C ALA D 426 20.66 15.19 53.29
N ALA D 427 21.35 15.38 52.17
CA ALA D 427 22.00 16.66 51.86
C ALA D 427 21.00 17.80 51.66
N VAL D 428 19.83 17.47 51.11
CA VAL D 428 18.76 18.45 50.87
C VAL D 428 17.84 18.61 52.10
N GLU D 429 17.63 17.54 52.87
CA GLU D 429 16.92 17.64 54.15
C GLU D 429 17.68 18.56 55.11
N SER D 430 18.98 18.31 55.23
CA SER D 430 19.86 19.07 56.12
C SER D 430 19.85 20.59 55.89
N ASP D 431 19.95 21.00 54.62
CA ASP D 431 20.04 22.42 54.24
C ASP D 431 18.74 22.96 53.62
N PRO D 432 18.06 23.92 54.30
CA PRO D 432 16.89 24.56 53.67
C PRO D 432 17.21 25.67 52.66
N GLU D 433 18.46 26.16 52.65
CA GLU D 433 18.95 27.04 51.58
C GLU D 433 18.96 26.29 50.24
N HIS D 434 19.24 24.99 50.29
CA HIS D 434 19.34 24.12 49.10
C HIS D 434 18.17 24.39 48.15
N LEU D 435 18.50 24.48 46.86
CA LEU D 435 17.62 25.02 45.83
C LEU D 435 16.47 24.05 45.53
N TRP D 436 16.83 22.77 45.52
CA TRP D 436 15.90 21.63 45.49
C TRP D 436 14.92 21.45 46.68
N HIS D 437 14.99 22.28 47.73
CA HIS D 437 14.28 22.00 48.99
C HIS D 437 12.75 22.07 48.96
N LYS D 438 12.18 23.14 48.40
CA LYS D 438 10.72 23.34 48.39
C LYS D 438 9.96 22.41 47.42
N TYR D 439 10.70 21.61 46.64
CA TYR D 439 10.10 20.60 45.75
C TYR D 439 9.92 19.22 46.41
N LEU D 440 10.54 19.00 47.56
CA LEU D 440 10.53 17.69 48.26
C LEU D 440 9.14 17.34 48.84
N GLY D 441 9.04 16.17 49.47
CA GLY D 441 7.82 15.75 50.18
C GLY D 441 8.11 14.86 51.38
N SER E 5 -38.77 -21.12 54.92
CA SER E 5 -39.03 -22.40 55.64
C SER E 5 -37.82 -23.35 55.59
N ASP E 6 -36.66 -22.82 55.99
CA ASP E 6 -35.38 -23.55 55.99
C ASP E 6 -34.89 -24.03 54.60
N HIS E 7 -35.40 -23.41 53.53
CA HIS E 7 -34.95 -23.70 52.16
C HIS E 7 -33.82 -22.72 51.81
N ASP E 8 -32.71 -23.26 51.30
CA ASP E 8 -31.55 -22.45 50.94
C ASP E 8 -31.80 -21.57 49.72
N TYR E 9 -32.48 -22.14 48.72
CA TYR E 9 -32.89 -21.41 47.50
C TYR E 9 -34.29 -21.86 47.08
N ASP E 10 -35.01 -21.00 46.38
CA ASP E 10 -36.29 -21.37 45.76
C ASP E 10 -36.04 -22.38 44.65
N VAL E 11 -35.17 -22.00 43.72
CA VAL E 11 -34.81 -22.83 42.58
C VAL E 11 -33.30 -23.12 42.65
N VAL E 12 -32.91 -24.26 42.11
CA VAL E 12 -31.50 -24.63 41.96
C VAL E 12 -31.31 -25.08 40.53
N ILE E 13 -30.54 -24.30 39.77
CA ILE E 13 -30.17 -24.68 38.42
C ILE E 13 -28.91 -25.54 38.48
N ILE E 14 -29.01 -26.75 37.92
CA ILE E 14 -27.85 -27.60 37.67
C ILE E 14 -27.29 -27.17 36.32
N GLY E 15 -26.03 -26.72 36.31
CA GLY E 15 -25.37 -26.27 35.08
C GLY E 15 -25.58 -24.80 34.78
N GLY E 16 -24.49 -24.13 34.41
CA GLY E 16 -24.51 -22.70 34.06
C GLY E 16 -24.21 -22.42 32.60
N GLY E 17 -24.66 -23.32 31.73
CA GLY E 17 -24.62 -23.09 30.28
C GLY E 17 -25.72 -22.10 29.90
N PRO E 18 -25.86 -21.78 28.60
CA PRO E 18 -26.87 -20.83 28.13
C PRO E 18 -28.26 -21.12 28.69
N ALA E 19 -28.65 -22.39 28.73
CA ALA E 19 -29.91 -22.84 29.32
C ALA E 19 -30.06 -22.44 30.79
N GLY E 20 -29.05 -22.73 31.59
CA GLY E 20 -29.09 -22.49 33.04
C GLY E 20 -28.83 -21.05 33.45
N SER E 21 -27.92 -20.40 32.74
CA SER E 21 -27.65 -18.97 32.94
C SER E 21 -28.84 -18.09 32.55
N THR E 22 -29.54 -18.47 31.47
CA THR E 22 -30.76 -17.79 31.05
C THR E 22 -31.87 -18.01 32.08
N MET E 23 -32.05 -19.27 32.48
CA MET E 23 -32.99 -19.61 33.55
C MET E 23 -32.73 -18.74 34.78
N ALA E 24 -31.47 -18.72 35.22
CA ALA E 24 -31.02 -17.91 36.35
C ALA E 24 -31.30 -16.42 36.16
N SER E 25 -31.06 -15.93 34.95
CA SER E 25 -31.34 -14.53 34.61
C SER E 25 -32.83 -14.19 34.69
N TYR E 26 -33.68 -15.06 34.16
CA TYR E 26 -35.15 -14.88 34.24
C TYR E 26 -35.69 -14.93 35.67
N LEU E 27 -35.14 -15.83 36.49
CA LEU E 27 -35.56 -15.98 37.89
C LEU E 27 -35.03 -14.87 38.78
N ALA E 28 -33.78 -14.48 38.58
CA ALA E 28 -33.17 -13.35 39.30
C ALA E 28 -33.95 -12.06 39.04
N LYS E 29 -34.28 -11.84 37.77
CA LYS E 29 -35.03 -10.64 37.36
C LYS E 29 -36.45 -10.61 37.93
N ALA E 30 -37.07 -11.78 38.06
CA ALA E 30 -38.42 -11.92 38.65
C ALA E 30 -38.44 -12.10 40.18
N GLY E 31 -37.32 -11.78 40.84
CA GLY E 31 -37.25 -11.80 42.31
C GLY E 31 -37.22 -13.17 42.96
N VAL E 32 -36.99 -14.22 42.17
CA VAL E 32 -36.90 -15.59 42.68
C VAL E 32 -35.46 -15.85 43.11
N LYS E 33 -35.30 -16.32 44.34
CA LYS E 33 -33.99 -16.60 44.92
C LYS E 33 -33.47 -17.94 44.37
N CYS E 34 -32.55 -17.87 43.42
CA CYS E 34 -32.02 -19.07 42.76
C CYS E 34 -30.50 -19.20 42.87
N ALA E 35 -30.02 -20.39 42.51
CA ALA E 35 -28.60 -20.71 42.54
C ALA E 35 -28.24 -21.53 41.32
N VAL E 36 -27.09 -21.21 40.71
CA VAL E 36 -26.55 -21.99 39.60
C VAL E 36 -25.30 -22.71 40.09
N PHE E 37 -25.30 -24.04 39.97
CA PHE E 37 -24.10 -24.85 40.22
C PHE E 37 -23.53 -25.35 38.91
N GLU E 38 -22.36 -24.83 38.56
CA GLU E 38 -21.63 -25.21 37.34
C GLU E 38 -20.39 -26.03 37.73
N LYS E 39 -20.33 -27.27 37.26
CA LYS E 39 -19.20 -28.16 37.59
C LYS E 39 -17.85 -27.68 37.04
N GLU E 40 -17.85 -27.05 35.88
CA GLU E 40 -16.61 -26.58 35.24
C GLU E 40 -16.17 -25.20 35.70
N LEU E 41 -14.90 -24.91 35.41
CA LEU E 41 -14.35 -23.58 35.52
C LEU E 41 -14.44 -22.92 34.16
N PHE E 42 -15.17 -21.81 34.10
CA PHE E 42 -15.25 -21.03 32.86
C PHE E 42 -13.99 -20.15 32.76
N GLU E 43 -13.52 -19.82 31.56
CA GLU E 43 -14.08 -20.23 30.26
C GLU E 43 -13.76 -21.67 29.88
N ARG E 44 -14.80 -22.47 29.74
CA ARG E 44 -14.69 -23.85 29.30
C ARG E 44 -15.15 -23.90 27.84
N GLU E 45 -14.30 -24.50 26.99
CA GLU E 45 -14.58 -24.65 25.56
C GLU E 45 -15.81 -25.52 25.33
N HIS E 46 -16.56 -25.20 24.27
CA HIS E 46 -17.81 -25.90 23.98
C HIS E 46 -18.15 -25.80 22.49
N VAL E 47 -18.62 -26.92 21.92
CA VAL E 47 -19.07 -26.94 20.54
C VAL E 47 -20.47 -26.33 20.48
N GLY E 48 -20.77 -25.64 19.39
CA GLY E 48 -22.12 -25.16 19.11
C GLY E 48 -22.17 -23.66 19.01
N GLU E 49 -21.56 -23.14 17.94
CA GLU E 49 -21.17 -21.74 17.86
C GLU E 49 -22.12 -20.83 17.10
N SER E 50 -22.79 -21.34 16.06
CA SER E 50 -23.65 -20.50 15.22
C SER E 50 -25.04 -20.39 15.83
N LEU E 51 -25.41 -19.18 16.23
CA LEU E 51 -26.73 -18.95 16.80
C LEU E 51 -27.79 -18.74 15.73
N VAL E 52 -29.03 -18.75 16.17
CA VAL E 52 -30.21 -18.60 15.34
C VAL E 52 -31.02 -17.42 15.92
N PRO E 53 -31.61 -16.56 15.06
CA PRO E 53 -32.21 -15.31 15.59
C PRO E 53 -33.40 -15.42 16.56
N ALA E 54 -33.91 -16.63 16.80
CA ALA E 54 -34.82 -16.90 17.93
C ALA E 54 -34.14 -16.75 19.29
N THR E 55 -32.81 -16.68 19.32
CA THR E 55 -32.06 -16.30 20.51
C THR E 55 -32.27 -14.85 20.93
N THR E 56 -32.29 -13.98 19.93
CA THR E 56 -32.18 -12.53 20.13
C THR E 56 -33.33 -11.86 20.91
N PRO E 57 -34.55 -12.41 20.87
CA PRO E 57 -35.59 -11.95 21.81
C PRO E 57 -35.26 -12.25 23.27
N VAL E 58 -34.80 -13.46 23.55
CA VAL E 58 -34.43 -13.89 24.91
C VAL E 58 -33.23 -13.10 25.43
N LEU E 59 -32.21 -12.93 24.58
CA LEU E 59 -31.02 -12.14 24.92
C LEU E 59 -31.34 -10.68 25.24
N LEU E 60 -32.26 -10.09 24.49
CA LEU E 60 -32.80 -8.77 24.82
C LEU E 60 -33.56 -8.79 26.13
N GLU E 61 -34.46 -9.77 26.25
CA GLU E 61 -35.36 -9.93 27.40
C GLU E 61 -34.59 -10.00 28.72
N ILE E 62 -33.64 -10.92 28.82
CA ILE E 62 -32.82 -11.06 30.04
C ILE E 62 -31.86 -9.87 30.28
N GLY E 63 -31.55 -9.13 29.21
CA GLY E 63 -30.85 -7.84 29.29
C GLY E 63 -29.36 -7.86 29.02
N VAL E 64 -28.92 -8.80 28.20
CA VAL E 64 -27.49 -9.11 28.03
C VAL E 64 -26.96 -8.78 26.61
N MET E 65 -27.80 -8.16 25.78
CA MET E 65 -27.44 -7.92 24.37
C MET E 65 -26.30 -6.93 24.19
N GLU E 66 -26.29 -5.85 24.97
CA GLU E 66 -25.18 -4.89 24.93
C GLU E 66 -23.84 -5.55 25.24
N LYS E 67 -23.86 -6.49 26.19
CA LYS E 67 -22.68 -7.24 26.61
C LYS E 67 -22.22 -8.20 25.52
N ILE E 68 -23.18 -8.80 24.83
CA ILE E 68 -22.90 -9.72 23.73
C ILE E 68 -22.38 -9.01 22.47
N GLU E 69 -22.91 -7.82 22.20
CA GLU E 69 -22.41 -6.98 21.11
C GLU E 69 -20.98 -6.48 21.39
N LYS E 70 -20.72 -6.11 22.63
CA LYS E 70 -19.38 -5.70 23.09
C LYS E 70 -18.30 -6.75 22.80
N ALA E 71 -18.67 -8.02 22.91
CA ALA E 71 -17.77 -9.14 22.69
C ALA E 71 -17.21 -9.29 21.27
N ASN E 72 -17.79 -8.56 20.30
CA ASN E 72 -17.33 -8.55 18.90
C ASN E 72 -17.41 -9.92 18.25
N PHE E 73 -18.53 -10.60 18.46
CA PHE E 73 -18.80 -11.87 17.82
C PHE E 73 -19.08 -11.54 16.34
N PRO E 74 -18.57 -12.36 15.39
CA PRO E 74 -18.90 -12.18 13.97
C PRO E 74 -20.40 -12.15 13.72
N LYS E 75 -20.83 -11.21 12.88
CA LYS E 75 -22.26 -11.05 12.57
C LYS E 75 -22.73 -12.11 11.57
N LYS E 76 -23.82 -12.77 11.93
CA LYS E 76 -24.48 -13.79 11.09
C LYS E 76 -25.76 -13.21 10.46
N PHE E 77 -25.61 -12.64 9.26
CA PHE E 77 -26.75 -12.10 8.50
C PHE E 77 -27.65 -13.18 7.90
N GLY E 78 -27.08 -14.35 7.61
CA GLY E 78 -27.85 -15.45 7.04
C GLY E 78 -27.14 -16.79 6.97
N ALA E 79 -27.77 -17.73 6.28
CA ALA E 79 -27.24 -19.08 6.08
C ALA E 79 -27.06 -19.41 4.60
N ALA E 80 -26.30 -20.46 4.34
CA ALA E 80 -26.00 -20.91 2.99
C ALA E 80 -25.68 -22.39 2.95
N TRP E 81 -26.01 -23.02 1.83
CA TRP E 81 -25.73 -24.42 1.58
C TRP E 81 -25.15 -24.54 0.18
N THR E 82 -23.99 -25.21 0.08
CA THR E 82 -23.37 -25.47 -1.22
C THR E 82 -23.02 -26.95 -1.34
N SER E 83 -23.16 -27.48 -2.57
CA SER E 83 -22.74 -28.83 -2.91
C SER E 83 -21.83 -28.80 -4.13
N ALA E 84 -20.98 -29.82 -4.24
CA ALA E 84 -20.16 -30.02 -5.43
C ALA E 84 -21.02 -30.64 -6.52
N ASP E 85 -21.69 -31.73 -6.16
CA ASP E 85 -22.67 -32.38 -7.02
C ASP E 85 -23.92 -31.52 -7.21
N SER E 86 -24.11 -31.00 -8.41
CA SER E 86 -25.40 -30.45 -8.82
C SER E 86 -26.38 -31.61 -9.05
N GLY E 87 -27.66 -31.34 -8.86
CA GLY E 87 -28.68 -32.38 -8.78
C GLY E 87 -29.18 -32.81 -10.15
N PRO E 88 -30.46 -33.19 -10.25
CA PRO E 88 -31.03 -33.52 -11.57
C PRO E 88 -31.29 -32.27 -12.41
N GLU E 89 -31.25 -32.45 -13.72
CA GLU E 89 -31.38 -31.34 -14.68
C GLU E 89 -32.84 -30.87 -14.81
N ASP E 90 -33.80 -31.73 -14.46
CA ASP E 90 -35.23 -31.43 -14.56
C ASP E 90 -35.73 -30.42 -13.53
N LYS E 91 -35.29 -30.57 -12.28
CA LYS E 91 -35.64 -29.66 -11.16
C LYS E 91 -37.14 -29.68 -10.77
N MET E 92 -37.80 -30.82 -11.02
CA MET E 92 -39.25 -31.06 -10.81
C MET E 92 -40.15 -29.84 -10.53
N GLY E 93 -40.13 -28.90 -11.48
CA GLY E 93 -41.01 -27.73 -11.46
C GLY E 93 -40.81 -26.71 -10.34
N PHE E 94 -39.64 -26.73 -9.70
CA PHE E 94 -39.36 -25.80 -8.60
C PHE E 94 -38.95 -24.44 -9.16
N GLN E 95 -39.70 -23.43 -8.75
CA GLN E 95 -39.82 -22.14 -9.45
C GLN E 95 -38.50 -21.43 -9.74
N GLY E 96 -37.65 -21.32 -8.72
CA GLY E 96 -36.38 -20.60 -8.82
C GLY E 96 -35.26 -21.29 -8.08
N LEU E 97 -34.17 -21.58 -8.80
CA LEU E 97 -32.93 -22.11 -8.22
C LEU E 97 -31.75 -21.50 -8.96
N ASP E 98 -30.83 -20.87 -8.23
CA ASP E 98 -29.75 -20.07 -8.85
C ASP E 98 -28.71 -20.86 -9.68
N HIS E 99 -28.21 -21.96 -9.11
CA HIS E 99 -27.10 -22.74 -9.70
C HIS E 99 -27.38 -24.25 -9.79
N ASP E 100 -28.65 -24.65 -9.78
CA ASP E 100 -29.07 -26.06 -9.87
C ASP E 100 -28.55 -26.93 -8.70
N PHE E 101 -29.15 -26.73 -7.51
CA PHE E 101 -28.79 -27.45 -6.27
C PHE E 101 -27.34 -27.27 -5.78
N ARG E 102 -26.57 -26.42 -6.46
CA ARG E 102 -25.13 -26.29 -6.25
C ARG E 102 -24.81 -25.15 -5.29
N SER E 103 -25.58 -24.08 -5.38
CA SER E 103 -25.59 -22.99 -4.41
C SER E 103 -27.01 -22.83 -3.86
N ALA E 104 -27.10 -22.32 -2.64
CA ALA E 104 -28.39 -22.03 -2.01
C ALA E 104 -28.18 -21.11 -0.81
N GLU E 105 -28.86 -19.96 -0.82
CA GLU E 105 -28.67 -18.92 0.18
C GLU E 105 -30.01 -18.42 0.75
N ILE E 106 -29.92 -17.78 1.90
CA ILE E 106 -31.09 -17.24 2.61
C ILE E 106 -30.65 -16.09 3.52
N LEU E 107 -31.52 -15.09 3.67
CA LEU E 107 -31.28 -13.93 4.55
C LEU E 107 -32.34 -13.93 5.66
N PHE E 108 -31.92 -13.78 6.91
CA PHE E 108 -32.84 -13.79 8.06
C PHE E 108 -33.85 -12.63 8.05
N ASN E 109 -33.46 -11.49 7.50
CA ASN E 109 -34.37 -10.33 7.36
C ASN E 109 -35.53 -10.50 6.35
N GLU E 110 -35.42 -11.47 5.44
CA GLU E 110 -36.48 -11.73 4.45
C GLU E 110 -37.83 -12.07 5.07
N ARG E 111 -37.82 -12.90 6.11
CA ARG E 111 -39.00 -13.12 6.93
C ARG E 111 -38.93 -12.16 8.12
N LYS E 112 -40.05 -11.51 8.44
CA LYS E 112 -40.12 -10.66 9.61
C LYS E 112 -40.43 -11.54 10.81
N GLN E 113 -39.47 -11.63 11.72
CA GLN E 113 -39.57 -12.48 12.90
C GLN E 113 -40.01 -11.67 14.11
N GLU E 114 -40.87 -12.26 14.93
CA GLU E 114 -41.42 -11.58 16.09
C GLU E 114 -40.42 -11.69 17.23
N GLY E 115 -40.04 -10.54 17.81
CA GLY E 115 -39.03 -10.46 18.87
C GLY E 115 -37.73 -9.82 18.40
N VAL E 116 -37.35 -10.11 17.16
CA VAL E 116 -36.09 -9.58 16.59
C VAL E 116 -36.26 -8.13 16.14
N ASP E 117 -35.16 -7.39 16.23
CA ASP E 117 -35.08 -5.99 15.80
C ASP E 117 -33.75 -5.81 15.03
N ARG E 118 -33.45 -6.81 14.21
CA ARG E 118 -32.09 -7.07 13.76
C ARG E 118 -32.09 -7.94 12.50
N ASP E 119 -31.22 -7.58 11.56
CA ASP E 119 -30.98 -8.39 10.35
C ASP E 119 -30.06 -9.59 10.64
N PHE E 120 -29.37 -9.54 11.77
CA PHE E 120 -28.29 -10.48 12.10
C PHE E 120 -28.48 -11.10 13.48
N THR E 121 -27.89 -12.28 13.66
CA THR E 121 -27.63 -12.84 14.98
C THR E 121 -26.09 -12.95 15.10
N PHE E 122 -25.58 -13.90 15.88
CA PHE E 122 -24.14 -14.03 16.07
C PHE E 122 -23.65 -15.46 15.92
N HIS E 123 -22.43 -15.59 15.42
CA HIS E 123 -21.65 -16.81 15.59
C HIS E 123 -20.79 -16.53 16.82
N VAL E 124 -20.82 -17.42 17.80
CA VAL E 124 -20.15 -17.16 19.09
C VAL E 124 -19.11 -18.21 19.48
N ASP E 125 -17.93 -17.73 19.89
CA ASP E 125 -17.00 -18.49 20.69
C ASP E 125 -17.78 -18.81 21.95
N ARG E 126 -18.14 -20.08 22.12
CA ARG E 126 -19.03 -20.48 23.21
C ARG E 126 -18.43 -20.30 24.60
N GLY E 127 -17.12 -20.51 24.71
CA GLY E 127 -16.40 -20.23 25.95
C GLY E 127 -16.70 -18.85 26.50
N LYS E 128 -16.46 -17.84 25.66
CA LYS E 128 -16.81 -16.43 25.96
C LYS E 128 -18.30 -16.27 26.19
N PHE E 129 -19.08 -16.72 25.22
CA PHE E 129 -20.52 -16.52 25.18
C PHE E 129 -21.21 -17.01 26.45
N ASP E 130 -20.84 -18.22 26.87
CA ASP E 130 -21.40 -18.82 28.08
C ASP E 130 -20.96 -18.12 29.36
N ARG E 131 -19.75 -17.57 29.38
CA ARG E 131 -19.26 -16.79 30.52
C ARG E 131 -20.03 -15.49 30.65
N ILE E 132 -20.05 -14.71 29.57
CA ILE E 132 -20.75 -13.43 29.53
C ILE E 132 -22.17 -13.62 30.04
N LEU E 133 -22.86 -14.62 29.50
CA LEU E 133 -24.22 -14.97 29.94
C LEU E 133 -24.31 -15.34 31.42
N LEU E 134 -23.36 -16.14 31.90
CA LEU E 134 -23.37 -16.57 33.30
C LEU E 134 -23.00 -15.45 34.28
N GLU E 135 -22.07 -14.58 33.89
CA GLU E 135 -21.75 -13.36 34.65
C GLU E 135 -22.98 -12.48 34.84
N HIS E 136 -23.69 -12.26 33.74
CA HIS E 136 -24.91 -11.44 33.70
C HIS E 136 -25.96 -11.94 34.69
N ALA E 137 -26.14 -13.26 34.75
CA ALA E 137 -27.03 -13.89 35.74
C ALA E 137 -26.59 -13.61 37.17
N GLY E 138 -25.28 -13.57 37.39
CA GLY E 138 -24.69 -13.11 38.65
C GLY E 138 -24.99 -11.65 38.96
N SER E 139 -24.84 -10.79 37.96
CA SER E 139 -25.14 -9.36 38.10
C SER E 139 -26.62 -9.06 38.36
N LEU E 140 -27.51 -9.93 37.87
CA LEU E 140 -28.94 -9.81 38.12
C LEU E 140 -29.39 -10.27 39.52
N GLY E 141 -28.54 -11.03 40.22
CA GLY E 141 -28.77 -11.43 41.63
C GLY E 141 -28.86 -12.92 41.96
N ALA E 142 -28.68 -13.78 40.96
CA ALA E 142 -28.60 -15.22 41.18
C ALA E 142 -27.22 -15.62 41.69
N LYS E 143 -27.18 -16.55 42.66
CA LYS E 143 -25.92 -17.02 43.21
C LYS E 143 -25.29 -18.07 42.28
N VAL E 144 -24.07 -17.78 41.82
CA VAL E 144 -23.40 -18.64 40.84
C VAL E 144 -22.18 -19.31 41.48
N PHE E 145 -22.17 -20.65 41.43
CA PHE E 145 -21.05 -21.47 41.89
C PHE E 145 -20.40 -22.20 40.72
N GLN E 146 -19.14 -21.88 40.44
CA GLN E 146 -18.34 -22.64 39.48
C GLN E 146 -17.44 -23.63 40.21
N GLY E 147 -17.11 -24.72 39.53
CA GLY E 147 -16.29 -25.79 40.11
C GLY E 147 -17.03 -26.76 41.02
N VAL E 148 -18.35 -26.61 41.12
CA VAL E 148 -19.17 -27.37 42.08
C VAL E 148 -20.14 -28.23 41.28
N GLU E 149 -19.89 -29.54 41.28
CA GLU E 149 -20.74 -30.51 40.59
C GLU E 149 -21.91 -30.91 41.49
N ILE E 150 -23.01 -31.30 40.84
CA ILE E 150 -24.19 -31.81 41.54
C ILE E 150 -24.22 -33.33 41.34
N ALA E 151 -24.18 -34.05 42.45
CA ALA E 151 -24.16 -35.50 42.43
C ALA E 151 -25.54 -36.07 42.11
N ASP E 152 -26.51 -35.73 42.95
CA ASP E 152 -27.88 -36.25 42.84
C ASP E 152 -28.89 -35.29 43.48
N VAL E 153 -30.16 -35.58 43.31
CA VAL E 153 -31.27 -34.80 43.88
C VAL E 153 -32.26 -35.75 44.56
N GLU E 154 -32.45 -35.58 45.87
CA GLU E 154 -33.50 -36.28 46.61
C GLU E 154 -34.81 -35.52 46.49
N PHE E 155 -35.86 -36.20 46.05
CA PHE E 155 -37.20 -35.62 45.95
C PHE E 155 -38.04 -36.09 47.14
N LEU E 156 -37.98 -35.31 48.22
CA LEU E 156 -38.68 -35.65 49.47
C LEU E 156 -40.19 -35.49 49.33
N SER E 157 -40.60 -34.34 48.81
CA SER E 157 -42.01 -34.00 48.63
C SER E 157 -42.16 -32.97 47.50
N PRO E 158 -43.38 -32.82 46.93
CA PRO E 158 -43.63 -31.71 46.01
C PRO E 158 -43.35 -30.34 46.66
N GLY E 159 -42.52 -29.53 46.00
CA GLY E 159 -42.05 -28.27 46.53
C GLY E 159 -41.09 -28.41 47.70
N ASN E 160 -40.29 -29.48 47.68
CA ASN E 160 -39.45 -29.85 48.82
C ASN E 160 -38.33 -30.83 48.42
N VAL E 161 -37.14 -30.30 48.19
CA VAL E 161 -36.03 -31.01 47.55
C VAL E 161 -34.70 -30.78 48.28
N ILE E 162 -33.83 -31.79 48.24
CA ILE E 162 -32.43 -31.67 48.72
C ILE E 162 -31.48 -32.02 47.55
N VAL E 163 -30.65 -31.05 47.17
CA VAL E 163 -29.65 -31.20 46.11
C VAL E 163 -28.28 -31.54 46.72
N ASN E 164 -27.80 -32.74 46.44
CA ASN E 164 -26.46 -33.16 46.88
C ASN E 164 -25.40 -32.59 45.93
N ALA E 165 -24.79 -31.48 46.36
CA ALA E 165 -23.72 -30.82 45.62
C ALA E 165 -22.38 -31.23 46.19
N LYS E 166 -21.40 -31.47 45.31
CA LYS E 166 -20.06 -31.90 45.73
C LYS E 166 -18.92 -30.96 45.34
N LEU E 167 -18.09 -30.61 46.33
CA LEU E 167 -16.82 -29.94 46.10
C LEU E 167 -15.73 -31.02 46.16
N GLY E 168 -15.30 -31.48 44.99
CA GLY E 168 -14.35 -32.59 44.90
C GLY E 168 -15.01 -33.87 45.41
N LYS E 169 -14.38 -34.51 46.40
CA LYS E 169 -14.97 -35.67 47.08
C LYS E 169 -15.49 -35.19 48.46
N ARG E 170 -16.44 -34.26 48.43
CA ARG E 170 -17.00 -33.68 49.65
C ARG E 170 -18.40 -33.12 49.38
N SER E 171 -19.38 -33.57 50.17
CA SER E 171 -20.81 -33.33 49.91
C SER E 171 -21.39 -32.19 50.75
N VAL E 172 -22.12 -31.29 50.09
CA VAL E 172 -22.80 -30.16 50.74
C VAL E 172 -24.30 -30.25 50.45
N GLU E 173 -25.10 -30.26 51.53
CA GLU E 173 -26.54 -30.56 51.44
C GLU E 173 -27.34 -29.27 51.23
N ILE E 174 -27.74 -29.02 49.99
CA ILE E 174 -28.43 -27.79 49.59
C ILE E 174 -29.94 -28.02 49.46
N LYS E 175 -30.72 -27.48 50.40
CA LYS E 175 -32.19 -27.64 50.41
C LYS E 175 -32.88 -26.65 49.47
N ALA E 176 -33.99 -27.06 48.87
CA ALA E 176 -34.71 -26.24 47.90
C ALA E 176 -36.15 -26.69 47.68
N LYS E 177 -36.92 -25.85 46.99
CA LYS E 177 -38.30 -26.16 46.62
C LYS E 177 -38.34 -26.97 45.32
N MET E 178 -37.52 -26.58 44.34
CA MET E 178 -37.41 -27.31 43.08
C MET E 178 -36.01 -27.17 42.46
N VAL E 179 -35.78 -27.98 41.43
CA VAL E 179 -34.52 -27.97 40.68
C VAL E 179 -34.74 -27.86 39.16
N VAL E 180 -33.87 -27.12 38.49
CA VAL E 180 -33.82 -27.11 37.04
C VAL E 180 -32.61 -27.94 36.62
N ASP E 181 -32.82 -28.86 35.69
CA ASP E 181 -31.73 -29.60 35.06
C ASP E 181 -31.36 -28.88 33.76
N ALA E 182 -30.47 -27.90 33.90
CA ALA E 182 -29.84 -27.22 32.76
C ALA E 182 -28.43 -27.77 32.52
N SER E 183 -28.24 -29.05 32.80
CA SER E 183 -27.09 -29.79 32.32
C SER E 183 -27.13 -29.81 30.79
N GLY E 184 -26.02 -30.23 30.21
CA GLY E 184 -25.92 -30.31 28.75
C GLY E 184 -26.29 -31.70 28.30
N ARG E 185 -25.42 -32.29 27.50
CA ARG E 185 -25.51 -33.70 27.13
C ARG E 185 -25.07 -34.64 28.26
N ASN E 186 -24.56 -34.07 29.35
CA ASN E 186 -24.34 -34.82 30.60
C ASN E 186 -25.64 -35.39 31.17
N VAL E 187 -26.73 -34.65 31.06
CA VAL E 187 -28.10 -35.15 31.27
C VAL E 187 -28.24 -35.83 32.65
N LEU E 188 -28.21 -35.03 33.71
CA LEU E 188 -28.21 -35.56 35.09
C LEU E 188 -29.51 -36.30 35.42
N LEU E 189 -30.60 -35.57 35.60
CA LEU E 189 -31.87 -36.16 36.05
C LEU E 189 -32.39 -37.21 35.07
N GLY E 190 -32.08 -37.01 33.78
CA GLY E 190 -32.34 -38.01 32.74
C GLY E 190 -31.75 -39.38 33.06
N ARG E 191 -30.49 -39.39 33.48
CA ARG E 191 -29.83 -40.63 33.93
C ARG E 191 -30.33 -41.09 35.28
N ARG E 192 -30.25 -40.18 36.26
CA ARG E 192 -30.57 -40.47 37.67
C ARG E 192 -32.00 -40.98 37.90
N LEU E 193 -32.94 -40.50 37.10
CA LEU E 193 -34.36 -40.93 37.16
C LEU E 193 -34.78 -41.92 36.06
N GLY E 194 -33.87 -42.20 35.12
CA GLY E 194 -34.11 -43.19 34.06
C GLY E 194 -35.00 -42.71 32.93
N LEU E 195 -34.97 -41.40 32.66
CA LEU E 195 -35.79 -40.79 31.61
C LEU E 195 -35.09 -40.78 30.24
N ARG E 196 -33.79 -41.09 30.22
CA ARG E 196 -32.99 -41.07 28.98
C ARG E 196 -33.47 -42.11 27.98
N GLU E 197 -34.02 -41.63 26.87
CA GLU E 197 -34.36 -42.46 25.71
C GLU E 197 -33.42 -42.11 24.56
N LYS E 198 -32.42 -42.97 24.32
CA LYS E 198 -31.56 -42.84 23.14
C LYS E 198 -32.42 -42.93 21.89
N ASP E 199 -32.13 -42.07 20.93
CA ASP E 199 -32.91 -42.00 19.70
C ASP E 199 -32.64 -43.24 18.83
N PRO E 200 -33.70 -43.94 18.39
CA PRO E 200 -33.50 -45.16 17.59
C PRO E 200 -32.98 -44.89 16.18
N VAL E 201 -33.63 -43.98 15.46
CA VAL E 201 -33.29 -43.68 14.06
C VAL E 201 -31.99 -42.88 13.92
N PHE E 202 -31.80 -41.87 14.77
CA PHE E 202 -30.66 -40.97 14.64
C PHE E 202 -29.38 -41.55 15.23
N ASN E 203 -28.34 -41.59 14.39
CA ASN E 203 -26.99 -41.89 14.84
C ASN E 203 -25.98 -41.11 13.99
N GLN E 204 -25.91 -39.82 14.26
CA GLN E 204 -24.95 -38.91 13.62
C GLN E 204 -23.80 -38.62 14.58
N PHE E 205 -22.72 -38.10 14.01
CA PHE E 205 -21.42 -38.03 14.68
C PHE E 205 -20.57 -36.94 14.02
N ALA E 206 -19.79 -36.21 14.84
CA ALA E 206 -19.08 -35.01 14.38
C ALA E 206 -17.60 -34.95 14.78
N ILE E 207 -16.75 -34.61 13.81
CA ILE E 207 -15.34 -34.28 14.03
C ILE E 207 -15.16 -32.82 13.61
N HIS E 208 -14.41 -32.04 14.39
CA HIS E 208 -14.32 -30.58 14.18
C HIS E 208 -13.17 -29.91 14.94
N SER E 209 -12.79 -28.72 14.47
CA SER E 209 -11.88 -27.84 15.20
C SER E 209 -11.89 -26.39 14.68
N TRP E 210 -11.04 -25.57 15.28
CA TRP E 210 -10.86 -24.16 14.89
C TRP E 210 -9.63 -24.00 14.01
N PHE E 211 -9.72 -23.06 13.07
CA PHE E 211 -8.70 -22.86 12.03
C PHE E 211 -8.43 -21.37 11.80
N ASP E 212 -7.29 -20.89 12.27
CA ASP E 212 -6.93 -19.46 12.17
C ASP E 212 -6.45 -19.12 10.75
N ASN E 213 -6.84 -17.93 10.29
CA ASN E 213 -6.56 -17.45 8.93
C ASN E 213 -7.14 -18.35 7.83
N PHE E 214 -8.32 -18.89 8.10
CA PHE E 214 -9.05 -19.70 7.12
C PHE E 214 -9.75 -18.74 6.15
N ASP E 215 -9.38 -18.83 4.88
CA ASP E 215 -9.93 -17.99 3.83
C ASP E 215 -11.40 -18.38 3.57
N ARG E 216 -12.30 -17.61 4.18
CA ARG E 216 -13.76 -17.86 4.07
C ARG E 216 -14.35 -17.57 2.68
N LYS E 217 -13.55 -17.02 1.77
CA LYS E 217 -13.93 -16.88 0.36
C LYS E 217 -13.89 -18.18 -0.46
N SER E 218 -13.43 -19.27 0.15
CA SER E 218 -13.61 -20.63 -0.41
C SER E 218 -15.08 -21.03 -0.59
N ALA E 219 -15.94 -20.54 0.31
CA ALA E 219 -17.37 -20.84 0.27
C ALA E 219 -18.10 -20.09 -0.84
N THR E 220 -17.94 -18.76 -0.86
CA THR E 220 -18.58 -17.88 -1.85
C THR E 220 -17.64 -16.77 -2.33
N GLN E 221 -18.02 -16.14 -3.44
CA GLN E 221 -17.23 -15.06 -4.05
C GLN E 221 -17.58 -13.68 -3.50
N SER E 222 -18.87 -13.45 -3.25
CA SER E 222 -19.36 -12.14 -2.79
C SER E 222 -18.97 -11.87 -1.33
N PRO E 223 -18.41 -10.68 -1.03
CA PRO E 223 -18.02 -10.35 0.34
C PRO E 223 -19.19 -10.05 1.29
N ASP E 224 -20.39 -9.83 0.75
CA ASP E 224 -21.62 -9.76 1.56
C ASP E 224 -21.90 -11.08 2.30
N LYS E 225 -21.64 -12.20 1.61
CA LYS E 225 -22.06 -13.53 2.08
C LYS E 225 -20.96 -14.35 2.80
N VAL E 226 -19.78 -13.77 2.97
CA VAL E 226 -18.61 -14.50 3.50
C VAL E 226 -18.77 -15.01 4.94
N ASP E 227 -19.38 -14.19 5.80
CA ASP E 227 -19.59 -14.51 7.22
C ASP E 227 -20.98 -15.11 7.55
N TYR E 228 -21.64 -15.70 6.56
CA TYR E 228 -22.79 -16.57 6.80
C TYR E 228 -22.27 -17.88 7.40
N ILE E 229 -23.14 -18.64 8.05
CA ILE E 229 -22.87 -20.06 8.27
C ILE E 229 -22.96 -20.74 6.91
N PHE E 230 -21.99 -21.61 6.62
CA PHE E 230 -22.00 -22.43 5.41
C PHE E 230 -22.06 -23.90 5.78
N ILE E 231 -23.15 -24.55 5.38
CA ILE E 231 -23.29 -26.00 5.50
C ILE E 231 -22.97 -26.63 4.14
N HIS E 232 -21.72 -27.07 3.99
CA HIS E 232 -21.26 -27.71 2.75
C HIS E 232 -21.71 -29.16 2.66
N PHE E 233 -22.52 -29.48 1.66
CA PHE E 233 -22.85 -30.88 1.37
C PHE E 233 -21.63 -31.61 0.84
N LEU E 234 -21.44 -32.84 1.31
CA LEU E 234 -20.44 -33.76 0.74
C LEU E 234 -21.15 -34.91 0.04
N PRO E 235 -20.47 -35.56 -0.93
CA PRO E 235 -21.07 -36.70 -1.65
C PRO E 235 -21.37 -37.95 -0.80
N MET E 236 -20.79 -38.06 0.40
CA MET E 236 -21.02 -39.19 1.29
C MET E 236 -22.44 -39.14 1.89
N THR E 237 -22.94 -40.32 2.25
CA THR E 237 -24.33 -40.48 2.69
C THR E 237 -24.54 -39.87 4.06
N ASN E 238 -25.54 -38.99 4.17
CA ASN E 238 -25.84 -38.24 5.40
C ASN E 238 -24.62 -37.52 5.98
N THR E 239 -23.85 -36.92 5.08
CA THR E 239 -22.61 -36.24 5.43
C THR E 239 -22.63 -34.80 4.95
N TRP E 240 -22.39 -33.89 5.88
CA TRP E 240 -22.28 -32.46 5.60
C TRP E 240 -21.21 -31.83 6.50
N VAL E 241 -20.79 -30.62 6.17
CA VAL E 241 -19.71 -29.92 6.86
C VAL E 241 -20.16 -28.49 7.19
N TRP E 242 -19.99 -28.08 8.45
CA TRP E 242 -20.28 -26.70 8.84
C TRP E 242 -19.07 -25.79 8.65
N GLN E 243 -19.34 -24.50 8.60
CA GLN E 243 -18.30 -23.48 8.49
C GLN E 243 -18.78 -22.23 9.22
N ILE E 244 -18.47 -22.16 10.51
CA ILE E 244 -18.96 -21.12 11.41
C ILE E 244 -17.78 -20.20 11.72
N PRO E 245 -17.91 -18.89 11.39
CA PRO E 245 -16.96 -17.88 11.88
C PRO E 245 -16.96 -17.76 13.41
N ILE E 246 -15.81 -17.42 14.00
CA ILE E 246 -15.68 -17.27 15.47
C ILE E 246 -15.07 -15.93 15.85
N THR E 247 -13.96 -15.59 15.19
CA THR E 247 -13.39 -14.25 15.22
C THR E 247 -13.35 -13.75 13.76
N GLU E 248 -12.67 -12.64 13.53
CA GLU E 248 -12.41 -12.16 12.16
C GLU E 248 -11.51 -13.12 11.35
N THR E 249 -10.60 -13.81 12.05
CA THR E 249 -9.66 -14.76 11.43
C THR E 249 -9.89 -16.23 11.81
N ILE E 250 -10.29 -16.49 13.06
CA ILE E 250 -10.61 -17.86 13.51
C ILE E 250 -11.91 -18.31 12.84
N THR E 251 -11.92 -19.54 12.35
CA THR E 251 -13.11 -20.17 11.76
C THR E 251 -13.25 -21.60 12.27
N SER E 252 -14.45 -21.91 12.76
CA SER E 252 -14.78 -23.24 13.25
C SER E 252 -15.38 -24.06 12.11
N VAL E 253 -14.64 -25.07 11.67
CA VAL E 253 -15.11 -26.04 10.66
C VAL E 253 -15.30 -27.39 11.35
N GLY E 254 -16.31 -28.14 10.90
CA GLY E 254 -16.59 -29.47 11.44
C GLY E 254 -17.42 -30.35 10.53
N VAL E 255 -16.92 -31.56 10.26
CA VAL E 255 -17.65 -32.56 9.46
C VAL E 255 -18.64 -33.29 10.35
N VAL E 256 -19.86 -33.46 9.86
CA VAL E 256 -20.90 -34.25 10.52
C VAL E 256 -21.24 -35.42 9.58
N THR E 257 -21.45 -36.60 10.15
CA THR E 257 -21.68 -37.82 9.37
C THR E 257 -22.30 -38.95 10.19
N GLN E 258 -22.63 -40.04 9.51
CA GLN E 258 -23.04 -41.29 10.17
C GLN E 258 -21.84 -41.91 10.86
N LYS E 259 -22.09 -42.54 12.01
CA LYS E 259 -21.06 -43.30 12.72
C LYS E 259 -20.62 -44.53 11.93
N GLN E 260 -21.51 -45.07 11.11
CA GLN E 260 -21.20 -46.16 10.18
C GLN E 260 -20.12 -45.79 9.16
N ASN E 261 -20.13 -44.54 8.68
CA ASN E 261 -19.09 -44.07 7.77
C ASN E 261 -17.69 -44.04 8.39
N TYR E 262 -17.60 -43.59 9.64
CA TYR E 262 -16.31 -43.46 10.35
C TYR E 262 -15.66 -44.81 10.68
N THR E 263 -16.39 -45.66 11.40
CA THR E 263 -15.87 -46.95 11.84
C THR E 263 -15.52 -47.90 10.68
N ASN E 264 -16.28 -47.82 9.58
CA ASN E 264 -16.00 -48.59 8.36
C ASN E 264 -14.77 -48.09 7.60
N SER E 265 -14.49 -46.79 7.70
CA SER E 265 -13.35 -46.15 7.05
C SER E 265 -11.99 -46.72 7.48
N ASP E 266 -11.92 -47.16 8.73
CA ASP E 266 -10.67 -47.66 9.35
C ASP E 266 -9.60 -46.56 9.37
N LEU E 267 -10.02 -45.37 9.79
CA LEU E 267 -9.15 -44.20 9.94
C LEU E 267 -9.31 -43.62 11.34
N THR E 268 -8.30 -42.88 11.78
CA THR E 268 -8.40 -42.09 13.01
C THR E 268 -9.25 -40.83 12.73
N TYR E 269 -9.53 -40.05 13.78
CA TYR E 269 -10.39 -38.86 13.66
C TYR E 269 -9.81 -37.81 12.72
N GLU E 270 -8.55 -37.47 12.95
CA GLU E 270 -7.81 -36.52 12.10
C GLU E 270 -7.87 -36.91 10.61
N GLU E 271 -7.63 -38.18 10.33
CA GLU E 271 -7.59 -38.69 8.94
C GLU E 271 -8.95 -38.68 8.23
N PHE E 272 -10.01 -39.06 8.95
CA PHE E 272 -11.37 -39.11 8.38
C PHE E 272 -11.83 -37.71 7.97
N PHE E 273 -11.63 -36.74 8.87
CA PHE E 273 -11.87 -35.32 8.59
C PHE E 273 -11.26 -34.91 7.26
N TRP E 274 -9.95 -35.11 7.10
CA TRP E 274 -9.24 -34.72 5.88
C TRP E 274 -9.67 -35.53 4.65
N GLU E 275 -9.98 -36.81 4.82
CA GLU E 275 -10.46 -37.66 3.71
C GLU E 275 -11.86 -37.25 3.24
N ALA E 276 -12.76 -37.02 4.19
CA ALA E 276 -14.11 -36.53 3.89
C ALA E 276 -14.08 -35.15 3.25
N VAL E 277 -13.37 -34.23 3.91
CA VAL E 277 -13.18 -32.85 3.40
C VAL E 277 -12.52 -32.79 2.01
N LYS E 278 -11.65 -33.75 1.70
CA LYS E 278 -10.96 -33.80 0.40
C LYS E 278 -11.90 -33.91 -0.82
N THR E 279 -13.11 -34.42 -0.60
CA THR E 279 -14.14 -34.52 -1.66
C THR E 279 -14.63 -33.17 -2.22
N ARG E 280 -14.20 -32.06 -1.60
CA ARG E 280 -14.30 -30.73 -2.18
C ARG E 280 -12.96 -29.99 -2.02
N GLU E 281 -12.23 -29.85 -3.12
CA GLU E 281 -10.85 -29.33 -3.12
C GLU E 281 -10.69 -27.90 -2.61
N ASN E 282 -11.68 -27.04 -2.84
CA ASN E 282 -11.62 -25.64 -2.39
C ASN E 282 -11.64 -25.51 -0.87
N LEU E 283 -12.61 -26.18 -0.25
CA LEU E 283 -12.69 -26.29 1.21
C LEU E 283 -11.45 -26.98 1.79
N HIS E 284 -11.01 -28.07 1.15
CA HIS E 284 -9.82 -28.81 1.56
C HIS E 284 -8.57 -27.93 1.58
N ASP E 285 -8.31 -27.28 0.45
CA ASP E 285 -7.11 -26.44 0.28
C ASP E 285 -7.13 -25.13 1.06
N ALA E 286 -8.33 -24.64 1.39
CA ALA E 286 -8.48 -23.51 2.31
C ALA E 286 -8.07 -23.91 3.72
N LEU E 287 -8.57 -25.07 4.16
CA LEU E 287 -8.19 -25.68 5.43
C LEU E 287 -6.71 -26.09 5.48
N LYS E 288 -6.19 -26.53 4.34
CA LYS E 288 -4.77 -26.92 4.22
C LYS E 288 -3.83 -25.73 4.45
N ALA E 289 -4.19 -24.58 3.90
CA ALA E 289 -3.41 -23.33 4.08
C ALA E 289 -3.54 -22.70 5.47
N SER E 290 -4.69 -22.89 6.12
CA SER E 290 -4.94 -22.35 7.46
C SER E 290 -4.20 -23.12 8.55
N GLU E 291 -4.23 -22.58 9.76
CA GLU E 291 -3.59 -23.16 10.93
C GLU E 291 -4.61 -23.70 11.91
N GLN E 292 -4.53 -25.00 12.19
CA GLN E 292 -5.27 -25.60 13.30
C GLN E 292 -4.80 -25.01 14.64
N VAL E 293 -5.68 -24.27 15.30
CA VAL E 293 -5.37 -23.71 16.63
C VAL E 293 -5.63 -24.69 17.77
N ARG E 294 -6.49 -25.67 17.52
CA ARG E 294 -6.78 -26.75 18.45
C ARG E 294 -6.53 -28.10 17.80
N PRO E 295 -6.47 -29.18 18.60
CA PRO E 295 -6.65 -30.52 18.04
C PRO E 295 -8.12 -30.74 17.69
N PHE E 296 -8.43 -31.88 17.10
CA PHE E 296 -9.80 -32.20 16.76
C PHE E 296 -10.58 -32.64 17.99
N LYS E 297 -11.90 -32.60 17.86
CA LYS E 297 -12.83 -32.99 18.91
C LYS E 297 -13.86 -33.93 18.33
N LYS E 298 -14.23 -34.95 19.08
CA LYS E 298 -15.32 -35.84 18.73
C LYS E 298 -16.58 -35.41 19.46
N GLU E 299 -17.68 -35.28 18.73
CA GLU E 299 -19.02 -35.20 19.33
C GLU E 299 -19.83 -36.39 18.81
N ALA E 300 -20.39 -37.16 19.74
CA ALA E 300 -21.11 -38.41 19.42
C ALA E 300 -22.22 -38.72 20.42
N ASP E 301 -23.09 -39.65 20.04
CA ASP E 301 -24.22 -40.12 20.86
C ASP E 301 -25.06 -38.97 21.46
N TYR E 302 -25.24 -37.93 20.66
CA TYR E 302 -25.94 -36.70 21.10
C TYR E 302 -27.42 -36.67 20.69
N SER E 303 -27.86 -37.66 19.91
CA SER E 303 -29.27 -37.79 19.56
C SER E 303 -29.98 -38.61 20.62
N TYR E 304 -30.94 -37.97 21.31
CA TYR E 304 -31.71 -38.61 22.37
C TYR E 304 -32.94 -37.78 22.71
N GLY E 305 -34.01 -38.46 23.12
CA GLY E 305 -35.18 -37.81 23.72
C GLY E 305 -35.18 -38.02 25.22
N MET E 306 -36.24 -37.56 25.86
CA MET E 306 -36.43 -37.69 27.31
C MET E 306 -37.91 -37.94 27.58
N LYS E 307 -38.20 -39.01 28.32
CA LYS E 307 -39.59 -39.48 28.55
C LYS E 307 -40.46 -38.44 29.24
N GLU E 308 -39.90 -37.80 30.27
CA GLU E 308 -40.54 -36.70 30.97
C GLU E 308 -39.62 -35.48 30.92
N VAL E 309 -40.17 -34.32 30.60
CA VAL E 309 -39.42 -33.03 30.64
C VAL E 309 -39.78 -32.17 31.86
N CYS E 310 -40.68 -32.68 32.69
CA CYS E 310 -41.12 -31.98 33.90
C CYS E 310 -41.65 -32.97 34.92
N GLY E 311 -41.73 -32.52 36.16
CA GLY E 311 -42.27 -33.35 37.23
C GLY E 311 -42.44 -32.60 38.53
N ASP E 312 -42.74 -33.35 39.58
CA ASP E 312 -42.88 -32.79 40.91
C ASP E 312 -41.53 -32.28 41.39
N SER E 313 -41.42 -30.95 41.48
CA SER E 313 -40.22 -30.25 41.94
C SER E 313 -39.02 -30.34 40.99
N PHE E 314 -39.28 -30.58 39.70
CA PHE E 314 -38.21 -30.52 38.69
C PHE E 314 -38.72 -30.17 37.32
N VAL E 315 -37.81 -29.67 36.49
CA VAL E 315 -38.07 -29.42 35.08
C VAL E 315 -36.74 -29.43 34.31
N LEU E 316 -36.75 -30.06 33.14
CA LEU E 316 -35.56 -30.18 32.30
C LEU E 316 -35.62 -29.17 31.17
N ILE E 317 -34.50 -28.49 30.93
CA ILE E 317 -34.36 -27.54 29.81
C ILE E 317 -33.08 -27.78 29.03
N GLY E 318 -33.02 -27.17 27.85
CA GLY E 318 -31.84 -27.23 26.99
C GLY E 318 -31.49 -28.64 26.56
N ASP E 319 -30.19 -28.92 26.48
CA ASP E 319 -29.72 -30.25 26.07
C ASP E 319 -30.05 -31.37 27.07
N ALA E 320 -30.17 -31.05 28.35
CA ALA E 320 -30.56 -32.04 29.35
C ALA E 320 -31.94 -32.62 29.03
N ALA E 321 -32.85 -31.76 28.56
CA ALA E 321 -34.18 -32.19 28.10
C ALA E 321 -34.15 -32.97 26.79
N ARG E 322 -33.37 -32.50 25.83
CA ARG E 322 -33.38 -33.06 24.48
C ARG E 322 -32.32 -32.42 23.59
N PHE E 323 -31.71 -33.24 22.73
CA PHE E 323 -30.98 -32.75 21.57
C PHE E 323 -31.12 -33.73 20.41
N VAL E 324 -31.26 -33.19 19.20
CA VAL E 324 -31.45 -34.00 18.00
C VAL E 324 -30.17 -33.98 17.16
N ASP E 325 -29.89 -32.85 16.51
CA ASP E 325 -28.85 -32.77 15.49
C ASP E 325 -28.54 -31.31 15.14
N PRO E 326 -27.25 -30.99 14.88
CA PRO E 326 -26.85 -29.59 14.81
C PRO E 326 -26.85 -28.96 13.41
N ILE E 327 -27.81 -29.32 12.57
CA ILE E 327 -27.78 -28.87 11.16
C ILE E 327 -28.23 -27.42 11.12
N PHE E 328 -29.41 -27.19 11.70
CA PHE E 328 -30.03 -25.87 11.69
C PHE E 328 -29.62 -24.96 12.84
N SER E 329 -28.59 -25.36 13.59
CA SER E 329 -27.81 -24.48 14.47
C SER E 329 -28.71 -23.89 15.57
N SER E 330 -29.56 -24.77 16.12
CA SER E 330 -30.74 -24.36 16.89
C SER E 330 -30.68 -24.65 18.39
N GLY E 331 -29.72 -25.48 18.82
CA GLY E 331 -29.72 -26.01 20.18
C GLY E 331 -29.55 -25.01 21.29
N VAL E 332 -28.74 -23.97 21.05
CA VAL E 332 -28.63 -22.82 21.95
C VAL E 332 -29.96 -22.07 21.97
N SER E 333 -30.50 -21.78 20.78
CA SER E 333 -31.81 -21.13 20.65
C SER E 333 -32.87 -21.89 21.46
N VAL E 334 -32.85 -23.21 21.37
CA VAL E 334 -33.73 -24.08 22.16
C VAL E 334 -33.41 -23.95 23.65
N ALA E 335 -32.13 -23.90 24.00
CA ALA E 335 -31.70 -23.68 25.39
C ALA E 335 -32.21 -22.34 25.94
N LEU E 336 -32.09 -21.28 25.13
CA LEU E 336 -32.55 -19.94 25.53
C LEU E 336 -34.07 -19.85 25.66
N ASN E 337 -34.77 -20.38 24.67
CA ASN E 337 -36.22 -20.31 24.64
C ASN E 337 -36.91 -21.31 25.57
N SER E 338 -36.35 -22.51 25.72
CA SER E 338 -36.86 -23.49 26.70
C SER E 338 -36.69 -22.99 28.15
N ALA E 339 -35.64 -22.19 28.38
CA ALA E 339 -35.44 -21.54 29.67
C ALA E 339 -36.53 -20.50 29.95
N ARG E 340 -36.75 -19.63 28.97
CA ARG E 340 -37.78 -18.59 29.02
C ARG E 340 -39.17 -19.15 29.37
N ILE E 341 -39.55 -20.23 28.70
CA ILE E 341 -40.90 -20.81 28.83
C ILE E 341 -41.06 -21.47 30.19
N ALA E 342 -40.09 -22.31 30.55
CA ALA E 342 -40.06 -22.99 31.84
C ALA E 342 -40.07 -22.01 33.02
N SER E 343 -39.27 -20.96 32.91
CA SER E 343 -39.24 -19.87 33.92
C SER E 343 -40.62 -19.26 34.15
N GLY E 344 -41.40 -19.09 33.08
CA GLY E 344 -42.79 -18.63 33.19
C GLY E 344 -43.58 -19.43 34.21
N ASP E 345 -43.56 -20.76 34.05
CA ASP E 345 -44.21 -21.67 34.99
C ASP E 345 -43.58 -21.67 36.39
N ILE E 346 -42.24 -21.63 36.44
CA ILE E 346 -41.49 -21.62 37.72
C ILE E 346 -41.76 -20.37 38.54
N ILE E 347 -41.74 -19.20 37.87
CA ILE E 347 -42.02 -17.90 38.50
C ILE E 347 -43.40 -17.87 39.17
N GLU E 348 -44.38 -18.53 38.55
CA GLU E 348 -45.72 -18.62 39.14
C GLU E 348 -45.87 -19.81 40.10
N ALA E 349 -45.06 -20.85 39.91
CA ALA E 349 -45.02 -21.97 40.85
C ALA E 349 -44.57 -21.53 42.25
N VAL E 350 -43.53 -20.71 42.33
CA VAL E 350 -43.07 -20.15 43.62
C VAL E 350 -44.09 -19.22 44.26
N LYS E 351 -44.79 -18.45 43.43
CA LYS E 351 -45.87 -17.56 43.88
C LYS E 351 -47.01 -18.37 44.51
N ASN E 352 -47.51 -19.35 43.76
CA ASN E 352 -48.53 -20.28 44.24
C ASN E 352 -48.05 -21.18 45.37
N ASN E 353 -46.75 -21.46 45.40
CA ASN E 353 -46.10 -22.37 46.34
C ASN E 353 -46.46 -23.83 46.06
N ASP E 354 -46.81 -24.12 44.80
CA ASP E 354 -47.10 -25.46 44.30
C ASP E 354 -46.11 -25.80 43.19
N PHE E 355 -45.35 -26.87 43.39
CA PHE E 355 -44.31 -27.30 42.44
C PHE E 355 -44.56 -28.71 41.92
N SER E 356 -45.82 -29.03 41.61
CA SER E 356 -46.17 -30.34 41.04
C SER E 356 -46.10 -30.29 39.51
N LYS E 357 -46.20 -31.46 38.88
CA LYS E 357 -46.33 -31.59 37.41
C LYS E 357 -47.27 -30.54 36.82
N SER E 358 -48.43 -30.41 37.46
CA SER E 358 -49.48 -29.43 37.15
C SER E 358 -48.99 -27.99 36.98
N SER E 359 -48.12 -27.56 37.88
CA SER E 359 -47.53 -26.21 37.82
C SER E 359 -46.65 -25.96 36.59
N PHE E 360 -46.05 -27.03 36.05
CA PHE E 360 -45.23 -26.98 34.82
C PHE E 360 -45.90 -27.61 33.60
N THR E 361 -47.24 -27.56 33.57
CA THR E 361 -48.02 -28.13 32.47
C THR E 361 -47.82 -27.41 31.14
N HIS E 362 -47.76 -26.08 31.19
CA HIS E 362 -47.61 -25.23 30.00
C HIS E 362 -46.27 -25.43 29.29
N TYR E 363 -45.19 -25.53 30.08
CA TYR E 363 -43.85 -25.75 29.53
C TYR E 363 -43.74 -27.06 28.75
N GLU E 364 -44.30 -28.14 29.32
CA GLU E 364 -44.32 -29.46 28.68
C GLU E 364 -44.96 -29.41 27.29
N GLY E 365 -46.15 -28.82 27.22
CA GLY E 365 -46.86 -28.62 25.95
C GLY E 365 -46.12 -27.76 24.95
N MET E 366 -45.55 -26.65 25.42
CA MET E 366 -44.78 -25.74 24.58
C MET E 366 -43.50 -26.35 24.03
N ILE E 367 -42.70 -26.96 24.91
CA ILE E 367 -41.41 -27.53 24.50
C ILE E 367 -41.58 -28.74 23.58
N ARG E 368 -42.51 -29.64 23.90
CA ARG E 368 -42.72 -30.86 23.10
C ARG E 368 -43.20 -30.55 21.68
N ASN E 369 -44.00 -29.50 21.54
CA ASN E 369 -44.36 -28.99 20.21
C ASN E 369 -43.11 -28.47 19.50
N GLY E 370 -42.33 -27.65 20.21
CA GLY E 370 -41.05 -27.15 19.72
C GLY E 370 -40.12 -28.25 19.24
N ILE E 371 -39.81 -29.18 20.13
CA ILE E 371 -38.96 -30.33 19.81
C ILE E 371 -39.50 -31.09 18.59
N LYS E 372 -40.79 -31.38 18.58
CA LYS E 372 -41.42 -32.18 17.51
C LYS E 372 -41.31 -31.55 16.13
N ASN E 373 -41.54 -30.23 16.03
CA ASN E 373 -41.36 -29.50 14.76
C ASN E 373 -39.88 -29.50 14.34
N TRP E 374 -39.04 -29.10 15.28
CA TRP E 374 -37.59 -29.12 15.12
C TRP E 374 -37.07 -30.50 14.68
N TYR E 375 -37.58 -31.53 15.36
CA TYR E 375 -37.27 -32.93 15.08
C TYR E 375 -37.72 -33.38 13.68
N GLU E 376 -38.98 -33.09 13.34
CA GLU E 376 -39.53 -33.39 12.00
C GLU E 376 -38.74 -32.71 10.87
N PHE E 377 -38.37 -31.45 11.10
CA PHE E 377 -37.61 -30.66 10.13
C PHE E 377 -36.21 -31.25 9.88
N ILE E 378 -35.59 -31.77 10.94
CA ILE E 378 -34.29 -32.45 10.84
C ILE E 378 -34.37 -33.77 10.08
N THR E 379 -35.39 -34.58 10.37
CA THR E 379 -35.60 -35.85 9.65
C THR E 379 -35.83 -35.65 8.15
N LEU E 380 -36.52 -34.56 7.81
CA LEU E 380 -36.80 -34.21 6.41
C LEU E 380 -35.55 -33.78 5.63
N TYR E 381 -34.65 -33.02 6.27
CA TYR E 381 -33.37 -32.61 5.66
C TYR E 381 -32.53 -33.80 5.20
N TYR E 382 -32.36 -34.77 6.09
CA TYR E 382 -31.57 -35.98 5.80
C TYR E 382 -32.22 -36.88 4.75
N ARG E 383 -33.55 -36.95 4.78
CA ARG E 383 -34.30 -37.65 3.75
C ARG E 383 -34.14 -36.97 2.37
N LEU E 384 -34.01 -35.65 2.37
CA LEU E 384 -33.79 -34.85 1.15
C LEU E 384 -32.34 -34.77 0.68
N ASN E 385 -31.41 -34.53 1.61
CA ASN E 385 -29.99 -34.25 1.31
C ASN E 385 -29.87 -32.94 0.49
N ILE E 386 -29.11 -32.92 -0.62
CA ILE E 386 -28.98 -31.71 -1.46
C ILE E 386 -30.31 -31.17 -2.03
N LEU E 387 -31.31 -32.05 -2.15
CA LEU E 387 -32.66 -31.65 -2.60
C LEU E 387 -33.35 -30.65 -1.67
N PHE E 388 -32.95 -30.64 -0.39
CA PHE E 388 -33.38 -29.63 0.59
C PHE E 388 -33.28 -28.20 0.07
N THR E 389 -32.23 -27.91 -0.70
CA THR E 389 -32.02 -26.57 -1.28
C THR E 389 -33.13 -26.10 -2.24
N ALA E 390 -33.90 -27.03 -2.81
CA ALA E 390 -35.07 -26.70 -3.61
C ALA E 390 -36.19 -26.04 -2.79
N PHE E 391 -36.43 -26.53 -1.58
CA PHE E 391 -37.39 -25.91 -0.65
C PHE E 391 -36.92 -24.55 -0.13
N VAL E 392 -35.60 -24.36 -0.06
CA VAL E 392 -35.01 -23.08 0.34
C VAL E 392 -35.17 -22.06 -0.78
N GLN E 393 -34.69 -22.43 -1.98
CA GLN E 393 -34.67 -21.52 -3.13
C GLN E 393 -36.04 -21.17 -3.72
N ASP E 394 -36.99 -22.09 -3.61
CA ASP E 394 -38.34 -21.90 -4.18
C ASP E 394 -39.17 -20.94 -3.31
N PRO E 395 -39.65 -19.81 -3.87
CA PRO E 395 -40.45 -18.82 -3.12
C PRO E 395 -41.65 -19.36 -2.33
N ARG E 396 -42.36 -20.34 -2.88
CA ARG E 396 -43.57 -20.88 -2.25
C ARG E 396 -43.33 -21.48 -0.85
N TYR E 397 -42.17 -22.09 -0.66
CA TYR E 397 -41.77 -22.67 0.64
C TYR E 397 -40.70 -21.86 1.40
N ARG E 398 -39.95 -21.02 0.67
CA ARG E 398 -38.77 -20.31 1.21
C ARG E 398 -39.00 -19.66 2.57
N LEU E 399 -39.95 -18.75 2.63
CA LEU E 399 -40.24 -18.00 3.86
C LEU E 399 -40.82 -18.87 4.95
N ASP E 400 -41.58 -19.89 4.57
CA ASP E 400 -42.08 -20.89 5.53
C ASP E 400 -40.95 -21.77 6.09
N ILE E 401 -39.96 -22.11 5.24
CA ILE E 401 -38.75 -22.82 5.66
C ILE E 401 -37.87 -21.95 6.58
N LEU E 402 -37.77 -20.66 6.25
CA LEU E 402 -36.96 -19.71 7.04
C LEU E 402 -37.44 -19.57 8.48
N GLN E 403 -38.74 -19.71 8.70
CA GLN E 403 -39.33 -19.75 10.04
C GLN E 403 -38.66 -20.82 10.93
N LEU E 404 -38.48 -22.01 10.37
CA LEU E 404 -37.83 -23.13 11.07
C LEU E 404 -36.33 -22.93 11.25
N LEU E 405 -35.67 -22.40 10.22
CA LEU E 405 -34.28 -21.94 10.31
C LEU E 405 -34.09 -20.85 11.38
N GLN E 406 -35.05 -19.93 11.45
CA GLN E 406 -35.06 -18.85 12.45
C GLN E 406 -35.34 -19.28 13.89
N GLY E 407 -35.86 -20.50 14.08
CA GLY E 407 -36.21 -20.99 15.41
C GLY E 407 -37.57 -20.52 15.91
N ASP E 408 -38.48 -20.19 14.99
CA ASP E 408 -39.90 -19.95 15.31
C ASP E 408 -40.61 -21.30 15.35
N VAL E 409 -40.42 -22.01 16.45
CA VAL E 409 -40.84 -23.41 16.57
C VAL E 409 -42.03 -23.60 17.52
N TYR E 410 -42.49 -22.50 18.13
CA TYR E 410 -43.48 -22.56 19.22
C TYR E 410 -44.79 -21.93 18.78
N LEU E 415 -47.74 -25.61 11.04
CA LEU E 415 -46.81 -25.24 9.98
C LEU E 415 -46.94 -26.16 8.77
N GLU E 416 -47.36 -25.61 7.64
CA GLU E 416 -47.68 -26.40 6.44
C GLU E 416 -46.47 -27.07 5.79
N VAL E 417 -45.37 -26.34 5.67
CA VAL E 417 -44.13 -26.85 4.99
C VAL E 417 -43.77 -28.29 5.34
N LEU E 418 -43.84 -28.64 6.62
CA LEU E 418 -43.44 -29.97 7.11
C LEU E 418 -44.20 -31.12 6.43
N ASP E 419 -45.51 -30.93 6.26
CA ASP E 419 -46.34 -31.89 5.53
C ASP E 419 -46.18 -31.75 4.01
N LYS E 420 -45.97 -30.52 3.53
CA LYS E 420 -45.67 -30.26 2.12
C LYS E 420 -44.31 -30.82 1.68
N MET E 421 -43.38 -30.89 2.63
CA MET E 421 -42.10 -31.59 2.45
C MET E 421 -42.35 -33.09 2.38
N ARG E 422 -43.16 -33.59 3.32
CA ARG E 422 -43.49 -35.02 3.44
C ARG E 422 -44.18 -35.62 2.21
N GLU E 423 -44.97 -34.82 1.51
CA GLU E 423 -45.66 -35.26 0.30
C GLU E 423 -44.72 -35.44 -0.88
N ILE E 424 -43.84 -34.46 -1.06
CA ILE E 424 -42.80 -34.53 -2.11
C ILE E 424 -41.73 -35.60 -1.79
N ILE E 425 -41.56 -35.93 -0.51
CA ILE E 425 -40.79 -37.13 -0.11
C ILE E 425 -41.49 -38.40 -0.61
N ALA E 426 -42.79 -38.51 -0.32
CA ALA E 426 -43.60 -39.68 -0.69
C ALA E 426 -43.79 -39.87 -2.21
N ALA E 427 -43.85 -38.77 -2.95
CA ALA E 427 -43.99 -38.81 -4.42
C ALA E 427 -42.74 -39.37 -5.11
N VAL E 428 -41.57 -38.98 -4.62
CA VAL E 428 -40.27 -39.46 -5.15
C VAL E 428 -39.99 -40.89 -4.69
N GLU E 429 -40.20 -41.14 -3.40
CA GLU E 429 -40.07 -42.47 -2.75
C GLU E 429 -40.52 -43.65 -3.62
N SER E 430 -41.81 -43.63 -3.97
CA SER E 430 -42.51 -44.79 -4.51
C SER E 430 -42.01 -45.25 -5.87
N ASP E 431 -41.82 -44.29 -6.77
CA ASP E 431 -41.32 -44.59 -8.12
C ASP E 431 -39.79 -44.36 -8.14
N PRO E 432 -38.99 -45.45 -8.14
CA PRO E 432 -37.53 -45.27 -8.21
C PRO E 432 -37.04 -44.76 -9.57
N GLU E 433 -37.91 -44.81 -10.60
CA GLU E 433 -37.71 -44.09 -11.86
C GLU E 433 -37.51 -42.58 -11.67
N HIS E 434 -38.20 -42.00 -10.67
CA HIS E 434 -38.10 -40.56 -10.35
C HIS E 434 -36.64 -40.09 -10.38
N LEU E 435 -36.42 -38.93 -10.97
CA LEU E 435 -35.09 -38.43 -11.34
C LEU E 435 -34.30 -38.01 -10.10
N TRP E 436 -35.02 -37.34 -9.20
CA TRP E 436 -34.57 -36.98 -7.85
C TRP E 436 -34.15 -38.13 -6.90
N HIS E 437 -34.41 -39.39 -7.28
CA HIS E 437 -34.34 -40.51 -6.33
C HIS E 437 -32.96 -40.83 -5.72
N LYS E 438 -31.94 -40.97 -6.56
CA LYS E 438 -30.58 -41.35 -6.07
C LYS E 438 -29.87 -40.25 -5.24
N TYR E 439 -30.43 -39.05 -5.23
CA TYR E 439 -29.95 -37.94 -4.39
C TYR E 439 -30.52 -37.94 -2.96
N LEU E 440 -31.50 -38.80 -2.67
CA LEU E 440 -32.13 -38.89 -1.34
C LEU E 440 -31.21 -39.55 -0.30
N GLY E 441 -31.61 -39.47 0.96
CA GLY E 441 -30.91 -40.10 2.09
C GLY E 441 -31.86 -40.66 3.12
PA FAD F . 28.67 48.89 -1.48
O1A FAD F . 29.26 49.48 -0.22
O2A FAD F . 29.40 47.76 -2.17
O5B FAD F . 28.46 50.05 -2.56
C5B FAD F . 27.93 51.32 -2.17
C4B FAD F . 28.40 52.39 -3.13
O4B FAD F . 27.60 53.56 -2.98
C3B FAD F . 29.85 52.81 -2.89
O3B FAD F . 30.57 52.77 -4.12
C2B FAD F . 29.75 54.24 -2.36
O2B FAD F . 30.84 55.08 -2.75
C1B FAD F . 28.46 54.71 -2.98
N9A FAD F . 27.82 55.84 -2.26
C8A FAD F . 27.65 55.94 -0.93
N7A FAD F . 27.03 57.10 -0.62
C5A FAD F . 26.79 57.75 -1.78
C6A FAD F . 26.15 59.02 -2.16
N6A FAD F . 25.65 59.84 -1.21
N1A FAD F . 26.10 59.34 -3.48
C2A FAD F . 26.61 58.53 -4.43
N3A FAD F . 27.20 57.35 -4.15
C4A FAD F . 27.31 56.91 -2.87
N1 FAD F . 30.39 40.10 1.14
C2 FAD F . 30.65 38.99 0.43
O2 FAD F . 29.87 38.68 -0.49
N3 FAD F . 31.73 38.21 0.67
C4 FAD F . 32.62 38.50 1.65
O4 FAD F . 33.60 37.75 1.85
C4X FAD F . 32.39 39.71 2.48
N5 FAD F . 33.22 40.08 3.47
C5X FAD F . 32.98 41.21 4.20
C6 FAD F . 33.87 41.55 5.23
C7 FAD F . 33.66 42.69 6.00
C7M FAD F . 34.65 43.00 7.09
C8 FAD F . 32.48 43.56 5.75
C8M FAD F . 32.20 44.80 6.55
C9 FAD F . 31.60 43.22 4.73
C9A FAD F . 31.79 42.07 3.94
N10 FAD F . 30.90 41.70 2.88
C10 FAD F . 31.18 40.52 2.15
C1' FAD F . 29.69 42.46 2.53
C2' FAD F . 29.84 43.26 1.23
O2' FAD F . 31.03 44.06 1.27
C3' FAD F . 28.64 44.16 1.02
O3' FAD F . 27.44 43.47 1.40
C4' FAD F . 28.53 44.66 -0.41
O4' FAD F . 29.63 45.53 -0.71
C5' FAD F . 27.22 45.41 -0.65
O5' FAD F . 27.20 46.06 -1.92
P FAD F . 26.36 47.40 -2.09
O1P FAD F . 25.02 47.13 -1.46
O2P FAD F . 26.44 47.93 -3.50
O3P FAD F . 27.16 48.41 -1.13
CL CL G . 47.28 25.64 12.88
CL CL H . 28.45 38.73 3.97
PA FAD I . -1.94 4.01 -18.00
O1A FAD I . -0.86 5.05 -17.81
O2A FAD I . -1.59 2.55 -18.02
O5B FAD I . -2.65 4.33 -19.39
C5B FAD I . -3.38 5.53 -19.57
C4B FAD I . -3.65 5.66 -21.06
O4B FAD I . -4.53 6.75 -21.28
C3B FAD I . -2.38 5.94 -21.83
O3B FAD I . -2.24 4.97 -22.88
C2B FAD I . -2.54 7.34 -22.38
O2B FAD I . -2.02 7.43 -23.72
C1B FAD I . -4.03 7.58 -22.32
N9A FAD I . -4.42 8.98 -22.05
C8A FAD I . -3.97 9.77 -21.05
N7A FAD I . -4.55 11.00 -21.14
C5A FAD I . -5.39 10.99 -22.19
C6A FAD I . -6.30 11.96 -22.85
N6A FAD I . -6.43 13.20 -22.35
N1A FAD I . -6.99 11.54 -23.94
C2A FAD I . -6.86 10.29 -24.44
N3A FAD I . -6.03 9.37 -23.89
C4A FAD I . -5.29 9.66 -22.79
N1 FAD I . 2.85 -1.22 -11.87
C2 FAD I . 2.98 -2.56 -11.69
O2 FAD I . 1.93 -3.25 -11.67
N3 FAD I . 4.18 -3.16 -11.53
C4 FAD I . 5.34 -2.47 -11.54
O4 FAD I . 6.43 -3.05 -11.38
C4X FAD I . 5.28 -1.00 -11.71
N5 FAD I . 6.39 -0.23 -11.74
C5X FAD I . 6.31 1.11 -11.94
C6 FAD I . 7.49 1.85 -11.95
C7 FAD I . 7.47 3.24 -12.12
C7M FAD I . 8.77 4.00 -12.12
C8 FAD I . 6.16 3.92 -12.30
C8M FAD I . 6.05 5.41 -12.50
C9 FAD I . 4.98 3.18 -12.28
C9A FAD I . 4.98 1.79 -12.11
N10 FAD I . 3.80 0.99 -12.10
C10 FAD I . 3.93 -0.40 -11.89
C1' FAD I . 2.45 1.54 -12.23
C2' FAD I . 1.79 1.29 -13.59
O2' FAD I . 2.64 1.75 -14.64
C3' FAD I . 0.42 2.01 -13.67
O3' FAD I . -0.24 1.90 -12.40
C4' FAD I . -0.44 1.43 -14.79
O4' FAD I . -0.03 2.06 -16.02
C5' FAD I . -1.95 1.60 -14.64
O5' FAD I . -2.33 2.88 -15.12
P FAD I . -3.69 3.17 -15.91
O1P FAD I . -4.62 3.90 -14.98
O2P FAD I . -4.21 1.97 -16.64
O3P FAD I . -3.15 4.27 -16.96
CL CL J . 2.89 -0.13 -8.37
CL CL K . 25.98 -7.38 -5.27
PA FAD L . -6.38 -3.97 -47.30
O1A FAD L . -7.74 -4.58 -47.44
O2A FAD L . -5.23 -4.86 -46.90
O5B FAD L . -6.49 -2.76 -46.25
C5B FAD L . -7.52 -1.79 -46.37
C4B FAD L . -7.76 -1.17 -45.00
O4B FAD L . -8.47 0.06 -45.13
C3B FAD L . -8.60 -2.05 -44.08
O3B FAD L . -7.93 -2.15 -42.81
C2B FAD L . -9.93 -1.36 -43.95
O2B FAD L . -10.55 -1.55 -42.67
C1B FAD L . -9.55 0.09 -44.20
N9A FAD L . -10.61 0.97 -44.76
C8A FAD L . -11.30 0.73 -45.88
N7A FAD L . -12.16 1.76 -46.12
C5A FAD L . -12.01 2.66 -45.14
C6A FAD L . -12.61 3.97 -44.78
N6A FAD L . -13.56 4.52 -45.56
N1A FAD L . -12.15 4.60 -43.67
C2A FAD L . -11.19 4.07 -42.89
N3A FAD L . -10.61 2.87 -43.15
C4A FAD L . -10.97 2.14 -44.25
N1 FAD L . -2.26 -11.34 -51.28
C2 FAD L . -1.07 -11.94 -51.07
O2 FAD L . -0.02 -11.25 -51.10
N3 FAD L . -0.96 -13.26 -50.85
C4 FAD L . -2.02 -14.08 -50.81
O4 FAD L . -1.86 -15.31 -50.60
C4X FAD L . -3.37 -13.50 -51.04
N5 FAD L . -4.50 -14.25 -51.01
C5X FAD L . -5.72 -13.69 -51.20
C6 FAD L . -6.85 -14.50 -51.18
C7 FAD L . -8.13 -13.97 -51.37
C7M FAD L . -9.32 -14.89 -51.34
C8 FAD L . -8.28 -12.51 -51.63
C8M FAD L . -9.63 -11.87 -51.85
C9 FAD L . -7.15 -11.70 -51.66
C9A FAD L . -5.86 -12.21 -51.46
N10 FAD L . -4.67 -11.40 -51.47
C10 FAD L . -3.43 -12.04 -51.27
C1' FAD L . -4.68 -9.96 -51.72
C2' FAD L . -4.47 -9.09 -50.48
O2' FAD L . -5.35 -9.51 -49.43
C3' FAD L . -4.75 -7.64 -50.82
O3' FAD L . -4.25 -7.33 -52.13
C4' FAD L . -4.14 -6.66 -49.82
O4' FAD L . -4.70 -6.89 -48.53
C5' FAD L . -4.41 -5.21 -50.23
O5' FAD L . -3.86 -4.30 -49.29
P FAD L . -4.52 -2.84 -49.08
O1P FAD L . -4.57 -2.14 -50.43
O2P FAD L . -3.85 -2.17 -47.90
O3P FAD L . -6.02 -3.21 -48.67
CL CL M . -4.02 -36.02 -52.43
CL CL N . -2.73 -11.67 -54.84
PA FAD O . -5.90 -9.68 44.47
O1A FAD O . -6.61 -8.54 45.16
O2A FAD O . -5.46 -9.49 43.04
O5B FAD O . -6.90 -10.94 44.45
C5B FAD O . -7.41 -11.45 45.66
C4B FAD O . -8.60 -12.36 45.36
O4B FAD O . -8.92 -13.12 46.52
C3B FAD O . -9.85 -11.58 44.95
O3B FAD O . -10.34 -12.08 43.71
C2B FAD O . -10.84 -11.84 46.07
O2B FAD O . -12.17 -11.94 45.56
C1B FAD O . -10.34 -13.14 46.69
N9A FAD O . -10.66 -13.33 48.13
C8A FAD O . -10.41 -12.46 49.13
N7A FAD O . -10.85 -12.96 50.32
C5A FAD O . -11.37 -14.18 50.07
C6A FAD O . -12.01 -15.26 50.87
N6A FAD O . -12.16 -15.13 52.20
N1A FAD O . -12.42 -16.37 50.22
C2A FAD O . -12.27 -16.53 48.89
N3A FAD O . -11.70 -15.58 48.11
C4A FAD O . -11.24 -14.41 48.63
N1 FAD O . -0.30 -3.39 40.58
C2 FAD O . 0.37 -3.34 39.40
O2 FAD O . 1.07 -4.32 39.08
N3 FAD O . 0.28 -2.27 38.58
C4 FAD O . -0.46 -1.19 38.85
O4 FAD O . -0.51 -0.22 38.05
C4X FAD O . -1.21 -1.16 40.13
N5 FAD O . -1.98 -0.11 40.49
C5X FAD O . -2.68 -0.12 41.67
C6 FAD O . -3.45 0.98 42.01
C7 FAD O . -4.15 1.03 43.21
C7M FAD O . -4.98 2.24 43.52
C8 FAD O . -4.08 -0.14 44.15
C8M FAD O . -4.82 -0.18 45.46
C9 FAD O . -3.30 -1.24 43.81
C9A FAD O . -2.58 -1.29 42.61
N10 FAD O . -1.78 -2.42 42.24
C10 FAD O . -1.08 -2.36 41.00
C1' FAD O . -1.61 -3.60 43.08
C2' FAD O . -2.42 -4.80 42.66
O2' FAD O . -3.81 -4.43 42.58
C3' FAD O . -2.27 -5.92 43.68
O3' FAD O . -0.92 -5.98 44.19
C4' FAD O . -2.64 -7.29 43.10
O4' FAD O . -4.00 -7.25 42.65
C5' FAD O . -2.47 -8.37 44.17
O5' FAD O . -2.85 -9.64 43.69
P FAD O . -3.33 -10.77 44.74
O1P FAD O . -2.30 -10.84 45.85
O2P FAD O . -3.72 -12.02 43.97
O3P FAD O . -4.67 -10.15 45.37
CL CL P . -0.56 20.21 31.55
CL CL Q . 2.06 -1.82 42.73
PA FAD R . -24.45 -26.77 27.78
O1A FAD R . -23.67 -27.97 27.33
O2A FAD R . -24.26 -25.45 27.07
O5B FAD R . -24.12 -26.51 29.34
C5B FAD R . -24.39 -27.49 30.32
C4B FAD R . -23.56 -27.13 31.54
O4B FAD R . -23.99 -27.87 32.69
C3B FAD R . -22.09 -27.45 31.31
O3B FAD R . -21.33 -26.25 31.45
C2B FAD R . -21.74 -28.47 32.37
O2B FAD R . -20.45 -28.24 32.93
C1B FAD R . -22.84 -28.32 33.41
N9A FAD R . -23.17 -29.57 34.14
C8A FAD R . -23.48 -30.76 33.59
N7A FAD R . -23.74 -31.69 34.54
C5A FAD R . -23.59 -31.09 35.74
C6A FAD R . -23.72 -31.49 37.15
N6A FAD R . -24.06 -32.76 37.47
N1A FAD R . -23.50 -30.56 38.11
C2A FAD R . -23.16 -29.29 37.80
N3A FAD R . -23.03 -28.85 36.53
C4A FAD R . -23.23 -29.68 35.47
N1 FAD R . -26.12 -25.16 18.85
C2 FAD R . -26.20 -23.99 18.16
O2 FAD R . -26.98 -23.10 18.58
N3 FAD R . -25.49 -23.75 17.05
C4 FAD R . -24.63 -24.65 16.54
O4 FAD R . -23.98 -24.38 15.51
C4X FAD R . -24.49 -25.96 17.21
N5 FAD R . -23.64 -26.92 16.76
C5X FAD R . -23.51 -28.10 17.42
C6 FAD R . -22.64 -29.04 16.90
C7 FAD R . -22.47 -30.28 17.51
C7M FAD R . -21.51 -31.25 16.88
C8 FAD R . -23.25 -30.59 18.75
C8M FAD R . -23.13 -31.90 19.48
C9 FAD R . -24.14 -29.65 19.27
C9A FAD R . -24.31 -28.40 18.66
N10 FAD R . -25.19 -27.39 19.15
C10 FAD R . -25.29 -26.17 18.44
C1' FAD R . -26.03 -27.57 20.35
C2' FAD R . -25.50 -26.81 21.57
O2' FAD R . -24.14 -27.19 21.82
C3' FAD R . -26.36 -27.13 22.78
O3' FAD R . -27.73 -27.27 22.42
C4' FAD R . -26.26 -26.07 23.86
O4' FAD R . -24.89 -25.93 24.24
C5' FAD R . -27.10 -26.51 25.06
O5' FAD R . -27.00 -25.58 26.14
P FAD R . -27.21 -26.11 27.64
O1P FAD R . -28.50 -26.91 27.69
O2P FAD R . -26.98 -24.97 28.62
O3P FAD R . -26.01 -27.18 27.83
CL CL S . -15.77 -27.31 -4.12
#